data_9BOP
#
_entry.id   9BOP
#
_cell.length_a   1.00
_cell.length_b   1.00
_cell.length_c   1.00
_cell.angle_alpha   90.00
_cell.angle_beta   90.00
_cell.angle_gamma   90.00
#
_symmetry.space_group_name_H-M   'P 1'
#
loop_
_entity.id
_entity.type
_entity.pdbx_description
1 polymer '11883 heavy chain'
2 polymer '11883 light chain'
3 polymer '11886 heavy chain'
4 polymer '11886 light chain'
5 polymer 'Virion spike glycoprotein GP1'
6 polymer 'Virion spike glycoprotein GP2'
7 branched alpha-D-mannopyranose-(1-3)-[alpha-D-mannopyranose-(1-6)]beta-D-mannopyranose-(1-4)-2-acetamido-2-deoxy-beta-D-glucopyranose-(1-4)-2-acetamido-2-deoxy-beta-D-glucopyranose
8 non-polymer 2-acetamido-2-deoxy-beta-D-glucopyranose
#
loop_
_entity_poly.entity_id
_entity_poly.type
_entity_poly.pdbx_seq_one_letter_code
_entity_poly.pdbx_strand_id
1 'polypeptide(L)'
;SFEATMETGLRWLLLVAVLKGVQCQEQLVESGGGLVQPEGSLTLTCTASGFSFSSNCWRCWVRQAPGKGLEWIACVCAGR
SGGTTYYASWAKGRFTISKTSSPTVTLQMTSLTAADTATYFCARAGYDDYGDASFFNLWGPGTLVTVS
;
A,C,E
2 'polypeptide(L)'
;SFEATMNMRAPTQLLGLLLLWLPGARCAVVLTQTASPVSTPVGGTVTIKCQASQNIYSNLAWYQQKPGQPPKLLIYSAST
LASGVPSRFKGSGSGTEYTLTISDLECADAATYYCQRYYYLSGSADNTFGGGTEVVVKRT
;
B,D,F
3 'polypeptide(L)'
;RSFEATMETGLRWLLLVAVLKGVQCQSVEESGGRLVTPGTPLTLTCIVSGFSLSNYYMSWVRQVPGKGLEWIGVIGWSGT
SSYASWAKGRFTISKTASTTVDLKITSPTTEDTATYFCARVLYIGGGFNYYDAFDPWGPGTLVTVS
;
M,O
4 'polypeptide(L)'
;RSFEATMNMRAPTQLLGLLLLWLPGARCDVVMTQTPASVSEPVGGTVTIKCQASQSIGSNLAWYQQKPGQPPKLLIYAAS
TLASGVPSRFKGSGSGTEFTLTISDLECADAATYYCQCTYYDSSYVYNNFGGGTEVVVKRT
;
N,P
5 'polypeptide(L)'
;RSIPLGVIHNSTLQVSDVDKLVCRDKLSSTNQLRSVGLNLEGNGVATDVPSATKRWGFRSGVPPKVVNYEAGEWAENCYN
LEIKKPDGSECLPAAPDGIRGFPRCRYVHKVSGTGPCAGDFAFHKEGAFFLYDRLASTVIYRGTTFAEGVVAFLILPQAK
KDFFSSHPLREPVNATEDPSSGYYSTTIRYQATGFGTNETEYLFEVDNLTYVQLESRFTPQFLLQLNETIYTSGKRSNTT
GKLIWKVNPEIDTTIGEWAFWETKKNLTRKIRSEELSFT
;
S,T,U
6 'polypeptide(L)'
;AIVNAQPKCNPNLHYWTTQDEGAAIGLAWIPYFGPAAEGIYTEGLMHNQDGLICGLRQLANETTQALQLFLRATTELRTF
SILNRKAIDFLLQRWGGTCHILGPDCCIEPHDWTKNITDKIDQIIHDFVDKTLPD
;
V,W,X
#
# COMPACT_ATOMS: atom_id res chain seq x y z
N GLN A 25 35.68 10.66 -38.95
CA GLN A 25 34.35 11.08 -38.55
C GLN A 25 34.21 11.01 -37.03
N GLU A 26 34.00 9.82 -36.50
CA GLU A 26 33.92 9.59 -35.05
C GLU A 26 34.79 8.37 -34.74
N GLN A 27 36.00 8.62 -34.25
CA GLN A 27 36.94 7.55 -34.00
C GLN A 27 37.59 7.74 -32.63
N LEU A 28 38.02 6.63 -32.04
CA LEU A 28 38.72 6.59 -30.77
C LEU A 28 40.02 5.81 -30.93
N VAL A 29 40.80 6.16 -31.96
CA VAL A 29 42.02 5.42 -32.27
C VAL A 29 42.97 5.47 -31.07
N GLU A 30 43.64 4.35 -30.84
CA GLU A 30 44.57 4.20 -29.73
C GLU A 30 45.93 3.77 -30.25
N SER A 31 46.98 4.11 -29.50
CA SER A 31 48.34 3.82 -29.89
C SER A 31 49.06 3.12 -28.75
N GLY A 32 50.12 2.38 -29.10
CA GLY A 32 50.91 1.66 -28.13
C GLY A 32 50.56 0.18 -28.13
N GLY A 33 51.27 -0.54 -27.26
CA GLY A 33 51.08 -1.97 -27.12
C GLY A 33 52.08 -2.77 -27.93
N GLY A 34 52.23 -4.04 -27.55
CA GLY A 34 53.17 -4.92 -28.22
C GLY A 34 53.65 -6.05 -27.33
N LEU A 35 54.96 -6.24 -27.25
CA LEU A 35 55.55 -7.29 -26.43
C LEU A 35 56.36 -6.65 -25.31
N VAL A 36 56.09 -7.08 -24.08
CA VAL A 36 56.80 -6.61 -22.90
C VAL A 36 57.10 -7.80 -22.00
N GLN A 37 58.30 -7.82 -21.44
CA GLN A 37 58.69 -8.89 -20.55
C GLN A 37 57.88 -8.83 -19.25
N PRO A 38 57.74 -9.95 -18.55
CA PRO A 38 56.94 -9.96 -17.33
C PRO A 38 57.48 -9.00 -16.28
N GLU A 39 56.57 -8.51 -15.43
CA GLU A 39 56.88 -7.53 -14.38
C GLU A 39 57.44 -6.24 -14.98
N GLY A 40 56.85 -5.79 -16.09
CA GLY A 40 57.21 -4.56 -16.73
C GLY A 40 56.15 -3.48 -16.57
N SER A 41 56.28 -2.44 -17.39
CA SER A 41 55.32 -1.34 -17.37
C SER A 41 55.04 -0.90 -18.80
N LEU A 42 53.86 -0.33 -19.01
CA LEU A 42 53.45 0.11 -20.33
C LEU A 42 52.37 1.17 -20.22
N THR A 43 52.42 2.16 -21.10
CA THR A 43 51.44 3.23 -21.14
C THR A 43 50.71 3.21 -22.48
N LEU A 44 49.38 3.27 -22.42
CA LEU A 44 48.53 3.29 -23.60
C LEU A 44 47.84 4.63 -23.72
N THR A 45 47.69 5.10 -24.96
CA THR A 45 47.11 6.41 -25.24
C THR A 45 45.87 6.24 -26.10
N CYS A 46 44.80 6.96 -25.74
CA CYS A 46 43.56 6.98 -26.51
C CYS A 46 43.35 8.39 -27.04
N THR A 47 43.14 8.49 -28.36
CA THR A 47 42.91 9.76 -29.04
C THR A 47 41.51 9.77 -29.62
N ALA A 48 40.76 10.83 -29.32
CA ALA A 48 39.39 10.98 -29.78
C ALA A 48 39.24 12.27 -30.57
N SER A 49 38.46 12.21 -31.65
CA SER A 49 38.23 13.38 -32.48
C SER A 49 36.91 13.19 -33.23
N GLY A 50 36.29 14.32 -33.57
CA GLY A 50 35.07 14.31 -34.36
C GLY A 50 33.77 14.44 -33.59
N PHE A 51 33.83 14.69 -32.28
CA PHE A 51 32.63 14.89 -31.48
C PHE A 51 32.94 15.85 -30.35
N SER A 52 31.88 16.44 -29.79
CA SER A 52 32.03 17.39 -28.71
C SER A 52 32.64 16.74 -27.47
N PHE A 53 33.88 17.12 -27.15
CA PHE A 53 34.56 16.52 -26.01
C PHE A 53 33.95 16.95 -24.69
N SER A 54 33.56 18.23 -24.58
CA SER A 54 32.98 18.71 -23.35
C SER A 54 31.66 18.02 -23.03
N SER A 55 30.82 17.82 -24.05
CA SER A 55 29.53 17.17 -23.84
C SER A 55 29.71 15.70 -23.48
N ASN A 56 30.32 14.93 -24.36
CA ASN A 56 30.61 13.52 -24.12
C ASN A 56 32.00 13.44 -23.51
N CYS A 57 32.06 13.27 -22.18
CA CYS A 57 33.32 13.39 -21.45
C CYS A 57 33.82 12.08 -20.85
N TRP A 58 32.97 11.07 -20.71
CA TRP A 58 33.36 9.85 -20.03
C TRP A 58 34.07 8.90 -21.00
N ARG A 59 35.25 8.43 -20.60
CA ARG A 59 36.05 7.52 -21.41
C ARG A 59 36.46 6.33 -20.54
N CYS A 60 36.37 5.13 -21.11
CA CYS A 60 36.60 3.91 -20.34
C CYS A 60 37.54 2.99 -21.10
N TRP A 61 38.20 2.11 -20.36
CA TRP A 61 39.06 1.09 -20.91
C TRP A 61 38.50 -0.30 -20.62
N VAL A 62 38.39 -1.12 -21.65
CA VAL A 62 37.83 -2.47 -21.54
C VAL A 62 38.82 -3.46 -22.09
N ARG A 63 39.09 -4.53 -21.34
CA ARG A 63 40.06 -5.54 -21.74
C ARG A 63 39.37 -6.86 -22.04
N GLN A 64 39.75 -7.47 -23.17
CA GLN A 64 39.24 -8.78 -23.58
C GLN A 64 40.41 -9.74 -23.70
N ALA A 65 40.38 -10.82 -22.93
CA ALA A 65 41.39 -11.86 -23.07
C ALA A 65 41.15 -12.64 -24.36
N PRO A 66 42.20 -13.26 -24.92
CA PRO A 66 42.03 -14.05 -26.14
C PRO A 66 40.98 -15.14 -25.99
N GLY A 67 39.95 -15.09 -26.84
CA GLY A 67 38.89 -16.08 -26.79
C GLY A 67 38.06 -16.07 -25.54
N LYS A 68 37.95 -14.92 -24.87
CA LYS A 68 37.19 -14.82 -23.63
C LYS A 68 36.22 -13.64 -23.66
N GLY A 69 35.55 -13.40 -22.54
CA GLY A 69 34.66 -12.26 -22.44
C GLY A 69 35.38 -10.98 -22.09
N LEU A 70 34.65 -9.88 -22.16
CA LEU A 70 35.22 -8.57 -21.89
C LEU A 70 35.31 -8.33 -20.38
N GLU A 71 36.09 -7.31 -20.01
CA GLU A 71 36.30 -6.99 -18.60
C GLU A 71 36.62 -5.52 -18.47
N TRP A 72 35.78 -4.79 -17.74
CA TRP A 72 35.98 -3.37 -17.51
C TRP A 72 37.22 -3.14 -16.66
N ILE A 73 37.89 -2.01 -16.89
CA ILE A 73 39.09 -1.65 -16.13
C ILE A 73 38.86 -0.36 -15.37
N ALA A 74 38.64 0.74 -16.08
CA ALA A 74 38.52 2.03 -15.45
C ALA A 74 37.76 2.99 -16.35
N CYS A 75 37.24 4.05 -15.72
CA CYS A 75 36.54 5.11 -16.42
C CYS A 75 36.94 6.45 -15.82
N VAL A 76 36.95 7.48 -16.67
CA VAL A 76 37.36 8.81 -16.25
C VAL A 76 36.48 9.84 -16.95
N CYS A 77 36.27 10.98 -16.29
CA CYS A 77 35.53 12.11 -16.84
C CYS A 77 36.56 13.11 -17.37
N ALA A 78 36.97 12.92 -18.61
CA ALA A 78 37.98 13.76 -19.25
C ALA A 78 37.29 14.77 -20.16
N GLY A 79 37.66 16.04 -20.00
CA GLY A 79 37.07 17.12 -20.78
C GLY A 79 36.26 18.11 -19.96
N ARG A 80 36.16 17.93 -18.64
CA ARG A 80 35.42 18.84 -17.78
C ARG A 80 36.07 18.85 -16.41
N SER A 81 36.13 20.04 -15.80
CA SER A 81 36.76 20.17 -14.49
C SER A 81 36.01 19.34 -13.45
N GLY A 82 36.78 18.74 -12.54
CA GLY A 82 36.21 17.90 -11.50
C GLY A 82 36.11 16.46 -11.96
N GLY A 83 34.93 15.87 -11.79
CA GLY A 83 34.70 14.49 -12.18
C GLY A 83 35.30 13.52 -11.19
N THR A 84 35.17 12.24 -11.53
CA THR A 84 35.67 11.16 -10.69
C THR A 84 36.29 10.09 -11.57
N THR A 85 37.26 9.38 -11.02
CA THR A 85 37.92 8.26 -11.69
C THR A 85 37.43 6.97 -11.03
N TYR A 86 36.75 6.14 -11.80
CA TYR A 86 36.19 4.90 -11.29
C TYR A 86 37.09 3.73 -11.69
N TYR A 87 37.48 2.93 -10.70
CA TYR A 87 38.33 1.77 -10.92
C TYR A 87 37.60 0.49 -10.55
N ALA A 88 38.07 -0.61 -11.11
CA ALA A 88 37.51 -1.93 -10.82
C ALA A 88 38.27 -2.57 -9.66
N SER A 89 37.57 -3.46 -8.94
CA SER A 89 38.17 -4.09 -7.77
C SER A 89 39.38 -4.94 -8.16
N TRP A 90 39.28 -5.69 -9.26
CA TRP A 90 40.38 -6.55 -9.67
C TRP A 90 41.62 -5.76 -10.05
N ALA A 91 41.45 -4.51 -10.50
CA ALA A 91 42.54 -3.67 -10.96
C ALA A 91 42.63 -2.44 -10.06
N LYS A 92 43.37 -2.57 -8.96
CA LYS A 92 43.58 -1.46 -8.02
C LYS A 92 45.07 -1.33 -7.72
N GLY A 93 45.58 -0.11 -7.79
CA GLY A 93 46.98 0.13 -7.53
C GLY A 93 47.86 -0.24 -8.70
N ARG A 94 47.49 -1.31 -9.40
CA ARG A 94 48.24 -1.79 -10.56
C ARG A 94 48.00 -0.94 -11.81
N PHE A 95 46.78 -0.45 -12.00
CA PHE A 95 46.42 0.37 -13.15
C PHE A 95 46.16 1.80 -12.71
N THR A 96 46.46 2.75 -13.59
CA THR A 96 46.19 4.15 -13.28
C THR A 96 45.75 4.86 -14.56
N ILE A 97 44.77 5.75 -14.45
CA ILE A 97 44.33 6.56 -15.57
C ILE A 97 44.71 8.00 -15.29
N SER A 98 44.99 8.75 -16.35
CA SER A 98 45.45 10.12 -16.23
C SER A 98 44.40 11.06 -16.80
N LYS A 99 43.97 12.03 -15.99
CA LYS A 99 43.04 13.07 -16.43
C LYS A 99 43.84 14.12 -17.18
N THR A 100 43.90 13.98 -18.49
CA THR A 100 44.61 14.94 -19.33
C THR A 100 43.64 16.01 -19.82
N SER A 101 44.12 17.26 -19.83
CA SER A 101 43.29 18.36 -20.33
C SER A 101 42.91 18.14 -21.79
N SER A 102 43.85 17.65 -22.59
CA SER A 102 43.55 17.30 -23.97
C SER A 102 42.62 16.10 -24.01
N PRO A 103 41.88 15.91 -25.11
CA PRO A 103 40.98 14.76 -25.21
C PRO A 103 41.69 13.42 -25.07
N THR A 104 42.95 13.33 -25.48
CA THR A 104 43.69 12.08 -25.33
C THR A 104 43.81 11.69 -23.85
N VAL A 105 43.61 10.42 -23.56
CA VAL A 105 43.65 9.91 -22.20
C VAL A 105 44.65 8.76 -22.13
N THR A 106 45.48 8.76 -21.09
CA THR A 106 46.54 7.78 -20.95
C THR A 106 46.28 6.85 -19.78
N LEU A 107 46.71 5.60 -19.95
CA LEU A 107 46.56 4.54 -18.95
C LEU A 107 47.92 3.93 -18.71
N GLN A 108 48.40 4.00 -17.46
CA GLN A 108 49.68 3.42 -17.08
C GLN A 108 49.45 2.10 -16.36
N MET A 109 50.23 1.08 -16.76
CA MET A 109 50.11 -0.27 -16.23
C MET A 109 51.47 -0.71 -15.73
N THR A 110 51.52 -1.25 -14.52
CA THR A 110 52.76 -1.69 -13.89
C THR A 110 52.62 -3.13 -13.43
N SER A 111 53.76 -3.79 -13.26
CA SER A 111 53.82 -5.16 -12.74
C SER A 111 53.06 -6.12 -13.65
N LEU A 112 53.37 -6.06 -14.94
CA LEU A 112 52.65 -6.85 -15.93
C LEU A 112 52.97 -8.34 -15.75
N THR A 113 51.98 -9.08 -15.26
CA THR A 113 52.08 -10.53 -15.15
C THR A 113 51.68 -11.17 -16.48
N ALA A 114 52.01 -12.45 -16.63
CA ALA A 114 51.73 -13.14 -17.88
C ALA A 114 50.23 -13.25 -18.17
N ALA A 115 49.37 -13.00 -17.18
CA ALA A 115 47.93 -13.18 -17.37
C ALA A 115 47.26 -12.00 -18.06
N ASP A 116 47.98 -10.91 -18.30
CA ASP A 116 47.37 -9.74 -18.92
C ASP A 116 47.47 -9.70 -20.43
N THR A 117 48.07 -10.72 -21.05
CA THR A 117 48.14 -10.78 -22.51
C THR A 117 46.73 -10.80 -23.08
N ALA A 118 46.31 -9.70 -23.70
CA ALA A 118 44.91 -9.52 -24.09
C ALA A 118 44.85 -8.37 -25.08
N THR A 119 43.63 -7.92 -25.37
CA THR A 119 43.36 -6.79 -26.23
C THR A 119 42.66 -5.71 -25.42
N TYR A 120 43.04 -4.45 -25.65
CA TYR A 120 42.52 -3.32 -24.90
C TYR A 120 41.78 -2.38 -25.82
N PHE A 121 40.59 -1.95 -25.40
CA PHE A 121 39.73 -1.04 -26.15
C PHE A 121 39.50 0.23 -25.34
N CYS A 122 39.47 1.35 -26.04
CA CYS A 122 39.08 2.64 -25.48
C CYS A 122 37.68 2.96 -25.99
N ALA A 123 36.74 3.17 -25.08
CA ALA A 123 35.35 3.30 -25.43
C ALA A 123 34.75 4.55 -24.79
N ARG A 124 33.64 5.01 -25.36
CA ARG A 124 32.93 6.18 -24.89
C ARG A 124 31.57 5.76 -24.35
N ALA A 125 31.25 6.20 -23.13
CA ALA A 125 30.01 5.82 -22.48
C ALA A 125 28.82 6.55 -23.09
N GLY A 126 27.68 5.86 -23.15
CA GLY A 126 26.47 6.42 -23.69
C GLY A 126 25.66 7.18 -22.66
N TYR A 127 24.43 7.51 -23.03
CA TYR A 127 23.54 8.28 -22.18
C TYR A 127 22.10 7.81 -22.38
N ASP A 128 21.22 8.29 -21.51
CA ASP A 128 19.82 7.91 -21.49
C ASP A 128 18.99 9.15 -21.13
N ASP A 129 17.69 8.95 -20.99
CA ASP A 129 16.82 10.04 -20.52
C ASP A 129 17.19 10.48 -19.11
N TYR A 130 17.52 9.52 -18.24
CA TYR A 130 17.86 9.81 -16.86
C TYR A 130 19.31 10.23 -16.67
N GLY A 131 20.12 10.21 -17.73
CA GLY A 131 21.50 10.62 -17.66
C GLY A 131 22.38 9.66 -18.43
N ASP A 132 23.68 9.75 -18.16
CA ASP A 132 24.67 8.91 -18.82
C ASP A 132 24.96 7.67 -17.99
N ALA A 133 25.23 6.55 -18.67
CA ALA A 133 25.40 5.26 -18.02
C ALA A 133 26.68 4.60 -18.53
N SER A 134 26.89 3.35 -18.10
CA SER A 134 28.12 2.65 -18.40
C SER A 134 28.12 1.93 -19.74
N PHE A 135 26.97 1.81 -20.40
CA PHE A 135 26.94 1.13 -21.68
C PHE A 135 27.59 2.00 -22.76
N PHE A 136 28.47 1.40 -23.55
CA PHE A 136 29.29 2.13 -24.50
C PHE A 136 28.68 2.06 -25.89
N ASN A 137 28.91 3.11 -26.68
CA ASN A 137 28.33 3.20 -28.02
C ASN A 137 29.38 3.48 -29.08
N LEU A 138 30.56 3.95 -28.66
CA LEU A 138 31.66 4.19 -29.59
C LEU A 138 32.89 3.45 -29.07
N TRP A 139 33.37 2.49 -29.85
CA TRP A 139 34.51 1.66 -29.50
C TRP A 139 35.70 1.95 -30.40
N GLY A 140 36.89 1.60 -29.93
CA GLY A 140 38.09 1.73 -30.71
C GLY A 140 38.50 0.40 -31.32
N PRO A 141 39.41 0.44 -32.29
CA PRO A 141 39.87 -0.81 -32.93
C PRO A 141 40.52 -1.78 -31.96
N GLY A 142 41.14 -1.29 -30.89
CA GLY A 142 41.75 -2.16 -29.90
C GLY A 142 43.20 -2.49 -30.19
N THR A 143 44.06 -2.35 -29.20
CA THR A 143 45.47 -2.71 -29.33
C THR A 143 45.72 -4.03 -28.63
N LEU A 144 46.83 -4.67 -28.99
CA LEU A 144 47.20 -5.97 -28.45
C LEU A 144 48.39 -5.82 -27.51
N VAL A 145 48.27 -6.36 -26.31
CA VAL A 145 49.34 -6.33 -25.32
C VAL A 145 49.71 -7.77 -24.97
N THR A 146 50.99 -8.10 -25.11
CA THR A 146 51.50 -9.44 -24.85
C THR A 146 52.56 -9.37 -23.76
N VAL A 147 52.45 -10.25 -22.78
CA VAL A 147 53.41 -10.29 -21.68
C VAL A 147 54.24 -11.57 -21.74
N VAL B 29 26.84 -9.90 -9.18
CA VAL B 29 25.81 -10.28 -10.13
C VAL B 29 26.39 -11.23 -11.17
N VAL B 30 25.66 -12.29 -11.47
CA VAL B 30 26.08 -13.30 -12.44
C VAL B 30 25.09 -13.29 -13.60
N LEU B 31 25.60 -13.11 -14.81
CA LEU B 31 24.77 -13.10 -16.02
C LEU B 31 24.97 -14.43 -16.74
N THR B 32 23.90 -15.18 -16.88
CA THR B 32 23.92 -16.46 -17.58
C THR B 32 23.16 -16.33 -18.89
N GLN B 33 23.85 -16.57 -20.00
CA GLN B 33 23.26 -16.44 -21.32
C GLN B 33 22.69 -17.80 -21.77
N THR B 34 22.31 -17.89 -23.04
CA THR B 34 21.86 -19.16 -23.58
C THR B 34 22.98 -20.20 -23.55
N ALA B 35 24.22 -19.76 -23.83
CA ALA B 35 25.41 -20.61 -23.75
C ALA B 35 25.27 -21.84 -24.65
N SER B 36 25.07 -21.58 -25.93
CA SER B 36 24.92 -22.65 -26.91
C SER B 36 25.23 -22.13 -28.31
N PRO B 37 25.97 -22.89 -29.11
CA PRO B 37 26.18 -22.50 -30.51
C PRO B 37 24.92 -22.66 -31.33
N VAL B 38 24.00 -21.70 -31.21
CA VAL B 38 22.68 -21.82 -31.81
C VAL B 38 22.82 -21.82 -33.33
N SER B 39 22.16 -22.78 -33.98
CA SER B 39 22.15 -22.87 -35.43
C SER B 39 20.72 -22.65 -35.92
N THR B 40 20.57 -21.78 -36.92
CA THR B 40 19.26 -21.44 -37.44
C THR B 40 19.39 -21.23 -38.95
N PRO B 41 18.50 -21.82 -39.75
CA PRO B 41 18.54 -21.58 -41.20
C PRO B 41 18.21 -20.13 -41.52
N VAL B 42 18.76 -19.65 -42.64
CA VAL B 42 18.55 -18.28 -43.06
C VAL B 42 17.06 -18.04 -43.27
N GLY B 43 16.54 -16.99 -42.62
CA GLY B 43 15.13 -16.67 -42.67
C GLY B 43 14.37 -16.95 -41.40
N GLY B 44 14.97 -17.65 -40.44
CA GLY B 44 14.31 -17.95 -39.18
C GLY B 44 14.38 -16.80 -38.20
N THR B 45 13.88 -17.06 -37.00
CA THR B 45 13.87 -16.09 -35.91
C THR B 45 14.58 -16.71 -34.71
N VAL B 46 15.80 -16.24 -34.44
CA VAL B 46 16.59 -16.77 -33.34
C VAL B 46 16.33 -15.94 -32.10
N THR B 47 16.39 -16.58 -30.93
CA THR B 47 16.16 -15.91 -29.66
C THR B 47 17.27 -16.28 -28.68
N ILE B 48 17.83 -15.29 -28.00
CA ILE B 48 18.87 -15.50 -27.00
C ILE B 48 18.35 -14.95 -25.67
N LYS B 49 18.42 -15.78 -24.64
CA LYS B 49 17.94 -15.42 -23.31
C LYS B 49 19.12 -15.20 -22.39
N CYS B 50 19.09 -14.09 -21.64
CA CYS B 50 20.16 -13.71 -20.72
C CYS B 50 19.56 -13.55 -19.34
N GLN B 51 19.66 -14.59 -18.52
CA GLN B 51 19.14 -14.56 -17.16
C GLN B 51 20.16 -13.96 -16.20
N ALA B 52 19.66 -13.30 -15.17
CA ALA B 52 20.49 -12.67 -14.15
C ALA B 52 20.35 -13.41 -12.83
N SER B 53 21.12 -12.96 -11.84
CA SER B 53 21.08 -13.54 -10.51
C SER B 53 20.18 -12.78 -9.53
N GLN B 54 19.71 -11.60 -9.92
CA GLN B 54 18.83 -10.81 -9.08
C GLN B 54 18.11 -9.79 -9.97
N ASN B 55 17.16 -9.09 -9.38
CA ASN B 55 16.45 -8.05 -10.11
C ASN B 55 17.40 -6.91 -10.45
N ILE B 56 17.37 -6.45 -11.70
CA ILE B 56 18.29 -5.43 -12.19
C ILE B 56 17.57 -4.23 -12.76
N TYR B 57 16.23 -4.22 -12.71
CA TYR B 57 15.42 -3.07 -13.09
C TYR B 57 15.66 -2.65 -14.55
N SER B 58 15.84 -3.63 -15.42
CA SER B 58 15.92 -3.42 -16.87
C SER B 58 17.05 -2.45 -17.22
N ASN B 59 18.27 -2.90 -16.95
CA ASN B 59 19.48 -2.12 -17.21
C ASN B 59 20.45 -2.94 -18.06
N LEU B 60 19.94 -3.56 -19.12
CA LEU B 60 20.77 -4.38 -19.98
C LEU B 60 21.06 -3.68 -21.30
N ALA B 61 22.17 -4.11 -21.92
CA ALA B 61 22.55 -3.70 -23.26
C ALA B 61 23.04 -4.93 -24.01
N TRP B 62 22.88 -4.90 -25.32
CA TRP B 62 23.23 -6.03 -26.18
C TRP B 62 24.30 -5.60 -27.18
N TYR B 63 25.34 -6.41 -27.29
CA TYR B 63 26.46 -6.13 -28.20
C TYR B 63 26.64 -7.30 -29.16
N GLN B 64 26.88 -6.96 -30.43
CA GLN B 64 27.22 -7.92 -31.47
C GLN B 64 28.67 -7.75 -31.84
N GLN B 65 29.47 -8.78 -31.60
CA GLN B 65 30.91 -8.75 -31.87
C GLN B 65 31.22 -9.76 -32.96
N LYS B 66 31.59 -9.25 -34.14
CA LYS B 66 32.12 -10.09 -35.19
C LYS B 66 33.59 -10.43 -34.88
N PRO B 67 34.10 -11.53 -35.40
CA PRO B 67 35.49 -11.91 -35.11
C PRO B 67 36.48 -10.86 -35.63
N GLY B 68 37.19 -10.24 -34.69
CA GLY B 68 38.20 -9.26 -35.03
C GLY B 68 37.78 -7.83 -34.82
N GLN B 69 36.53 -7.50 -35.18
CA GLN B 69 36.04 -6.15 -35.01
C GLN B 69 35.63 -5.90 -33.55
N PRO B 70 35.67 -4.65 -33.10
CA PRO B 70 35.19 -4.34 -31.75
C PRO B 70 33.69 -4.49 -31.67
N PRO B 71 33.15 -4.73 -30.47
CA PRO B 71 31.70 -4.88 -30.31
C PRO B 71 30.96 -3.62 -30.71
N LYS B 72 29.66 -3.78 -30.93
CA LYS B 72 28.80 -2.67 -31.33
C LYS B 72 27.50 -2.73 -30.53
N LEU B 73 27.11 -1.58 -29.98
CA LEU B 73 25.88 -1.52 -29.21
C LEU B 73 24.67 -1.71 -30.13
N LEU B 74 23.73 -2.56 -29.70
CA LEU B 74 22.52 -2.82 -30.46
C LEU B 74 21.28 -2.30 -29.76
N ILE B 75 21.06 -2.71 -28.52
CA ILE B 75 19.87 -2.32 -27.76
C ILE B 75 20.32 -1.93 -26.36
N TYR B 76 19.90 -0.76 -25.90
CA TYR B 76 20.17 -0.31 -24.55
C TYR B 76 18.86 -0.08 -23.81
N SER B 77 18.94 -0.16 -22.48
CA SER B 77 17.78 -0.11 -21.58
C SER B 77 16.80 -1.25 -21.84
N ALA B 78 17.28 -2.31 -22.50
CA ALA B 78 16.59 -3.58 -22.70
C ALA B 78 15.43 -3.47 -23.68
N SER B 79 15.08 -2.26 -24.10
CA SER B 79 14.06 -2.10 -25.13
C SER B 79 14.40 -1.09 -26.21
N THR B 80 15.23 -0.08 -25.94
CA THR B 80 15.46 0.98 -26.90
C THR B 80 16.51 0.56 -27.92
N LEU B 81 16.26 0.92 -29.18
CA LEU B 81 17.12 0.55 -30.29
C LEU B 81 18.20 1.61 -30.49
N ALA B 82 19.44 1.18 -30.60
CA ALA B 82 20.55 2.11 -30.81
C ALA B 82 20.47 2.73 -32.20
N SER B 83 21.07 3.91 -32.34
CA SER B 83 21.03 4.63 -33.59
C SER B 83 21.78 3.87 -34.68
N GLY B 84 21.20 3.87 -35.88
CA GLY B 84 21.84 3.20 -37.01
C GLY B 84 21.76 1.70 -36.98
N VAL B 85 20.82 1.13 -36.25
CA VAL B 85 20.65 -0.31 -36.15
C VAL B 85 19.30 -0.67 -36.77
N PRO B 86 19.24 -1.68 -37.65
CA PRO B 86 17.96 -2.05 -38.25
C PRO B 86 16.96 -2.50 -37.21
N SER B 87 15.67 -2.24 -37.50
CA SER B 87 14.58 -2.61 -36.61
C SER B 87 14.36 -4.11 -36.58
N ARG B 88 15.23 -4.85 -37.27
CA ARG B 88 15.12 -6.31 -37.30
C ARG B 88 15.34 -6.92 -35.92
N PHE B 89 16.24 -6.35 -35.12
CA PHE B 89 16.49 -6.81 -33.77
C PHE B 89 15.42 -6.27 -32.84
N LYS B 90 15.07 -7.05 -31.82
CA LYS B 90 14.07 -6.61 -30.84
C LYS B 90 14.41 -7.19 -29.47
N GLY B 91 14.49 -6.31 -28.47
CA GLY B 91 14.77 -6.74 -27.12
C GLY B 91 13.55 -6.60 -26.24
N SER B 92 13.44 -7.50 -25.28
CA SER B 92 12.30 -7.50 -24.37
C SER B 92 12.72 -8.17 -23.07
N GLY B 93 11.84 -8.12 -22.07
CA GLY B 93 12.08 -8.73 -20.78
C GLY B 93 12.04 -7.72 -19.66
N SER B 94 12.14 -8.25 -18.44
CA SER B 94 12.09 -7.45 -17.23
C SER B 94 12.54 -8.31 -16.06
N GLY B 95 12.57 -7.70 -14.88
CA GLY B 95 12.91 -8.40 -13.67
C GLY B 95 14.29 -9.02 -13.72
N THR B 96 14.32 -10.36 -13.84
CA THR B 96 15.58 -11.10 -13.93
C THR B 96 15.73 -11.84 -15.25
N GLU B 97 14.80 -11.69 -16.19
CA GLU B 97 14.85 -12.42 -17.44
C GLU B 97 14.67 -11.48 -18.61
N TYR B 98 15.57 -11.57 -19.58
CA TYR B 98 15.56 -10.69 -20.75
C TYR B 98 15.95 -11.50 -21.98
N THR B 99 15.33 -11.17 -23.11
CA THR B 99 15.57 -11.88 -24.36
C THR B 99 15.84 -10.89 -25.49
N LEU B 100 16.69 -11.31 -26.41
CA LEU B 100 16.96 -10.62 -27.66
C LEU B 100 16.54 -11.52 -28.82
N THR B 101 15.71 -10.99 -29.71
CA THR B 101 15.14 -11.74 -30.81
C THR B 101 15.59 -11.13 -32.13
N ILE B 102 16.11 -11.96 -33.02
CA ILE B 102 16.49 -11.56 -34.37
C ILE B 102 15.56 -12.26 -35.34
N SER B 103 14.86 -11.49 -36.15
CA SER B 103 13.95 -12.03 -37.14
C SER B 103 14.62 -12.13 -38.49
N ASP B 104 14.09 -13.02 -39.33
CA ASP B 104 14.57 -13.27 -40.69
C ASP B 104 16.09 -13.20 -40.79
N LEU B 105 16.77 -14.05 -40.03
CA LEU B 105 18.23 -14.02 -39.93
C LEU B 105 18.88 -14.13 -41.30
N GLU B 106 19.85 -13.25 -41.55
CA GLU B 106 20.61 -13.24 -42.79
C GLU B 106 22.01 -13.82 -42.55
N CYS B 107 22.79 -13.88 -43.63
CA CYS B 107 24.16 -14.36 -43.51
C CYS B 107 25.06 -13.37 -42.78
N ALA B 108 24.69 -12.08 -42.80
CA ALA B 108 25.50 -11.07 -42.13
C ALA B 108 25.41 -11.21 -40.61
N ASP B 109 24.25 -11.60 -40.10
CA ASP B 109 24.02 -11.69 -38.66
C ASP B 109 24.63 -12.97 -38.09
N ALA B 110 25.95 -13.09 -38.25
CA ALA B 110 26.72 -14.24 -37.78
C ALA B 110 27.88 -13.73 -36.94
N ALA B 111 27.64 -13.59 -35.63
CA ALA B 111 28.65 -13.04 -34.74
C ALA B 111 28.30 -13.46 -33.31
N THR B 112 29.24 -13.21 -32.40
CA THR B 112 28.99 -13.47 -30.99
C THR B 112 28.10 -12.37 -30.42
N TYR B 113 27.30 -12.71 -29.42
CA TYR B 113 26.37 -11.77 -28.81
C TYR B 113 26.59 -11.75 -27.31
N TYR B 114 26.58 -10.54 -26.74
CA TYR B 114 26.80 -10.35 -25.32
C TYR B 114 25.68 -9.52 -24.71
N CYS B 115 25.28 -9.88 -23.50
CA CYS B 115 24.38 -9.09 -22.68
C CYS B 115 25.18 -8.50 -21.54
N GLN B 116 24.93 -7.24 -21.23
CA GLN B 116 25.78 -6.48 -20.31
C GLN B 116 24.94 -5.57 -19.43
N ARG B 117 25.20 -5.62 -18.12
CA ARG B 117 24.50 -4.77 -17.17
C ARG B 117 25.37 -3.58 -16.79
N TYR B 118 24.74 -2.42 -16.67
CA TYR B 118 25.44 -1.17 -16.41
C TYR B 118 24.79 -0.42 -15.24
N TYR B 119 25.48 0.61 -14.79
CA TYR B 119 24.98 1.53 -13.78
C TYR B 119 24.90 2.93 -14.37
N TYR B 120 24.30 3.84 -13.61
CA TYR B 120 24.32 5.25 -13.95
C TYR B 120 25.53 5.92 -13.31
N LEU B 121 26.24 6.72 -14.10
CA LEU B 121 27.54 7.24 -13.71
C LEU B 121 27.47 8.33 -12.64
N SER B 122 26.27 8.76 -12.24
CA SER B 122 26.17 9.65 -11.10
C SER B 122 26.70 8.98 -9.83
N GLY B 123 26.37 7.71 -9.63
CA GLY B 123 26.89 6.95 -8.53
C GLY B 123 28.07 6.09 -8.94
N SER B 124 27.92 4.78 -8.83
CA SER B 124 28.99 3.87 -9.24
C SER B 124 29.01 3.70 -10.75
N ALA B 125 30.12 3.17 -11.26
CA ALA B 125 30.29 2.88 -12.67
C ALA B 125 30.52 1.39 -12.91
N ASP B 126 30.06 0.55 -12.00
CA ASP B 126 30.24 -0.89 -12.13
C ASP B 126 29.46 -1.44 -13.32
N ASN B 127 29.99 -2.49 -13.92
CA ASN B 127 29.37 -3.10 -15.08
C ASN B 127 29.91 -4.51 -15.24
N THR B 128 29.04 -5.41 -15.72
CA THR B 128 29.40 -6.81 -15.89
C THR B 128 28.85 -7.32 -17.21
N PHE B 129 29.70 -8.05 -17.94
CA PHE B 129 29.32 -8.60 -19.23
C PHE B 129 28.84 -10.05 -19.08
N GLY B 130 28.11 -10.51 -20.09
CA GLY B 130 27.63 -11.87 -20.12
C GLY B 130 28.66 -12.85 -20.63
N GLY B 131 28.28 -14.13 -20.63
CA GLY B 131 29.19 -15.17 -21.08
C GLY B 131 29.50 -15.08 -22.56
N GLY B 132 28.50 -14.84 -23.38
CA GLY B 132 28.69 -14.80 -24.82
C GLY B 132 28.02 -15.96 -25.54
N THR B 133 27.21 -15.65 -26.56
CA THR B 133 26.50 -16.66 -27.31
C THR B 133 26.80 -16.47 -28.79
N GLU B 134 27.16 -17.56 -29.47
CA GLU B 134 27.50 -17.54 -30.88
C GLU B 134 26.34 -18.10 -31.70
N VAL B 135 26.10 -17.49 -32.86
CA VAL B 135 25.00 -17.87 -33.74
C VAL B 135 25.57 -18.30 -35.07
N VAL B 136 25.11 -19.45 -35.57
CA VAL B 136 25.56 -20.01 -36.85
C VAL B 136 24.41 -19.90 -37.84
N VAL B 137 24.70 -19.37 -39.02
CA VAL B 137 23.70 -19.26 -40.07
C VAL B 137 23.27 -20.65 -40.53
N GLN C 26 21.77 47.59 -20.40
CA GLN C 26 20.37 47.71 -20.04
C GLN C 26 19.85 49.12 -20.26
N SER C 27 19.45 49.43 -21.49
CA SER C 27 18.95 50.75 -21.84
C SER C 27 17.83 50.62 -22.86
N VAL C 28 16.80 51.47 -22.73
CA VAL C 28 15.69 51.51 -23.67
C VAL C 28 15.55 52.93 -24.19
N GLU C 29 14.84 53.06 -25.31
CA GLU C 29 14.53 54.40 -25.81
C GLU C 29 13.20 54.37 -26.55
N GLU C 30 12.64 55.56 -26.71
CA GLU C 30 11.31 55.75 -27.29
C GLU C 30 11.39 56.70 -28.47
N SER C 31 10.40 56.58 -29.37
CA SER C 31 10.31 57.45 -30.53
C SER C 31 8.86 57.49 -31.00
N GLY C 32 8.52 58.54 -31.75
CA GLY C 32 7.22 58.62 -32.37
C GLY C 32 6.39 59.83 -31.97
N GLY C 33 6.95 60.72 -31.16
CA GLY C 33 6.21 61.88 -30.70
C GLY C 33 6.02 62.89 -31.80
N ARG C 34 4.78 63.37 -31.96
CA ARG C 34 4.45 64.36 -32.98
C ARG C 34 3.13 65.01 -32.62
N LEU C 35 2.85 66.13 -33.28
CA LEU C 35 1.63 66.89 -33.04
C LEU C 35 0.54 66.45 -34.01
N VAL C 36 -0.62 66.07 -33.46
CA VAL C 36 -1.76 65.63 -34.26
C VAL C 36 -3.03 66.29 -33.75
N THR C 37 -4.02 66.35 -34.63
CA THR C 37 -5.34 66.83 -34.26
C THR C 37 -6.09 65.78 -33.46
N PRO C 38 -7.08 66.18 -32.66
CA PRO C 38 -7.87 65.19 -31.92
C PRO C 38 -8.55 64.20 -32.86
N GLY C 39 -8.58 62.93 -32.44
CA GLY C 39 -9.14 61.87 -33.24
C GLY C 39 -8.17 61.18 -34.17
N THR C 40 -6.95 61.68 -34.30
CA THR C 40 -5.97 61.08 -35.19
C THR C 40 -5.23 59.97 -34.45
N PRO C 41 -5.33 58.71 -34.88
CA PRO C 41 -4.62 57.63 -34.19
C PRO C 41 -3.11 57.83 -34.25
N LEU C 42 -2.44 57.44 -33.16
CA LEU C 42 -1.01 57.66 -33.06
C LEU C 42 -0.36 56.39 -32.50
N THR C 43 0.93 56.21 -32.81
CA THR C 43 1.67 55.05 -32.34
C THR C 43 3.07 55.47 -31.94
N LEU C 44 3.54 54.96 -30.81
CA LEU C 44 4.91 55.17 -30.34
C LEU C 44 5.65 53.85 -30.33
N THR C 45 6.98 53.93 -30.24
CA THR C 45 7.81 52.74 -30.30
C THR C 45 8.89 52.80 -29.24
N CYS C 46 9.06 51.70 -28.50
CA CYS C 46 10.09 51.56 -27.49
C CYS C 46 10.96 50.36 -27.85
N ILE C 47 12.27 50.57 -27.92
CA ILE C 47 13.20 49.49 -28.21
C ILE C 47 14.18 49.37 -27.05
N VAL C 48 14.74 48.17 -26.89
CA VAL C 48 15.54 47.83 -25.73
C VAL C 48 16.93 47.40 -26.19
N SER C 49 17.84 47.29 -25.22
CA SER C 49 19.19 46.78 -25.48
C SER C 49 19.78 46.32 -24.15
N GLY C 50 20.36 45.13 -24.14
CA GLY C 50 21.01 44.58 -22.97
C GLY C 50 20.26 43.46 -22.28
N PHE C 51 18.98 43.27 -22.61
CA PHE C 51 18.20 42.19 -22.03
C PHE C 51 17.21 41.69 -23.07
N SER C 52 16.41 40.70 -22.67
CA SER C 52 15.46 40.05 -23.56
C SER C 52 14.03 40.33 -23.11
N LEU C 53 13.14 40.52 -24.09
CA LEU C 53 11.73 40.74 -23.78
C LEU C 53 11.09 39.52 -23.12
N SER C 54 11.65 38.34 -23.30
CA SER C 54 11.08 37.12 -22.75
C SER C 54 11.43 36.91 -21.28
N ASN C 55 12.26 37.78 -20.70
CA ASN C 55 12.67 37.66 -19.31
C ASN C 55 12.17 38.78 -18.43
N TYR C 56 11.45 39.76 -18.98
CA TYR C 56 11.00 40.89 -18.20
C TYR C 56 9.69 41.41 -18.77
N TYR C 57 8.93 42.12 -17.94
CA TYR C 57 7.78 42.86 -18.41
C TYR C 57 8.23 44.18 -19.01
N MET C 58 7.27 44.99 -19.46
CA MET C 58 7.57 46.32 -19.96
C MET C 58 6.38 47.23 -19.69
N SER C 59 6.62 48.35 -19.01
CA SER C 59 5.55 49.22 -18.57
C SER C 59 5.67 50.57 -19.26
N TRP C 60 4.51 51.19 -19.50
CA TRP C 60 4.43 52.53 -20.07
C TRP C 60 3.87 53.48 -19.01
N VAL C 61 4.61 54.56 -18.76
CA VAL C 61 4.23 55.54 -17.75
C VAL C 61 4.33 56.93 -18.36
N ARG C 62 3.27 57.71 -18.25
CA ARG C 62 3.22 59.06 -18.79
C ARG C 62 3.23 60.07 -17.65
N GLN C 63 3.61 61.31 -18.00
CA GLN C 63 3.70 62.38 -17.02
C GLN C 63 3.25 63.68 -17.67
N VAL C 64 2.11 64.21 -17.21
CA VAL C 64 1.67 65.52 -17.67
C VAL C 64 2.66 66.57 -17.18
N PRO C 65 2.97 67.61 -17.98
CA PRO C 65 3.93 68.63 -17.54
C PRO C 65 3.63 69.20 -16.16
N GLY C 66 4.62 69.15 -15.27
CA GLY C 66 4.45 69.67 -13.92
C GLY C 66 3.43 68.93 -13.10
N LYS C 67 3.36 67.61 -13.24
CA LYS C 67 2.39 66.78 -12.52
C LYS C 67 3.11 65.53 -12.03
N GLY C 68 2.33 64.58 -11.50
CA GLY C 68 2.88 63.33 -11.04
C GLY C 68 2.82 62.24 -12.10
N LEU C 69 3.57 61.17 -11.84
CA LEU C 69 3.63 60.06 -12.78
C LEU C 69 2.33 59.26 -12.77
N GLU C 70 2.00 58.69 -13.93
CA GLU C 70 0.77 57.93 -14.10
C GLU C 70 1.09 56.63 -14.82
N TRP C 71 0.86 55.51 -14.15
CA TRP C 71 1.07 54.21 -14.77
C TRP C 71 -0.06 53.91 -15.75
N ILE C 72 0.30 53.58 -16.99
CA ILE C 72 -0.69 53.37 -18.04
C ILE C 72 -0.99 51.88 -18.18
N GLY C 73 0.02 51.10 -18.52
CA GLY C 73 -0.19 49.68 -18.73
C GLY C 73 1.12 48.93 -18.80
N VAL C 74 1.01 47.61 -18.93
CA VAL C 74 2.17 46.74 -18.92
C VAL C 74 1.96 45.61 -19.92
N ILE C 75 3.05 45.13 -20.50
CA ILE C 75 3.07 43.97 -21.37
C ILE C 75 4.00 42.93 -20.75
N GLY C 76 3.51 41.70 -20.63
CA GLY C 76 4.28 40.65 -19.98
C GLY C 76 5.12 39.85 -20.94
N TRP C 77 6.02 39.04 -20.36
CA TRP C 77 6.82 38.13 -21.16
C TRP C 77 6.01 36.93 -21.67
N SER C 78 4.80 36.73 -21.15
CA SER C 78 3.92 35.70 -21.65
C SER C 78 3.12 36.14 -22.87
N GLY C 79 3.18 37.42 -23.23
CA GLY C 79 2.49 37.95 -24.38
C GLY C 79 1.23 38.74 -24.09
N THR C 80 0.61 38.51 -22.93
CA THR C 80 -0.59 39.23 -22.57
C THR C 80 -0.24 40.60 -21.99
N SER C 81 -1.22 41.51 -22.07
CA SER C 81 -1.04 42.87 -21.61
C SER C 81 -2.15 43.25 -20.63
N SER C 82 -1.84 44.17 -19.72
CA SER C 82 -2.76 44.63 -18.71
C SER C 82 -2.84 46.15 -18.75
N TYR C 83 -4.05 46.67 -18.62
CA TYR C 83 -4.33 48.10 -18.77
C TYR C 83 -4.95 48.66 -17.50
N ALA C 84 -4.68 49.94 -17.25
CA ALA C 84 -5.25 50.61 -16.11
C ALA C 84 -6.75 50.84 -16.31
N SER C 85 -7.46 51.02 -15.18
CA SER C 85 -8.90 51.20 -15.24
C SER C 85 -9.28 52.46 -16.00
N TRP C 86 -8.58 53.57 -15.74
CA TRP C 86 -8.89 54.82 -16.43
C TRP C 86 -8.45 54.82 -17.89
N ALA C 87 -7.68 53.84 -18.32
CA ALA C 87 -7.22 53.70 -19.69
C ALA C 87 -7.56 52.32 -20.23
N LYS C 88 -8.79 51.86 -19.98
CA LYS C 88 -9.16 50.50 -20.34
C LYS C 88 -9.22 50.31 -21.85
N GLY C 89 -9.69 51.30 -22.58
CA GLY C 89 -9.85 51.16 -24.02
C GLY C 89 -9.22 52.26 -24.84
N ARG C 90 -8.73 53.31 -24.18
CA ARG C 90 -8.14 54.43 -24.91
C ARG C 90 -6.76 54.10 -25.46
N PHE C 91 -6.03 53.18 -24.83
CA PHE C 91 -4.68 52.84 -25.23
C PHE C 91 -4.57 51.34 -25.49
N THR C 92 -3.63 50.98 -26.34
CA THR C 92 -3.29 49.57 -26.55
C THR C 92 -1.78 49.41 -26.48
N ILE C 93 -1.33 48.27 -25.95
CA ILE C 93 0.09 47.96 -25.87
C ILE C 93 0.32 46.62 -26.56
N SER C 94 1.27 46.58 -27.48
CA SER C 94 1.55 45.37 -28.24
C SER C 94 3.05 45.21 -28.40
N LYS C 95 3.46 44.01 -28.84
CA LYS C 95 4.85 43.69 -29.11
C LYS C 95 5.02 43.48 -30.61
N THR C 96 5.79 44.35 -31.24
CA THR C 96 6.15 44.20 -32.64
C THR C 96 7.61 43.78 -32.75
N ALA C 97 7.90 42.98 -33.78
CA ALA C 97 9.23 42.41 -33.98
C ALA C 97 9.63 41.59 -32.76
N SER C 98 10.94 41.43 -32.54
CA SER C 98 11.44 40.65 -31.43
C SER C 98 12.07 41.48 -30.32
N THR C 99 12.30 42.77 -30.54
CA THR C 99 12.92 43.61 -29.52
C THR C 99 12.25 44.97 -29.39
N THR C 100 11.02 45.12 -29.89
CA THR C 100 10.31 46.38 -29.85
C THR C 100 8.93 46.19 -29.25
N VAL C 101 8.40 47.26 -28.65
CA VAL C 101 7.02 47.30 -28.20
C VAL C 101 6.42 48.63 -28.66
N ASP C 102 5.09 48.65 -28.78
CA ASP C 102 4.42 49.86 -29.21
C ASP C 102 3.22 50.15 -28.32
N LEU C 103 3.02 51.44 -28.05
CA LEU C 103 1.83 51.97 -27.40
C LEU C 103 1.06 52.75 -28.47
N LYS C 104 -0.17 52.31 -28.73
CA LYS C 104 -1.02 52.93 -29.73
C LYS C 104 -2.11 53.71 -29.00
N ILE C 105 -2.15 55.02 -29.26
CA ILE C 105 -3.22 55.87 -28.75
C ILE C 105 -4.31 55.99 -29.79
N THR C 106 -5.53 55.64 -29.41
CA THR C 106 -6.70 55.70 -30.28
C THR C 106 -7.59 56.85 -29.83
N SER C 107 -7.90 57.75 -30.77
CA SER C 107 -8.74 58.92 -30.52
C SER C 107 -8.16 59.78 -29.40
N PRO C 108 -7.01 60.40 -29.58
CA PRO C 108 -6.46 61.27 -28.54
C PRO C 108 -7.26 62.55 -28.40
N THR C 109 -7.21 63.13 -27.21
CA THR C 109 -7.84 64.40 -26.90
C THR C 109 -6.79 65.41 -26.50
N THR C 110 -7.24 66.63 -26.19
CA THR C 110 -6.33 67.67 -25.74
C THR C 110 -5.76 67.40 -24.36
N GLU C 111 -6.28 66.42 -23.64
CA GLU C 111 -5.82 66.09 -22.30
C GLU C 111 -4.68 65.10 -22.29
N ASP C 112 -4.21 64.66 -23.46
CA ASP C 112 -3.17 63.65 -23.56
C ASP C 112 -1.84 64.22 -24.03
N THR C 113 -1.63 65.52 -23.82
CA THR C 113 -0.35 66.16 -24.12
C THR C 113 0.59 65.92 -22.95
N ALA C 114 1.60 65.08 -23.15
CA ALA C 114 2.44 64.67 -22.04
C ALA C 114 3.76 64.10 -22.56
N THR C 115 4.67 63.86 -21.63
CA THR C 115 5.96 63.22 -21.90
C THR C 115 5.82 61.75 -21.55
N TYR C 116 5.75 60.90 -22.58
CA TYR C 116 5.59 59.47 -22.37
C TYR C 116 6.93 58.80 -22.17
N PHE C 117 6.96 57.84 -21.26
CA PHE C 117 8.17 57.10 -20.89
C PHE C 117 7.98 55.61 -21.20
N CYS C 118 9.00 54.83 -20.86
CA CYS C 118 9.01 53.39 -21.12
C CYS C 118 10.03 52.76 -20.21
N ALA C 119 9.60 51.81 -19.37
CA ALA C 119 10.47 51.25 -18.36
C ALA C 119 10.36 49.74 -18.34
N ARG C 120 11.39 49.10 -17.79
CA ARG C 120 11.39 47.66 -17.56
C ARG C 120 11.25 47.41 -16.07
N VAL C 121 10.33 46.52 -15.69
CA VAL C 121 10.20 46.14 -14.30
C VAL C 121 11.41 45.32 -13.90
N LEU C 122 11.87 45.49 -12.67
CA LEU C 122 13.07 44.84 -12.20
C LEU C 122 12.76 43.93 -11.01
N TYR C 123 13.24 42.69 -11.09
CA TYR C 123 13.20 41.77 -9.96
C TYR C 123 14.60 41.26 -9.71
N ILE C 124 15.01 41.29 -8.44
CA ILE C 124 16.32 40.80 -8.02
C ILE C 124 16.06 39.60 -7.13
N GLY C 125 16.16 38.40 -7.70
CA GLY C 125 15.82 37.19 -6.99
C GLY C 125 14.32 37.03 -6.88
N GLY C 126 13.92 35.93 -6.26
CA GLY C 126 12.51 35.62 -6.10
C GLY C 126 11.88 35.19 -7.41
N GLY C 127 10.58 34.94 -7.34
CA GLY C 127 9.86 34.48 -8.51
C GLY C 127 9.58 35.58 -9.50
N PHE C 128 9.21 35.16 -10.70
CA PHE C 128 8.81 36.09 -11.76
C PHE C 128 7.40 36.62 -11.46
N ASN C 129 6.89 37.43 -12.38
CA ASN C 129 5.61 38.12 -12.29
C ASN C 129 5.59 39.18 -11.20
N TYR C 130 6.69 39.38 -10.49
CA TYR C 130 6.79 40.37 -9.42
C TYR C 130 8.01 41.25 -9.67
N TYR C 131 7.94 42.47 -9.18
CA TYR C 131 8.96 43.48 -9.46
C TYR C 131 9.40 44.16 -8.17
N ASP C 132 10.49 44.91 -8.26
CA ASP C 132 11.01 45.70 -7.15
C ASP C 132 11.18 47.17 -7.47
N ALA C 133 11.41 47.52 -8.74
CA ALA C 133 11.57 48.91 -9.15
C ALA C 133 11.51 48.96 -10.68
N PHE C 134 11.36 50.18 -11.19
CA PHE C 134 11.39 50.43 -12.63
C PHE C 134 12.76 51.04 -12.92
N ASP C 135 13.75 50.17 -13.15
CA ASP C 135 15.12 50.66 -13.20
C ASP C 135 15.45 51.43 -14.47
N PRO C 136 15.39 50.81 -15.68
CA PRO C 136 15.91 51.50 -16.86
C PRO C 136 14.89 52.41 -17.54
N TRP C 137 14.67 53.61 -16.98
CA TRP C 137 13.76 54.55 -17.61
C TRP C 137 14.37 55.08 -18.90
N GLY C 138 13.54 55.23 -19.93
CA GLY C 138 13.99 55.80 -21.18
C GLY C 138 13.97 57.31 -21.16
N PRO C 139 14.58 57.91 -22.18
CA PRO C 139 14.59 59.38 -22.26
C PRO C 139 13.21 59.99 -22.33
N GLY C 140 12.25 59.30 -22.96
CA GLY C 140 10.89 59.79 -23.00
C GLY C 140 10.60 60.68 -24.20
N THR C 141 9.54 60.36 -24.93
CA THR C 141 9.09 61.16 -26.06
C THR C 141 8.04 62.17 -25.60
N LEU C 142 7.75 63.13 -26.48
CA LEU C 142 6.80 64.19 -26.18
C LEU C 142 5.65 64.14 -27.16
N VAL C 143 4.42 64.15 -26.64
CA VAL C 143 3.21 64.10 -27.44
C VAL C 143 2.38 65.33 -27.16
N THR C 144 2.02 66.07 -28.21
CA THR C 144 1.24 67.29 -28.11
C THR C 144 0.01 67.18 -28.98
N VAL C 145 -1.12 67.63 -28.44
CA VAL C 145 -2.38 67.61 -29.17
C VAL C 145 -2.92 69.02 -29.34
N ASP D 29 -6.19 48.19 -3.27
CA ASP D 29 -5.52 49.36 -3.81
C ASP D 29 -4.85 50.17 -2.70
N VAL D 30 -3.54 50.02 -2.59
CA VAL D 30 -2.78 50.77 -1.59
C VAL D 30 -2.57 52.20 -2.08
N VAL D 31 -2.92 53.17 -1.24
CA VAL D 31 -2.81 54.58 -1.56
C VAL D 31 -1.65 55.16 -0.76
N MET D 32 -0.70 55.79 -1.46
CA MET D 32 0.51 56.32 -0.85
C MET D 32 0.42 57.84 -0.78
N THR D 33 0.77 58.40 0.37
CA THR D 33 0.70 59.84 0.61
C THR D 33 2.09 60.34 0.98
N GLN D 34 2.56 61.37 0.27
CA GLN D 34 3.82 62.02 0.61
C GLN D 34 3.50 63.23 1.48
N THR D 35 3.98 63.21 2.74
CA THR D 35 3.56 64.23 3.70
C THR D 35 4.15 65.59 3.39
N PRO D 36 5.49 65.78 3.32
CA PRO D 36 6.03 67.13 3.10
C PRO D 36 5.90 67.55 1.65
N ALA D 37 5.06 68.55 1.39
CA ALA D 37 4.87 69.03 0.03
C ALA D 37 6.14 69.65 -0.54
N SER D 38 6.84 70.43 0.27
CA SER D 38 8.08 71.07 -0.16
C SER D 38 8.97 71.30 1.04
N VAL D 39 10.27 71.14 0.84
CA VAL D 39 11.26 71.27 1.90
C VAL D 39 12.37 72.21 1.43
N SER D 40 12.76 73.13 2.30
CA SER D 40 13.90 74.01 2.06
C SER D 40 14.84 73.95 3.25
N GLU D 41 16.14 73.95 2.98
CA GLU D 41 17.13 73.77 4.04
C GLU D 41 18.47 74.30 3.58
N PRO D 42 19.26 74.89 4.48
CA PRO D 42 20.61 75.34 4.09
C PRO D 42 21.50 74.18 3.70
N VAL D 43 22.48 74.46 2.86
CA VAL D 43 23.36 73.44 2.32
C VAL D 43 24.13 72.78 3.46
N GLY D 44 24.15 71.46 3.48
CA GLY D 44 24.88 70.69 4.47
C GLY D 44 24.06 70.07 5.57
N GLY D 45 22.73 70.23 5.55
CA GLY D 45 21.87 69.66 6.57
C GLY D 45 21.36 68.29 6.21
N THR D 46 20.30 67.87 6.89
CA THR D 46 19.66 66.57 6.66
C THR D 46 18.19 66.79 6.40
N VAL D 47 17.71 66.33 5.24
CA VAL D 47 16.31 66.47 4.84
C VAL D 47 15.60 65.13 5.03
N THR D 48 14.43 65.19 5.65
CA THR D 48 13.63 64.01 5.93
C THR D 48 12.31 64.10 5.16
N ILE D 49 11.97 63.03 4.46
CA ILE D 49 10.73 62.93 3.69
C ILE D 49 9.96 61.72 4.18
N LYS D 50 8.67 61.90 4.43
CA LYS D 50 7.79 60.86 4.97
C LYS D 50 6.86 60.36 3.87
N CYS D 51 6.78 59.04 3.72
CA CYS D 51 5.85 58.41 2.78
C CYS D 51 5.00 57.42 3.57
N GLN D 52 3.68 57.60 3.53
CA GLN D 52 2.75 56.80 4.32
C GLN D 52 1.90 55.94 3.40
N ALA D 53 1.65 54.71 3.83
CA ALA D 53 0.85 53.75 3.07
C ALA D 53 -0.44 53.46 3.80
N SER D 54 -1.52 53.30 3.03
CA SER D 54 -2.83 53.04 3.62
C SER D 54 -2.84 51.70 4.35
N GLN D 55 -2.38 50.65 3.70
CA GLN D 55 -2.35 49.32 4.27
C GLN D 55 -0.94 48.99 4.77
N SER D 56 -0.75 47.76 5.22
CA SER D 56 0.56 47.27 5.64
C SER D 56 1.18 46.53 4.46
N ILE D 57 2.35 46.98 4.02
CA ILE D 57 3.00 46.45 2.83
C ILE D 57 4.39 45.89 3.15
N GLY D 58 4.68 45.65 4.42
CA GLY D 58 5.98 45.12 4.78
C GLY D 58 7.08 46.11 4.47
N SER D 59 8.04 45.68 3.64
CA SER D 59 9.17 46.51 3.26
C SER D 59 9.26 46.66 1.74
N ASN D 60 8.12 46.65 1.05
CA ASN D 60 8.09 46.79 -0.40
C ASN D 60 7.91 48.27 -0.73
N LEU D 61 9.02 48.94 -1.03
CA LEU D 61 8.99 50.35 -1.36
C LEU D 61 10.19 50.69 -2.23
N ALA D 62 10.02 51.74 -3.05
CA ALA D 62 11.10 52.23 -3.89
C ALA D 62 11.08 53.75 -3.90
N TRP D 63 12.25 54.34 -4.10
CA TRP D 63 12.41 55.78 -4.13
C TRP D 63 13.04 56.21 -5.45
N TYR D 64 12.57 57.35 -5.98
CA TYR D 64 13.08 57.88 -7.23
C TYR D 64 13.33 59.38 -7.10
N GLN D 65 14.35 59.85 -7.81
CA GLN D 65 14.66 61.27 -7.89
C GLN D 65 14.60 61.69 -9.34
N GLN D 66 13.84 62.75 -9.63
CA GLN D 66 13.63 63.22 -11.00
C GLN D 66 14.18 64.64 -11.14
N LYS D 67 15.33 64.76 -11.78
CA LYS D 67 15.81 66.07 -12.19
C LYS D 67 14.92 66.63 -13.30
N PRO D 68 14.81 67.95 -13.42
CA PRO D 68 14.01 68.52 -14.50
C PRO D 68 14.56 68.11 -15.87
N GLY D 69 13.64 67.80 -16.78
CA GLY D 69 14.04 67.39 -18.12
C GLY D 69 14.73 66.04 -18.19
N GLN D 70 14.58 65.20 -17.17
CA GLN D 70 15.23 63.90 -17.13
C GLN D 70 14.24 62.85 -16.65
N PRO D 71 14.42 61.60 -17.05
CA PRO D 71 13.59 60.52 -16.51
C PRO D 71 13.95 60.24 -15.07
N PRO D 72 13.04 59.66 -14.29
CA PRO D 72 13.36 59.35 -12.89
C PRO D 72 14.49 58.34 -12.79
N LYS D 73 15.27 58.47 -11.72
CA LYS D 73 16.41 57.60 -11.46
C LYS D 73 16.20 56.89 -10.14
N LEU D 74 16.42 55.58 -10.13
CA LEU D 74 16.20 54.78 -8.93
C LEU D 74 17.27 55.05 -7.88
N LEU D 75 16.83 55.19 -6.63
CA LEU D 75 17.73 55.42 -5.50
C LEU D 75 17.72 54.27 -4.51
N ILE D 76 16.54 53.88 -4.00
CA ILE D 76 16.40 52.85 -2.98
C ILE D 76 15.32 51.89 -3.42
N TYR D 77 15.54 50.60 -3.21
CA TYR D 77 14.52 49.59 -3.38
C TYR D 77 14.50 48.68 -2.16
N ALA D 78 13.36 48.04 -1.94
CA ALA D 78 13.06 47.26 -0.74
C ALA D 78 13.10 48.12 0.52
N ALA D 79 13.04 49.45 0.35
CA ALA D 79 12.89 50.44 1.40
C ALA D 79 14.13 50.59 2.26
N SER D 80 15.12 49.72 2.07
CA SER D 80 16.37 49.85 2.79
C SER D 80 17.62 49.59 1.96
N THR D 81 17.51 49.01 0.77
CA THR D 81 18.68 48.59 0.00
C THR D 81 19.12 49.70 -0.93
N LEU D 82 20.40 50.08 -0.83
CA LEU D 82 20.97 51.09 -1.71
C LEU D 82 21.08 50.54 -3.13
N ALA D 83 20.81 51.42 -4.11
CA ALA D 83 21.00 51.03 -5.50
C ALA D 83 22.48 51.07 -5.86
N SER D 84 22.80 50.62 -7.07
CA SER D 84 24.17 50.55 -7.52
C SER D 84 24.59 51.88 -8.12
N GLY D 85 25.62 52.50 -7.53
CA GLY D 85 26.19 53.73 -8.01
C GLY D 85 25.70 54.98 -7.30
N VAL D 86 24.54 54.92 -6.65
CA VAL D 86 24.03 56.08 -5.92
C VAL D 86 24.88 56.31 -4.68
N PRO D 87 25.21 57.56 -4.33
CA PRO D 87 26.02 57.80 -3.13
C PRO D 87 25.29 57.36 -1.86
N SER D 88 26.07 57.01 -0.84
CA SER D 88 25.53 56.50 0.41
C SER D 88 24.81 57.56 1.24
N ARG D 89 24.88 58.83 0.84
CA ARG D 89 24.23 59.88 1.61
C ARG D 89 22.72 59.66 1.71
N PHE D 90 22.09 59.28 0.60
CA PHE D 90 20.66 58.94 0.62
C PHE D 90 20.47 57.67 1.42
N LYS D 91 19.57 57.70 2.40
CA LYS D 91 19.34 56.52 3.23
C LYS D 91 17.86 56.44 3.60
N GLY D 92 17.24 55.30 3.33
CA GLY D 92 15.83 55.13 3.62
C GLY D 92 15.63 54.04 4.66
N SER D 93 14.50 54.15 5.36
CA SER D 93 14.14 53.19 6.39
C SER D 93 12.64 53.24 6.59
N GLY D 94 12.15 52.45 7.54
CA GLY D 94 10.73 52.38 7.80
C GLY D 94 10.14 51.06 7.38
N SER D 95 8.91 50.79 7.81
CA SER D 95 8.27 49.50 7.56
C SER D 95 6.83 49.56 8.02
N GLY D 96 6.01 48.68 7.45
CA GLY D 96 4.61 48.62 7.81
C GLY D 96 3.77 49.60 7.03
N THR D 97 3.47 50.75 7.63
CA THR D 97 2.72 51.80 6.98
C THR D 97 3.49 53.11 6.84
N GLU D 98 4.58 53.29 7.58
CA GLU D 98 5.35 54.52 7.57
C GLU D 98 6.76 54.24 7.06
N PHE D 99 7.23 55.07 6.12
CA PHE D 99 8.60 54.99 5.65
C PHE D 99 9.18 56.40 5.60
N THR D 100 10.49 56.48 5.77
CA THR D 100 11.19 57.77 5.76
C THR D 100 12.43 57.67 4.88
N LEU D 101 12.80 58.81 4.30
CA LEU D 101 13.99 58.93 3.47
C LEU D 101 14.77 60.16 3.93
N THR D 102 16.04 59.96 4.24
CA THR D 102 16.89 61.04 4.76
C THR D 102 18.03 61.27 3.79
N ILE D 103 18.20 62.54 3.40
CA ILE D 103 19.34 62.98 2.60
C ILE D 103 20.25 63.75 3.55
N SER D 104 21.43 63.20 3.82
CA SER D 104 22.38 63.83 4.73
C SER D 104 23.45 64.57 3.94
N ASP D 105 23.91 65.69 4.50
CA ASP D 105 24.93 66.53 3.88
C ASP D 105 24.48 66.98 2.48
N LEU D 106 23.41 67.78 2.48
CA LEU D 106 22.80 68.24 1.25
C LEU D 106 23.80 69.00 0.38
N GLU D 107 23.75 68.75 -0.92
CA GLU D 107 24.54 69.47 -1.91
C GLU D 107 23.61 70.17 -2.90
N CYS D 108 24.17 71.14 -3.63
CA CYS D 108 23.40 71.85 -4.63
C CYS D 108 22.94 70.96 -5.78
N ALA D 109 23.53 69.77 -5.92
CA ALA D 109 23.18 68.85 -6.98
C ALA D 109 22.05 67.91 -6.61
N ASP D 110 21.46 68.05 -5.43
CA ASP D 110 20.39 67.17 -4.97
C ASP D 110 19.02 67.82 -5.07
N ALA D 111 18.90 68.95 -5.76
CA ALA D 111 17.62 69.66 -5.88
C ALA D 111 16.80 69.01 -6.99
N ALA D 112 15.74 68.30 -6.59
CA ALA D 112 14.85 67.62 -7.54
C ALA D 112 13.61 67.18 -6.79
N THR D 113 12.70 66.53 -7.49
CA THR D 113 11.49 65.97 -6.91
C THR D 113 11.70 64.49 -6.60
N TYR D 114 11.12 64.04 -5.49
CA TYR D 114 11.33 62.70 -4.99
C TYR D 114 9.99 61.96 -4.91
N TYR D 115 9.97 60.71 -5.36
CA TYR D 115 8.76 59.91 -5.42
C TYR D 115 8.96 58.60 -4.67
N CYS D 116 7.91 58.13 -4.02
CA CYS D 116 7.90 56.82 -3.39
C CYS D 116 6.84 55.94 -4.05
N GLN D 117 7.24 54.73 -4.41
CA GLN D 117 6.39 53.78 -5.12
C GLN D 117 6.25 52.50 -4.30
N CYS D 118 5.06 51.92 -4.36
CA CYS D 118 4.76 50.67 -3.68
C CYS D 118 4.91 49.51 -4.64
N THR D 119 5.59 48.45 -4.18
CA THR D 119 5.81 47.27 -5.01
C THR D 119 5.29 46.02 -4.31
N TYR D 120 4.07 46.09 -3.80
CA TYR D 120 3.51 45.01 -3.00
C TYR D 120 2.78 43.96 -3.83
N TYR D 121 2.12 44.37 -4.91
CA TYR D 121 1.33 43.46 -5.73
C TYR D 121 2.17 42.95 -6.89
N ASP D 122 1.55 42.16 -7.77
CA ASP D 122 2.25 41.61 -8.91
C ASP D 122 2.45 42.68 -9.98
N SER D 123 3.05 42.28 -11.10
CA SER D 123 3.34 43.20 -12.19
C SER D 123 2.19 43.34 -13.17
N SER D 124 1.14 42.51 -13.05
CA SER D 124 -0.03 42.63 -13.90
C SER D 124 -1.12 43.48 -13.28
N TYR D 125 -1.08 43.69 -11.97
CA TYR D 125 -2.07 44.56 -11.30
C TYR D 125 -1.57 46.00 -11.41
N VAL D 126 -2.19 46.75 -12.30
CA VAL D 126 -1.77 48.10 -12.63
C VAL D 126 -2.73 49.11 -12.01
N TYR D 127 -2.18 50.14 -11.38
CA TYR D 127 -2.96 51.18 -10.72
C TYR D 127 -2.03 52.36 -10.46
N ASN D 128 -2.55 53.35 -9.74
CA ASN D 128 -1.78 54.54 -9.39
C ASN D 128 -1.01 54.26 -8.10
N ASN D 129 0.17 53.66 -8.26
CA ASN D 129 1.00 53.25 -7.13
C ASN D 129 2.04 54.29 -6.75
N PHE D 130 2.15 55.39 -7.49
CA PHE D 130 3.19 56.37 -7.25
C PHE D 130 2.76 57.37 -6.17
N GLY D 131 3.63 58.32 -5.87
CA GLY D 131 3.38 59.34 -4.89
C GLY D 131 3.16 60.70 -5.52
N GLY D 132 2.95 61.68 -4.64
CA GLY D 132 2.69 63.04 -5.07
C GLY D 132 3.91 63.75 -5.60
N GLY D 133 4.90 63.96 -4.74
CA GLY D 133 6.11 64.66 -5.14
C GLY D 133 6.58 65.65 -4.10
N THR D 134 7.86 65.58 -3.72
CA THR D 134 8.45 66.46 -2.72
C THR D 134 9.59 67.24 -3.37
N GLU D 135 9.42 68.55 -3.48
CA GLU D 135 10.43 69.42 -4.08
C GLU D 135 11.42 69.85 -3.01
N VAL D 136 12.67 69.46 -3.18
CA VAL D 136 13.72 69.79 -2.22
C VAL D 136 14.56 70.93 -2.77
N VAL D 137 14.74 71.97 -1.96
CA VAL D 137 15.51 73.14 -2.37
C VAL D 137 16.77 73.27 -1.54
N GLN E 26 9.31 -24.40 50.95
CA GLN E 26 8.62 -23.15 51.22
C GLN E 26 8.83 -22.70 52.67
N SER E 27 9.80 -21.81 52.87
CA SER E 27 10.09 -21.31 54.20
C SER E 27 10.85 -20.00 54.07
N VAL E 28 10.73 -19.15 55.10
CA VAL E 28 11.44 -17.89 55.16
C VAL E 28 12.01 -17.72 56.57
N GLU E 29 13.05 -16.87 56.66
CA GLU E 29 13.73 -16.65 57.92
C GLU E 29 14.16 -15.20 58.00
N GLU E 30 14.04 -14.62 59.20
CA GLU E 30 14.40 -13.22 59.43
C GLU E 30 15.51 -13.13 60.47
N SER E 31 16.41 -12.18 60.25
CA SER E 31 17.51 -11.95 61.20
C SER E 31 17.98 -10.51 61.08
N GLY E 32 18.54 -10.01 62.17
CA GLY E 32 19.11 -8.67 62.18
C GLY E 32 18.63 -7.76 63.29
N GLY E 33 17.79 -8.29 64.17
CA GLY E 33 17.26 -7.48 65.26
C GLY E 33 18.31 -7.22 66.32
N ARG E 34 18.43 -5.96 66.74
CA ARG E 34 19.38 -5.59 67.78
C ARG E 34 18.96 -4.24 68.36
N LEU E 35 19.39 -3.99 69.59
CA LEU E 35 19.10 -2.72 70.25
C LEU E 35 19.96 -1.62 69.64
N VAL E 36 19.32 -0.51 69.27
CA VAL E 36 20.00 0.61 68.63
C VAL E 36 19.51 1.91 69.26
N THR E 37 20.43 2.85 69.44
CA THR E 37 20.05 4.19 69.83
C THR E 37 19.40 4.91 68.64
N PRO E 38 18.53 5.89 68.90
CA PRO E 38 17.89 6.62 67.79
C PRO E 38 18.93 7.27 66.89
N GLY E 39 18.69 7.20 65.58
CA GLY E 39 19.60 7.74 64.59
C GLY E 39 20.64 6.77 64.07
N THR E 40 20.79 5.61 64.71
CA THR E 40 21.78 4.64 64.28
C THR E 40 21.22 3.78 63.15
N PRO E 41 21.85 3.76 61.97
CA PRO E 41 21.33 2.94 60.88
C PRO E 41 21.34 1.46 61.22
N LEU E 42 20.35 0.74 60.70
CA LEU E 42 20.21 -0.69 60.95
C LEU E 42 19.73 -1.37 59.68
N THR E 43 20.15 -2.62 59.49
CA THR E 43 19.80 -3.41 58.31
C THR E 43 19.28 -4.77 58.75
N LEU E 44 18.18 -5.21 58.15
CA LEU E 44 17.61 -6.52 58.41
C LEU E 44 17.99 -7.47 57.29
N THR E 45 17.52 -8.72 57.40
CA THR E 45 17.82 -9.74 56.40
C THR E 45 16.73 -10.79 56.40
N CYS E 46 16.20 -11.09 55.22
CA CYS E 46 15.24 -12.16 55.02
C CYS E 46 15.80 -13.15 54.02
N ILE E 47 15.81 -14.43 54.39
CA ILE E 47 16.35 -15.50 53.56
C ILE E 47 15.22 -16.47 53.25
N VAL E 48 15.04 -16.79 51.97
CA VAL E 48 13.99 -17.67 51.53
C VAL E 48 14.57 -19.05 51.24
N SER E 49 13.71 -20.05 51.16
CA SER E 49 14.11 -21.40 50.84
C SER E 49 12.92 -22.16 50.28
N GLY E 50 13.14 -22.90 49.20
CA GLY E 50 12.11 -23.70 48.58
C GLY E 50 11.46 -23.06 47.37
N PHE E 51 11.59 -21.75 47.19
CA PHE E 51 11.07 -21.05 46.04
C PHE E 51 12.08 -20.03 45.55
N SER E 52 11.94 -19.64 44.29
CA SER E 52 12.84 -18.66 43.68
C SER E 52 12.26 -17.26 43.81
N LEU E 53 13.13 -16.28 44.07
CA LEU E 53 12.70 -14.90 44.19
C LEU E 53 12.28 -14.30 42.86
N SER E 54 12.52 -14.98 41.74
CA SER E 54 12.12 -14.51 40.43
C SER E 54 10.68 -14.86 40.08
N ASN E 55 9.97 -15.57 40.96
CA ASN E 55 8.60 -15.97 40.71
C ASN E 55 7.61 -15.39 41.72
N TYR E 56 8.08 -14.64 42.72
CA TYR E 56 7.19 -14.16 43.77
C TYR E 56 7.68 -12.81 44.26
N TYR E 57 6.74 -12.01 44.77
CA TYR E 57 7.07 -10.78 45.47
C TYR E 57 7.51 -11.11 46.90
N MET E 58 8.10 -10.12 47.57
CA MET E 58 8.43 -10.22 48.98
C MET E 58 7.97 -8.97 49.69
N SER E 59 7.34 -9.15 50.85
CA SER E 59 6.73 -8.05 51.59
C SER E 59 7.17 -8.09 53.04
N TRP E 60 7.13 -6.92 53.68
CA TRP E 60 7.50 -6.76 55.08
C TRP E 60 6.31 -6.26 55.88
N VAL E 61 6.05 -6.90 57.01
CA VAL E 61 4.94 -6.56 57.89
C VAL E 61 5.47 -6.48 59.31
N ARG E 62 5.09 -5.43 60.03
CA ARG E 62 5.51 -5.22 61.40
C ARG E 62 4.29 -5.19 62.32
N GLN E 63 4.51 -5.56 63.57
CA GLN E 63 3.44 -5.62 64.57
C GLN E 63 3.98 -5.06 65.88
N VAL E 64 3.40 -3.96 66.33
CA VAL E 64 3.84 -3.32 67.57
C VAL E 64 3.33 -4.09 68.78
N LEU E 69 -0.92 -5.41 62.91
CA LEU E 69 -0.34 -5.83 61.65
C LEU E 69 -0.32 -4.67 60.65
N GLU E 70 0.87 -4.21 60.31
CA GLU E 70 1.04 -3.06 59.43
C GLU E 70 1.99 -3.43 58.30
N TRP E 71 1.56 -3.16 57.06
CA TRP E 71 2.33 -3.48 55.87
C TRP E 71 3.25 -2.31 55.53
N ILE E 72 4.54 -2.59 55.38
CA ILE E 72 5.52 -1.53 55.14
C ILE E 72 5.75 -1.35 53.65
N GLY E 73 6.25 -2.40 52.99
CA GLY E 73 6.57 -2.30 51.59
C GLY E 73 6.63 -3.66 50.94
N VAL E 74 6.97 -3.65 49.65
CA VAL E 74 7.01 -4.87 48.84
C VAL E 74 8.09 -4.72 47.79
N ILE E 75 8.65 -5.84 47.37
CA ILE E 75 9.64 -5.89 46.28
C ILE E 75 9.19 -6.95 45.28
N GLY E 76 9.14 -6.58 44.01
CA GLY E 76 8.67 -7.47 42.98
C GLY E 76 9.77 -8.28 42.32
N TRP E 77 9.36 -9.33 41.63
CA TRP E 77 10.30 -10.15 40.89
C TRP E 77 10.91 -9.41 39.69
N SER E 78 10.31 -8.29 39.29
CA SER E 78 10.89 -7.46 38.24
C SER E 78 12.06 -6.63 38.73
N GLY E 79 12.32 -6.61 40.04
CA GLY E 79 13.41 -5.86 40.62
C GLY E 79 13.00 -4.53 41.25
N THR E 80 11.82 -4.02 40.91
CA THR E 80 11.35 -2.77 41.48
C THR E 80 10.79 -2.99 42.88
N SER E 81 10.73 -1.90 43.65
CA SER E 81 10.23 -1.93 45.01
C SER E 81 9.24 -0.80 45.22
N SER E 82 8.26 -1.04 46.08
CA SER E 82 7.22 -0.07 46.39
C SER E 82 7.07 0.05 47.90
N TYR E 83 6.76 1.26 48.37
CA TYR E 83 6.62 1.55 49.78
C TYR E 83 5.28 2.21 50.06
N ALA E 84 4.81 2.06 51.29
CA ALA E 84 3.56 2.68 51.69
C ALA E 84 3.72 4.20 51.78
N SER E 85 2.58 4.88 51.84
CA SER E 85 2.60 6.35 51.88
C SER E 85 3.26 6.86 53.17
N TRP E 86 2.96 6.23 54.30
CA TRP E 86 3.50 6.70 55.58
C TRP E 86 4.98 6.42 55.72
N ALA E 87 5.52 5.48 54.95
CA ALA E 87 6.94 5.13 55.06
C ALA E 87 7.65 5.38 53.74
N LYS E 88 7.39 6.54 53.13
CA LYS E 88 7.93 6.83 51.81
C LYS E 88 9.46 6.90 51.83
N GLY E 89 10.03 7.53 52.86
CA GLY E 89 11.46 7.72 52.89
C GLY E 89 12.15 7.11 54.10
N ARG E 90 11.38 6.67 55.08
CA ARG E 90 11.96 6.10 56.29
C ARG E 90 12.49 4.69 56.07
N PHE E 91 11.90 3.94 55.14
CA PHE E 91 12.29 2.57 54.88
C PHE E 91 12.74 2.41 53.43
N THR E 92 13.68 1.50 53.21
CA THR E 92 14.06 1.08 51.86
C THR E 92 14.14 -0.43 51.82
N ILE E 93 13.79 -1.02 50.68
CA ILE E 93 13.82 -2.46 50.50
C ILE E 93 14.69 -2.77 49.29
N SER E 94 15.69 -3.63 49.49
CA SER E 94 16.59 -4.02 48.41
C SER E 94 16.77 -5.54 48.43
N LYS E 95 17.48 -6.05 47.43
CA LYS E 95 17.77 -7.47 47.33
C LYS E 95 19.28 -7.67 47.31
N THR E 96 19.75 -8.67 48.05
CA THR E 96 21.15 -9.06 48.09
C THR E 96 21.27 -10.53 47.73
N ALA E 97 22.34 -10.84 46.98
CA ALA E 97 22.56 -12.16 46.40
C ALA E 97 21.37 -12.53 45.51
N SER E 98 21.20 -13.83 45.25
CA SER E 98 20.05 -14.31 44.50
C SER E 98 18.96 -14.87 45.41
N THR E 99 19.13 -14.79 46.73
CA THR E 99 18.17 -15.41 47.64
C THR E 99 17.88 -14.59 48.88
N THR E 100 18.37 -13.35 49.00
CA THR E 100 18.12 -12.58 50.20
C THR E 100 17.53 -11.22 49.85
N VAL E 101 16.70 -10.70 50.75
CA VAL E 101 16.17 -9.35 50.65
C VAL E 101 16.37 -8.66 52.00
N ASP E 102 16.71 -7.38 51.95
CA ASP E 102 17.02 -6.62 53.16
C ASP E 102 16.16 -5.37 53.24
N LEU E 103 15.78 -5.02 54.47
CA LEU E 103 15.00 -3.83 54.78
C LEU E 103 15.89 -2.87 55.54
N LYS E 104 16.35 -1.82 54.87
CA LYS E 104 17.22 -0.82 55.47
C LYS E 104 16.34 0.27 56.09
N ILE E 105 16.47 0.45 57.40
CA ILE E 105 15.77 1.51 58.11
C ILE E 105 16.73 2.69 58.30
N THR E 106 16.25 3.89 57.98
CA THR E 106 17.05 5.11 58.06
C THR E 106 16.50 6.00 59.16
N SER E 107 17.38 6.45 60.05
CA SER E 107 17.05 7.34 61.17
C SER E 107 15.95 6.71 62.02
N PRO E 108 16.25 5.64 62.76
CA PRO E 108 15.21 5.01 63.58
C PRO E 108 14.74 5.94 64.69
N THR E 109 13.48 5.76 65.08
CA THR E 109 12.84 6.56 66.11
C THR E 109 12.40 5.66 67.26
N THR E 110 11.92 6.27 68.33
CA THR E 110 11.55 5.51 69.52
C THR E 110 10.24 4.75 69.34
N GLU E 111 9.44 5.09 68.33
CA GLU E 111 8.18 4.43 68.08
C GLU E 111 8.27 3.34 67.03
N ASP E 112 9.47 3.02 66.56
CA ASP E 112 9.68 1.96 65.57
C ASP E 112 9.98 0.61 66.22
N THR E 113 9.96 0.54 67.55
CA THR E 113 10.21 -0.71 68.27
C THR E 113 9.05 -1.66 68.01
N ALA E 114 9.32 -2.78 67.35
CA ALA E 114 8.27 -3.73 67.01
C ALA E 114 8.88 -5.06 66.60
N THR E 115 8.00 -6.00 66.29
CA THR E 115 8.37 -7.33 65.79
C THR E 115 8.16 -7.34 64.29
N TYR E 116 9.25 -7.20 63.54
CA TYR E 116 9.19 -7.20 62.09
C TYR E 116 9.12 -8.63 61.56
N PHE E 117 8.32 -8.83 60.52
CA PHE E 117 8.14 -10.10 59.85
C PHE E 117 8.61 -10.00 58.40
N CYS E 118 8.48 -11.10 57.68
CA CYS E 118 8.82 -11.13 56.25
C CYS E 118 8.09 -12.31 55.63
N ALA E 119 7.20 -12.03 54.67
CA ALA E 119 6.36 -13.06 54.09
C ALA E 119 6.36 -12.91 52.57
N ARG E 120 6.07 -14.02 51.90
CA ARG E 120 6.01 -14.09 50.45
C ARG E 120 4.56 -14.10 50.01
N VAL E 121 4.22 -13.27 49.01
CA VAL E 121 2.88 -13.29 48.47
C VAL E 121 2.63 -14.62 47.78
N LEU E 122 1.37 -15.04 47.75
CA LEU E 122 0.99 -16.30 47.15
C LEU E 122 -0.11 -16.08 46.13
N TYR E 123 0.08 -16.64 44.94
CA TYR E 123 -0.96 -16.68 43.92
C TYR E 123 -1.15 -18.13 43.48
N ILE E 124 -2.38 -18.60 43.55
CA ILE E 124 -2.74 -19.95 43.13
C ILE E 124 -3.52 -19.81 41.83
N GLY E 125 -2.81 -19.92 40.72
CA GLY E 125 -3.42 -19.68 39.42
C GLY E 125 -3.57 -18.20 39.14
N GLY E 126 -4.12 -17.91 37.97
CA GLY E 126 -4.31 -16.53 37.55
C GLY E 126 -3.01 -15.87 37.15
N GLY E 127 -3.12 -14.59 36.81
CA GLY E 127 -1.96 -13.84 36.37
C GLY E 127 -1.06 -13.44 37.52
N PHE E 128 0.18 -13.07 37.15
CA PHE E 128 1.13 -12.57 38.11
C PHE E 128 0.78 -11.13 38.49
N ASN E 129 1.59 -10.55 39.38
CA ASN E 129 1.40 -9.22 39.96
C ASN E 129 0.16 -9.16 40.85
N TYR E 130 -0.56 -10.26 41.04
CA TYR E 130 -1.74 -10.33 41.89
C TYR E 130 -1.56 -11.47 42.89
N TYR E 131 -1.99 -11.23 44.12
CA TYR E 131 -1.77 -12.18 45.20
C TYR E 131 -3.11 -12.57 45.83
N ASP E 132 -3.14 -13.75 46.43
CA ASP E 132 -4.31 -14.25 47.13
C ASP E 132 -4.15 -14.22 48.65
N ALA E 133 -2.93 -14.40 49.16
CA ALA E 133 -2.68 -14.37 50.59
C ALA E 133 -1.17 -14.41 50.81
N PHE E 134 -0.76 -14.21 52.06
CA PHE E 134 0.65 -14.25 52.46
C PHE E 134 0.86 -15.57 53.20
N ASP E 135 1.19 -16.62 52.46
CA ASP E 135 1.23 -17.95 53.06
C ASP E 135 2.44 -18.15 53.98
N PRO E 136 3.69 -18.06 53.47
CA PRO E 136 4.82 -18.38 54.35
C PRO E 136 5.21 -17.22 55.26
N TRP E 137 4.94 -17.36 56.56
CA TRP E 137 5.28 -16.32 57.53
C TRP E 137 6.50 -16.77 58.33
N GLY E 138 7.52 -15.92 58.38
CA GLY E 138 8.72 -16.23 59.12
C GLY E 138 8.52 -16.08 60.61
N PRO E 139 9.47 -16.62 61.39
CA PRO E 139 9.35 -16.50 62.85
C PRO E 139 9.33 -15.05 63.34
N GLY E 140 10.03 -14.16 62.65
CA GLY E 140 10.01 -12.76 63.01
C GLY E 140 11.17 -12.34 63.89
N THR E 141 11.61 -11.09 63.74
CA THR E 141 12.68 -10.53 64.55
C THR E 141 12.12 -9.37 65.38
N LEU E 142 12.80 -9.04 66.46
CA LEU E 142 12.38 -7.97 67.35
C LEU E 142 13.42 -6.87 67.34
N VAL E 143 12.97 -5.63 67.20
CA VAL E 143 13.85 -4.47 67.22
C VAL E 143 13.40 -3.53 68.32
N THR E 144 14.35 -3.04 69.11
CA THR E 144 14.07 -2.15 70.23
C THR E 144 14.91 -0.89 70.10
N VAL E 145 14.28 0.27 70.23
CA VAL E 145 14.98 1.55 70.16
C VAL E 145 14.92 2.25 71.51
N ASP F 29 -9.06 3.15 47.98
CA ASP F 29 -8.51 2.43 49.12
C ASP F 29 -9.62 1.85 49.99
N VAL F 30 -9.86 0.55 49.85
CA VAL F 30 -10.89 -0.11 50.66
C VAL F 30 -10.43 -0.19 52.10
N VAL F 31 -11.38 -0.01 53.02
CA VAL F 31 -11.12 -0.09 54.45
C VAL F 31 -12.01 -1.18 55.04
N MET F 32 -11.40 -2.09 55.80
CA MET F 32 -12.10 -3.23 56.38
C MET F 32 -12.32 -3.01 57.86
N THR F 33 -13.54 -3.26 58.32
CA THR F 33 -13.92 -3.10 59.72
C THR F 33 -14.28 -4.47 60.27
N GLN F 34 -13.68 -4.83 61.41
CA GLN F 34 -14.00 -6.08 62.08
C GLN F 34 -15.00 -5.78 63.20
N THR F 35 -16.24 -6.26 63.04
CA THR F 35 -17.30 -5.84 63.96
C THR F 35 -17.10 -6.37 65.37
N PRO F 36 -17.00 -7.69 65.61
CA PRO F 36 -16.91 -8.16 67.00
C PRO F 36 -15.57 -7.87 67.64
N ALA F 37 -15.53 -6.93 68.58
CA ALA F 37 -14.29 -6.58 69.24
C ALA F 37 -13.74 -7.75 70.05
N SER F 38 -14.60 -8.46 70.76
CA SER F 38 -14.18 -9.61 71.55
C SER F 38 -15.36 -10.55 71.74
N VAL F 39 -15.13 -11.83 71.55
CA VAL F 39 -16.16 -12.86 71.66
C VAL F 39 -15.69 -13.94 72.60
N SER F 40 -16.57 -14.35 73.52
CA SER F 40 -16.31 -15.46 74.43
C SER F 40 -17.43 -16.48 74.28
N GLU F 41 -17.05 -17.76 74.22
CA GLU F 41 -18.00 -18.83 74.03
C GLU F 41 -17.49 -20.09 74.71
N PRO F 42 -18.34 -20.81 75.43
CA PRO F 42 -17.91 -22.08 76.03
C PRO F 42 -17.58 -23.12 74.97
N VAL F 43 -16.68 -24.02 75.32
CA VAL F 43 -16.23 -25.07 74.40
C VAL F 43 -17.39 -25.98 74.02
N VAL F 47 -19.00 -19.59 67.39
CA VAL F 47 -18.18 -18.40 67.20
C VAL F 47 -18.36 -17.86 65.78
N THR F 48 -18.70 -16.57 65.69
CA THR F 48 -18.91 -15.90 64.41
C THR F 48 -18.11 -14.62 64.38
N ILE F 49 -17.33 -14.41 63.32
CA ILE F 49 -16.54 -13.21 63.12
C ILE F 49 -17.03 -12.53 61.86
N LYS F 50 -17.24 -11.21 61.93
CA LYS F 50 -17.80 -10.44 60.83
C LYS F 50 -16.74 -9.48 60.30
N CYS F 51 -16.56 -9.46 58.98
CA CYS F 51 -15.63 -8.54 58.33
C CYS F 51 -16.39 -7.76 57.28
N GLN F 52 -16.38 -6.44 57.39
CA GLN F 52 -17.13 -5.55 56.52
C GLN F 52 -16.19 -4.73 55.66
N ALA F 53 -16.51 -4.64 54.37
CA ALA F 53 -15.71 -3.93 53.39
C ALA F 53 -16.45 -2.69 52.93
N SER F 54 -15.72 -1.58 52.79
CA SER F 54 -16.33 -0.33 52.35
C SER F 54 -16.85 -0.44 50.92
N GLN F 55 -16.06 -1.03 50.03
CA GLN F 55 -16.46 -1.21 48.64
C GLN F 55 -16.76 -2.69 48.38
N SER F 56 -17.25 -2.96 47.17
CA SER F 56 -17.54 -4.32 46.74
C SER F 56 -16.26 -4.94 46.20
N ILE F 57 -15.75 -5.95 46.89
CA ILE F 57 -14.48 -6.57 46.56
C ILE F 57 -14.68 -8.00 46.06
N GLY F 58 -15.87 -8.33 45.58
CA GLY F 58 -16.13 -9.67 45.09
C GLY F 58 -15.99 -10.69 46.20
N SER F 59 -15.11 -11.66 45.99
CA SER F 59 -14.84 -12.70 46.98
C SER F 59 -13.35 -12.80 47.30
N ASN F 60 -12.65 -11.66 47.27
CA ASN F 60 -11.21 -11.62 47.51
C ASN F 60 -10.99 -11.29 48.99
N LEU F 61 -10.96 -12.32 49.82
CA LEU F 61 -10.74 -12.16 51.25
C LEU F 61 -9.88 -13.31 51.77
N ALA F 62 -9.11 -13.03 52.80
CA ALA F 62 -8.28 -14.04 53.45
C ALA F 62 -8.42 -13.93 54.96
N TRP F 63 -8.33 -15.08 55.63
CA TRP F 63 -8.41 -15.16 57.07
C TRP F 63 -7.09 -15.64 57.64
N TYR F 64 -6.69 -15.06 58.78
CA TYR F 64 -5.45 -15.44 59.45
C TYR F 64 -5.69 -15.64 60.94
N GLN F 65 -4.96 -16.58 61.51
CA GLN F 65 -4.96 -16.85 62.94
C GLN F 65 -3.56 -16.64 63.48
N GLN F 66 -3.44 -15.84 64.53
CA GLN F 66 -2.14 -15.50 65.12
C GLN F 66 -2.18 -15.81 66.61
N LYS F 67 -1.74 -17.02 66.98
CA LYS F 67 -1.52 -17.33 68.38
C LYS F 67 -0.38 -16.49 68.92
N PRO F 68 -0.42 -16.11 70.20
CA PRO F 68 0.64 -15.27 70.75
C PRO F 68 2.01 -15.94 70.64
N GLY F 69 3.02 -15.14 70.33
CA GLY F 69 4.35 -15.67 70.13
C GLY F 69 4.58 -16.40 68.83
N GLN F 70 3.64 -16.32 67.90
CA GLN F 70 3.74 -17.01 66.62
C GLN F 70 3.34 -16.06 65.50
N PRO F 71 3.90 -16.24 64.31
CA PRO F 71 3.44 -15.48 63.15
C PRO F 71 2.05 -15.92 62.72
N PRO F 72 1.30 -15.07 62.03
CA PRO F 72 -0.04 -15.47 61.58
C PRO F 72 0.00 -16.66 60.64
N LYS F 73 -1.01 -17.51 60.74
CA LYS F 73 -1.12 -18.72 59.93
C LYS F 73 -2.33 -18.60 59.02
N LEU F 74 -2.14 -18.96 57.75
CA LEU F 74 -3.23 -18.91 56.79
C LEU F 74 -4.30 -19.94 57.14
N LEU F 75 -5.56 -19.52 57.09
CA LEU F 75 -6.68 -20.45 57.28
C LEU F 75 -7.54 -20.56 56.03
N ILE F 76 -8.07 -19.44 55.52
CA ILE F 76 -8.98 -19.43 54.38
C ILE F 76 -8.49 -18.39 53.39
N TYR F 77 -8.49 -18.75 52.11
CA TYR F 77 -8.21 -17.81 51.04
C TYR F 77 -9.34 -17.88 50.01
N ALA F 78 -9.51 -16.79 49.26
CA ALA F 78 -10.63 -16.60 48.34
C ALA F 78 -11.97 -16.62 49.06
N ALA F 79 -11.95 -16.42 50.38
CA ALA F 79 -13.12 -16.26 51.22
C ALA F 79 -13.95 -17.53 51.35
N SER F 80 -13.60 -18.58 50.61
CA SER F 80 -14.32 -19.84 50.72
C SER F 80 -13.44 -21.08 50.73
N THR F 81 -12.16 -20.99 50.35
CA THR F 81 -11.32 -22.16 50.14
C THR F 81 -10.44 -22.40 51.35
N LEU F 82 -10.52 -23.60 51.90
CA LEU F 82 -9.67 -23.96 53.03
C LEU F 82 -8.26 -24.29 52.55
N ALA F 83 -7.27 -23.98 53.38
CA ALA F 83 -5.88 -24.25 53.05
C ALA F 83 -5.60 -25.75 53.03
N ARG F 89 -13.05 -27.38 60.69
CA ARG F 89 -13.90 -26.64 61.61
C ARG F 89 -14.04 -25.18 61.19
N PHE F 90 -12.94 -24.60 60.72
CA PHE F 90 -12.94 -23.22 60.26
C PHE F 90 -13.64 -23.14 58.92
N LYS F 91 -14.83 -22.55 58.91
CA LYS F 91 -15.60 -22.37 57.69
C LYS F 91 -15.91 -20.89 57.51
N GLY F 92 -16.08 -20.47 56.26
CA GLY F 92 -16.32 -19.06 55.99
C GLY F 92 -17.13 -18.87 54.73
N SER F 93 -17.77 -17.71 54.64
CA SER F 93 -18.58 -17.36 53.48
C SER F 93 -18.71 -15.85 53.43
N GLY F 94 -19.50 -15.38 52.48
CA GLY F 94 -19.73 -13.95 52.31
C GLY F 94 -19.38 -13.50 50.90
N SER F 95 -19.87 -12.32 50.54
CA SER F 95 -19.67 -11.79 49.20
C SER F 95 -20.09 -10.33 49.16
N GLY F 96 -19.51 -9.59 48.23
CA GLY F 96 -19.84 -8.19 48.08
C GLY F 96 -19.07 -7.31 49.04
N THR F 97 -19.72 -6.91 50.12
CA THR F 97 -19.09 -6.09 51.14
C THR F 97 -19.10 -6.73 52.53
N GLU F 98 -19.78 -7.86 52.70
CA GLU F 98 -19.91 -8.51 54.01
C GLU F 98 -19.38 -9.93 53.91
N PHE F 99 -18.56 -10.34 54.88
CA PHE F 99 -18.08 -11.70 54.96
C PHE F 99 -18.14 -12.18 56.41
N THR F 100 -18.34 -13.49 56.58
CA THR F 100 -18.48 -14.09 57.89
C THR F 100 -17.60 -15.33 58.00
N LEU F 101 -17.14 -15.59 59.21
CA LEU F 101 -16.29 -16.74 59.52
C LEU F 101 -16.88 -17.44 60.73
N THR F 102 -17.32 -18.68 60.55
CA THR F 102 -17.83 -19.50 61.64
C THR F 102 -16.82 -20.58 61.97
N ILE F 103 -16.48 -20.69 63.25
CA ILE F 103 -15.53 -21.69 63.70
C ILE F 103 -16.27 -22.93 64.18
N ASP F 110 -7.84 -22.98 70.37
CA ASP F 110 -8.28 -22.13 69.29
C ASP F 110 -8.47 -20.70 69.75
N ALA F 111 -7.60 -20.25 70.66
CA ALA F 111 -7.65 -18.90 71.22
C ALA F 111 -6.53 -18.09 70.60
N ALA F 112 -6.89 -17.10 69.78
CA ALA F 112 -5.93 -16.25 69.11
C ALA F 112 -6.64 -14.99 68.65
N THR F 113 -5.91 -14.14 67.93
CA THR F 113 -6.43 -12.89 67.38
C THR F 113 -6.54 -13.07 65.86
N TYR F 114 -7.77 -13.28 65.39
CA TYR F 114 -8.00 -13.51 63.98
C TYR F 114 -7.95 -12.20 63.19
N TYR F 115 -7.73 -12.32 61.89
CA TYR F 115 -7.60 -11.16 61.01
C TYR F 115 -8.24 -11.46 59.66
N CYS F 116 -8.84 -10.45 59.06
CA CYS F 116 -9.37 -10.53 57.70
C CYS F 116 -8.64 -9.53 56.82
N GLN F 117 -8.16 -9.99 55.67
CA GLN F 117 -7.40 -9.17 54.74
C GLN F 117 -8.08 -9.17 53.39
N CYS F 118 -7.99 -8.02 52.71
CA CYS F 118 -8.55 -7.85 51.37
C CYS F 118 -7.46 -8.02 50.33
N THR F 119 -7.76 -8.76 49.27
CA THR F 119 -6.83 -9.07 48.19
C THR F 119 -7.42 -8.68 46.85
N TYR F 120 -7.99 -7.47 46.79
CA TYR F 120 -8.66 -7.01 45.58
C TYR F 120 -7.72 -6.31 44.61
N TYR F 121 -6.69 -5.63 45.09
CA TYR F 121 -5.78 -4.90 44.25
C TYR F 121 -4.54 -5.74 43.95
N ASP F 122 -3.64 -5.18 43.14
CA ASP F 122 -2.43 -5.89 42.75
C ASP F 122 -1.41 -5.85 43.89
N SER F 123 -0.30 -6.56 43.68
CA SER F 123 0.72 -6.71 44.71
C SER F 123 1.65 -5.50 44.81
N SER F 124 1.67 -4.62 43.81
CA SER F 124 2.48 -3.42 43.86
C SER F 124 1.80 -2.26 44.57
N TYR F 125 0.51 -2.39 44.88
CA TYR F 125 -0.22 -1.37 45.62
C TYR F 125 -0.21 -1.77 47.09
N VAL F 126 0.51 -0.99 47.90
CA VAL F 126 0.72 -1.29 49.30
C VAL F 126 -0.05 -0.29 50.16
N TYR F 127 -0.82 -0.81 51.10
CA TYR F 127 -1.61 0.02 52.01
C TYR F 127 -2.03 -0.83 53.19
N ASN F 128 -2.70 -0.20 54.15
CA ASN F 128 -3.17 -0.90 55.35
C ASN F 128 -4.42 -1.70 54.97
N ASN F 129 -4.20 -2.92 54.50
CA ASN F 129 -5.28 -3.79 54.07
C ASN F 129 -5.65 -4.84 55.10
N PHE F 130 -5.14 -4.71 56.33
CA PHE F 130 -5.39 -5.69 57.38
C PHE F 130 -6.52 -5.22 58.29
N GLY F 131 -7.06 -6.18 59.05
CA GLY F 131 -8.15 -5.91 59.96
C GLY F 131 -7.66 -5.55 61.35
N GLY F 132 -8.60 -5.07 62.17
CA GLY F 132 -8.26 -4.67 63.53
C GLY F 132 -7.85 -5.85 64.40
N GLY F 133 -8.58 -6.95 64.31
CA GLY F 133 -8.26 -8.13 65.10
C GLY F 133 -9.32 -8.46 66.13
N THR F 134 -9.71 -9.74 66.18
CA THR F 134 -10.72 -10.22 67.13
C THR F 134 -10.14 -11.38 67.92
N GLU F 135 -10.27 -11.31 69.25
CA GLU F 135 -9.78 -12.35 70.15
C GLU F 135 -10.93 -13.23 70.62
N VAL F 136 -10.66 -14.52 70.73
CA VAL F 136 -11.65 -15.52 71.11
C VAL F 136 -11.14 -16.26 72.34
N VAL F 137 -11.98 -16.38 73.35
CA VAL F 137 -11.61 -17.09 74.58
C VAL F 137 -12.36 -18.42 74.67
N SER G 2 -5.81 24.52 18.02
CA SER G 2 -6.85 24.03 17.13
C SER G 2 -6.72 24.68 15.75
N ILE G 3 -7.38 24.10 14.75
CA ILE G 3 -7.32 24.58 13.38
C ILE G 3 -8.08 25.90 13.29
N PRO G 4 -7.45 26.98 12.87
CA PRO G 4 -8.17 28.26 12.73
C PRO G 4 -9.23 28.17 11.64
N LEU G 5 -10.32 28.91 11.84
CA LEU G 5 -11.42 28.95 10.90
C LEU G 5 -11.68 30.41 10.50
N GLY G 6 -11.69 30.67 9.20
CA GLY G 6 -11.89 32.03 8.71
C GLY G 6 -13.36 32.33 8.51
N VAL G 7 -13.78 33.51 8.95
CA VAL G 7 -15.15 33.98 8.83
C VAL G 7 -15.14 35.24 7.99
N ILE G 8 -16.00 35.28 6.97
CA ILE G 8 -16.12 36.42 6.06
C ILE G 8 -17.36 37.20 6.47
N HIS G 9 -17.17 38.43 6.93
CA HIS G 9 -18.24 39.31 7.33
C HIS G 9 -17.96 40.71 6.80
N ASN G 10 -18.96 41.29 6.14
CA ASN G 10 -18.84 42.61 5.53
C ASN G 10 -17.64 42.69 4.60
N SER G 11 -17.43 41.62 3.83
CA SER G 11 -16.29 41.52 2.90
C SER G 11 -14.96 41.70 3.62
N THR G 12 -14.90 41.24 4.87
CA THR G 12 -13.68 41.26 5.66
C THR G 12 -13.45 39.88 6.26
N LEU G 13 -12.19 39.48 6.35
CA LEU G 13 -11.81 38.17 6.87
C LEU G 13 -11.35 38.30 8.31
N GLN G 14 -11.85 37.41 9.17
CA GLN G 14 -11.44 37.41 10.56
C GLN G 14 -11.29 35.96 11.04
N VAL G 15 -10.54 35.79 12.12
CA VAL G 15 -10.31 34.47 12.69
C VAL G 15 -11.36 34.21 13.76
N SER G 16 -12.03 33.07 13.67
CA SER G 16 -13.05 32.72 14.65
C SER G 16 -12.43 32.58 16.03
N ASP G 17 -13.12 33.11 17.03
CA ASP G 17 -12.66 33.10 18.42
C ASP G 17 -13.40 32.00 19.18
N VAL G 18 -12.65 31.02 19.68
CA VAL G 18 -13.27 29.86 20.31
C VAL G 18 -13.89 30.24 21.65
N ASP G 19 -13.20 31.03 22.47
CA ASP G 19 -13.70 31.33 23.81
C ASP G 19 -14.86 32.33 23.77
N LYS G 20 -14.76 33.35 22.91
CA LYS G 20 -15.81 34.36 22.81
C LYS G 20 -16.83 33.91 21.77
N LEU G 21 -18.06 33.69 22.21
CA LEU G 21 -19.14 33.28 21.32
C LEU G 21 -19.67 34.50 20.60
N VAL G 22 -19.39 34.61 19.31
CA VAL G 22 -19.86 35.73 18.49
C VAL G 22 -21.25 35.38 17.98
N CYS G 23 -22.25 36.14 18.44
CA CYS G 23 -23.64 35.81 18.12
C CYS G 23 -23.99 36.12 16.67
N ARG G 24 -23.41 37.18 16.10
CA ARG G 24 -23.79 37.59 14.76
C ARG G 24 -23.39 36.58 13.70
N ASP G 25 -22.40 35.73 14.00
CA ASP G 25 -22.00 34.69 13.05
C ASP G 25 -23.13 33.69 12.87
N LYS G 26 -23.44 33.38 11.61
CA LYS G 26 -24.57 32.52 11.28
C LYS G 26 -24.12 31.44 10.30
N LEU G 27 -24.55 30.20 10.56
CA LEU G 27 -24.26 29.06 9.69
C LEU G 27 -25.55 28.29 9.48
N SER G 28 -26.12 28.40 8.28
CA SER G 28 -27.42 27.78 8.01
C SER G 28 -27.30 26.36 7.49
N SER G 29 -26.28 26.06 6.69
CA SER G 29 -26.12 24.74 6.12
C SER G 29 -24.65 24.47 5.85
N THR G 30 -24.32 23.19 5.65
CA THR G 30 -22.95 22.79 5.41
C THR G 30 -22.42 23.26 4.06
N ASN G 31 -23.29 23.76 3.18
CA ASN G 31 -22.81 24.31 1.91
C ASN G 31 -21.91 25.52 2.13
N GLN G 32 -22.12 26.27 3.21
CA GLN G 32 -21.32 27.46 3.46
C GLN G 32 -19.89 27.11 3.84
N LEU G 33 -19.69 25.98 4.52
CA LEU G 33 -18.34 25.55 4.86
C LEU G 33 -17.58 25.19 3.60
N ARG G 34 -16.32 25.61 3.53
CA ARG G 34 -15.51 25.38 2.35
C ARG G 34 -14.05 25.23 2.73
N SER G 35 -13.29 24.50 1.91
CA SER G 35 -11.84 24.40 2.03
C SER G 35 -11.22 24.71 0.68
N VAL G 36 -10.22 25.58 0.67
CA VAL G 36 -9.62 26.10 -0.55
C VAL G 36 -8.11 25.96 -0.47
N GLY G 37 -7.50 25.55 -1.58
CA GLY G 37 -6.06 25.43 -1.66
C GLY G 37 -5.47 26.55 -2.49
N LEU G 38 -4.39 27.15 -1.98
CA LEU G 38 -3.73 28.27 -2.62
C LEU G 38 -2.28 27.94 -2.90
N ASN G 39 -1.82 28.25 -4.10
CA ASN G 39 -0.44 27.98 -4.47
C ASN G 39 0.52 28.91 -3.73
N LEU G 40 1.76 28.45 -3.59
CA LEU G 40 2.80 29.27 -2.96
C LEU G 40 3.29 30.37 -3.88
N GLU G 41 3.17 30.21 -5.20
CA GLU G 41 3.65 31.22 -6.13
C GLU G 41 2.90 32.54 -5.99
N GLY G 42 1.75 32.54 -5.31
CA GLY G 42 1.04 33.77 -5.03
C GLY G 42 1.67 34.62 -3.95
N ASN G 43 2.67 34.08 -3.25
CA ASN G 43 3.40 34.84 -2.23
C ASN G 43 4.71 35.41 -2.76
N GLY G 44 4.99 35.27 -4.05
CA GLY G 44 6.21 35.79 -4.62
C GLY G 44 7.45 34.99 -4.25
N VAL G 45 7.46 33.71 -4.61
CA VAL G 45 8.60 32.85 -4.34
C VAL G 45 9.15 32.33 -5.67
N ALA G 46 10.43 31.95 -5.64
CA ALA G 46 11.08 31.46 -6.84
C ALA G 46 10.39 30.20 -7.35
N THR G 47 10.21 30.12 -8.67
CA THR G 47 9.47 29.04 -9.29
C THR G 47 10.28 28.22 -10.27
N ASP G 48 11.49 28.65 -10.64
CA ASP G 48 12.32 27.87 -11.55
C ASP G 48 12.75 26.57 -10.87
N VAL G 49 12.99 25.56 -11.71
CA VAL G 49 13.33 24.22 -11.18
C VAL G 49 14.55 24.24 -10.27
N PRO G 50 15.67 24.89 -10.61
CA PRO G 50 16.83 24.87 -9.70
C PRO G 50 16.52 25.40 -8.31
N SER G 51 15.67 26.41 -8.20
CA SER G 51 15.30 26.94 -6.89
C SER G 51 14.13 26.18 -6.27
N ALA G 52 13.24 25.62 -7.09
CA ALA G 52 12.10 24.90 -6.56
C ALA G 52 12.51 23.57 -5.94
N THR G 53 13.38 22.82 -6.61
CA THR G 53 13.73 21.48 -6.15
C THR G 53 14.54 21.47 -4.87
N LYS G 54 15.05 22.63 -4.43
CA LYS G 54 15.83 22.69 -3.20
C LYS G 54 14.97 22.88 -1.96
N ARG G 55 13.64 22.94 -2.11
CA ARG G 55 12.74 23.02 -0.97
C ARG G 55 12.19 21.66 -0.56
N TRP G 56 12.63 20.59 -1.22
CA TRP G 56 12.15 19.24 -0.93
C TRP G 56 13.31 18.36 -0.50
N GLY G 57 13.07 17.53 0.52
CA GLY G 57 14.09 16.66 1.04
C GLY G 57 13.58 15.23 1.14
N PHE G 58 14.51 14.33 1.45
CA PHE G 58 14.20 12.91 1.59
C PHE G 58 14.34 12.48 3.04
N ARG G 59 13.43 11.62 3.48
CA ARG G 59 13.45 11.16 4.86
C ARG G 59 12.79 9.79 4.95
N SER G 60 13.05 9.11 6.06
CA SER G 60 12.46 7.80 6.33
C SER G 60 12.02 7.75 7.79
N GLY G 61 10.88 7.12 8.04
CA GLY G 61 10.35 6.99 9.39
C GLY G 61 9.09 7.79 9.67
N VAL G 62 8.48 8.40 8.65
CA VAL G 62 7.26 9.18 8.82
C VAL G 62 6.24 8.68 7.81
N PRO G 63 5.07 8.20 8.25
CA PRO G 63 4.04 7.78 7.30
C PRO G 63 3.39 8.98 6.63
N PRO G 64 3.07 8.87 5.34
CA PRO G 64 2.44 9.99 4.64
C PRO G 64 0.95 10.10 4.95
N LYS G 65 0.46 11.33 4.89
CA LYS G 65 -0.95 11.63 5.16
C LYS G 65 -1.50 12.50 4.04
N VAL G 66 -2.81 12.37 3.81
CA VAL G 66 -3.50 13.07 2.72
C VAL G 66 -4.79 13.65 3.27
N VAL G 67 -5.09 14.89 2.88
CA VAL G 67 -6.33 15.56 3.26
C VAL G 67 -6.93 16.23 2.02
N ASN G 68 -8.25 16.25 1.94
CA ASN G 68 -8.92 16.77 0.76
C ASN G 68 -9.11 18.28 0.85
N TYR G 69 -9.34 18.89 -0.31
CA TYR G 69 -9.79 20.26 -0.41
C TYR G 69 -10.75 20.36 -1.59
N GLU G 70 -11.66 21.33 -1.51
CA GLU G 70 -12.78 21.39 -2.44
C GLU G 70 -12.61 22.41 -3.55
N ALA G 71 -11.70 23.37 -3.41
CA ALA G 71 -11.48 24.38 -4.44
C ALA G 71 -10.02 24.74 -4.49
N GLY G 72 -9.56 25.18 -5.66
CA GLY G 72 -8.17 25.50 -5.87
C GLY G 72 -8.01 26.74 -6.71
N GLU G 73 -6.75 27.09 -6.96
CA GLU G 73 -6.38 28.25 -7.73
C GLU G 73 -5.61 27.80 -8.98
N TRP G 74 -5.84 28.48 -10.10
CA TRP G 74 -5.11 28.17 -11.32
C TRP G 74 -3.63 28.36 -11.09
N ALA G 75 -2.84 27.36 -11.48
CA ALA G 75 -1.41 27.34 -11.26
C ALA G 75 -0.67 27.55 -12.57
N GLU G 76 0.33 28.43 -12.53
CA GLU G 76 1.16 28.68 -13.70
C GLU G 76 2.31 27.70 -13.83
N ASN G 77 2.82 27.19 -12.71
CA ASN G 77 3.94 26.26 -12.70
C ASN G 77 3.54 24.99 -11.96
N CYS G 78 3.80 23.84 -12.58
CA CYS G 78 3.56 22.55 -11.97
C CYS G 78 4.74 21.65 -12.28
N TYR G 79 4.94 20.63 -11.44
CA TYR G 79 6.12 19.79 -11.52
C TYR G 79 5.73 18.32 -11.61
N ASN G 80 6.58 17.56 -12.30
CA ASN G 80 6.35 16.13 -12.52
C ASN G 80 7.71 15.44 -12.44
N LEU G 81 7.90 14.59 -11.42
CA LEU G 81 9.21 14.06 -11.09
C LEU G 81 9.29 12.56 -11.37
N GLU G 82 10.45 12.13 -11.87
CA GLU G 82 10.74 10.72 -12.07
C GLU G 82 12.23 10.54 -11.79
N ILE G 83 12.57 9.94 -10.65
CA ILE G 83 13.94 9.85 -10.18
C ILE G 83 14.32 8.39 -10.00
N LYS G 84 15.51 8.03 -10.44
CA LYS G 84 16.04 6.68 -10.35
C LYS G 84 17.30 6.66 -9.49
N LYS G 85 17.47 5.59 -8.72
CA LYS G 85 18.72 5.37 -8.02
C LYS G 85 19.80 4.96 -9.01
N PRO G 86 21.08 5.14 -8.65
CA PRO G 86 22.16 4.80 -9.59
C PRO G 86 22.13 3.37 -10.09
N ASP G 87 21.70 2.41 -9.26
CA ASP G 87 21.62 1.03 -9.71
C ASP G 87 20.49 0.82 -10.70
N GLY G 88 19.43 1.62 -10.62
CA GLY G 88 18.35 1.52 -11.58
C GLY G 88 16.97 1.44 -10.95
N SER G 89 16.90 1.38 -9.64
CA SER G 89 15.63 1.25 -8.95
C SER G 89 14.86 2.59 -9.00
N GLU G 90 13.70 2.60 -8.37
CA GLU G 90 12.84 3.78 -8.34
C GLU G 90 12.79 4.35 -6.94
N CYS G 91 12.87 5.68 -6.85
CA CYS G 91 12.87 6.36 -5.55
C CYS G 91 11.47 6.73 -5.09
N LEU G 92 10.72 7.43 -5.93
CA LEU G 92 9.39 7.91 -5.56
C LEU G 92 8.39 6.77 -5.59
N PRO G 93 7.51 6.68 -4.59
CA PRO G 93 6.49 5.62 -4.59
C PRO G 93 5.47 5.84 -5.69
N ALA G 94 4.85 4.73 -6.10
CA ALA G 94 3.82 4.78 -7.12
C ALA G 94 2.59 5.50 -6.59
N ALA G 95 1.86 6.13 -7.50
CA ALA G 95 0.69 6.92 -7.11
C ALA G 95 -0.44 6.01 -6.68
N PRO G 96 -0.97 6.16 -5.47
CA PRO G 96 -2.11 5.33 -5.05
C PRO G 96 -3.35 5.65 -5.85
N ASP G 97 -4.30 4.72 -5.82
CA ASP G 97 -5.55 4.88 -6.56
C ASP G 97 -6.34 6.07 -6.02
N GLY G 98 -6.89 6.86 -6.94
CA GLY G 98 -7.63 8.06 -6.60
C GLY G 98 -6.81 9.34 -6.69
N ILE G 99 -5.50 9.23 -6.72
CA ILE G 99 -4.64 10.42 -6.85
C ILE G 99 -4.41 10.72 -8.32
N ARG G 100 -4.65 11.97 -8.70
CA ARG G 100 -4.48 12.42 -10.08
C ARG G 100 -3.75 13.75 -10.08
N GLY G 101 -3.28 14.15 -11.25
CA GLY G 101 -2.51 15.35 -11.38
C GLY G 101 -3.34 16.61 -11.18
N PHE G 102 -2.63 17.72 -11.01
CA PHE G 102 -3.31 19.00 -10.83
C PHE G 102 -4.11 19.33 -12.09
N PRO G 103 -5.35 19.79 -11.94
CA PRO G 103 -6.21 19.96 -13.13
C PRO G 103 -5.79 21.12 -14.02
N ARG G 104 -5.44 22.26 -13.44
CA ARG G 104 -5.18 23.49 -14.21
C ARG G 104 -3.72 23.89 -14.04
N CYS G 105 -2.91 23.62 -15.05
CA CYS G 105 -1.53 24.06 -15.08
C CYS G 105 -1.25 24.76 -16.40
N ARG G 106 -0.31 25.71 -16.39
CA ARG G 106 0.12 26.40 -17.60
C ARG G 106 1.42 25.83 -18.15
N TYR G 107 2.44 25.71 -17.31
CA TYR G 107 3.69 25.05 -17.66
C TYR G 107 3.92 23.89 -16.70
N VAL G 108 4.24 22.73 -17.25
CA VAL G 108 4.55 21.55 -16.46
C VAL G 108 6.02 21.23 -16.66
N HIS G 109 6.80 21.33 -15.59
CA HIS G 109 8.24 21.07 -15.66
C HIS G 109 8.47 19.60 -15.34
N LYS G 110 8.58 18.78 -16.38
CA LYS G 110 8.82 17.35 -16.23
C LYS G 110 10.32 17.12 -16.06
N VAL G 111 10.72 16.68 -14.87
CA VAL G 111 12.12 16.48 -14.54
C VAL G 111 12.36 15.00 -14.34
N SER G 112 13.32 14.45 -15.08
CA SER G 112 13.72 13.06 -14.94
C SER G 112 15.22 13.00 -14.75
N GLY G 113 15.66 12.26 -13.74
CA GLY G 113 17.08 12.20 -13.44
C GLY G 113 17.38 11.18 -12.37
N THR G 114 18.61 11.25 -11.86
CA THR G 114 19.10 10.32 -10.87
C THR G 114 19.59 11.06 -9.63
N GLY G 115 19.68 10.34 -8.52
CA GLY G 115 20.17 10.89 -7.28
C GLY G 115 20.42 9.82 -6.24
N PRO G 116 21.10 10.18 -5.15
CA PRO G 116 21.36 9.19 -4.09
C PRO G 116 20.10 8.61 -3.48
N CYS G 117 19.05 9.42 -3.34
CA CYS G 117 17.73 8.97 -2.88
C CYS G 117 17.83 8.32 -1.49
N ALA G 118 18.23 9.12 -0.51
CA ALA G 118 18.18 8.67 0.87
C ALA G 118 16.73 8.60 1.35
N GLY G 119 16.54 7.97 2.50
CA GLY G 119 15.20 7.92 3.05
C GLY G 119 14.23 7.09 2.21
N ASP G 120 12.95 7.30 2.49
CA ASP G 120 11.88 6.60 1.81
C ASP G 120 10.88 7.51 1.11
N PHE G 121 10.66 8.72 1.61
CA PHE G 121 9.66 9.62 1.04
C PHE G 121 10.26 11.02 0.89
N ALA G 122 9.67 11.80 -0.01
CA ALA G 122 10.09 13.16 -0.29
C ALA G 122 9.12 14.13 0.36
N PHE G 123 9.58 14.82 1.39
CA PHE G 123 8.78 15.79 2.12
C PHE G 123 9.15 17.21 1.72
N HIS G 124 8.28 18.15 2.06
CA HIS G 124 8.51 19.56 1.84
C HIS G 124 9.24 20.14 3.05
N LYS G 125 10.36 20.80 2.80
CA LYS G 125 11.18 21.31 3.90
C LYS G 125 10.51 22.46 4.64
N GLU G 126 9.63 23.21 3.98
CA GLU G 126 8.97 24.34 4.62
C GLU G 126 7.66 23.97 5.30
N GLY G 127 7.19 22.73 5.14
CA GLY G 127 5.96 22.30 5.76
C GLY G 127 4.72 22.45 4.92
N ALA G 128 4.85 22.82 3.65
CA ALA G 128 3.70 23.01 2.79
C ALA G 128 3.18 21.66 2.30
N PHE G 129 2.23 21.69 1.36
CA PHE G 129 1.61 20.48 0.83
C PHE G 129 1.80 20.42 -0.68
N PHE G 130 1.70 19.21 -1.22
CA PHE G 130 1.63 18.99 -2.65
C PHE G 130 0.18 18.77 -3.02
N LEU G 131 -0.37 19.66 -3.85
CA LEU G 131 -1.82 19.82 -3.93
C LEU G 131 -2.50 18.64 -4.62
N TYR G 132 -1.96 18.21 -5.75
CA TYR G 132 -2.57 17.12 -6.56
C TYR G 132 -3.97 17.56 -6.95
N ASP G 133 -4.91 16.62 -7.11
CA ASP G 133 -6.28 16.93 -7.55
C ASP G 133 -7.23 16.70 -6.38
N ARG G 134 -7.61 17.79 -5.71
CA ARG G 134 -8.53 17.78 -4.58
C ARG G 134 -8.04 16.87 -3.45
N LEU G 135 -6.75 16.56 -3.42
CA LEU G 135 -6.18 15.70 -2.38
C LEU G 135 -4.74 16.16 -2.13
N ALA G 136 -4.59 17.06 -1.16
CA ALA G 136 -3.28 17.56 -0.79
C ALA G 136 -2.57 16.54 0.09
N SER G 137 -1.38 16.13 -0.34
CA SER G 137 -0.57 15.15 0.37
C SER G 137 0.71 15.82 0.89
N THR G 138 1.44 15.09 1.73
CA THR G 138 2.69 15.57 2.28
C THR G 138 3.91 14.95 1.63
N VAL G 139 3.73 14.13 0.60
CA VAL G 139 4.83 13.46 -0.09
C VAL G 139 4.62 13.58 -1.59
N ILE G 140 5.67 13.29 -2.34
CA ILE G 140 5.66 13.35 -3.80
C ILE G 140 5.46 11.94 -4.34
N TYR G 141 4.56 11.80 -5.30
CA TYR G 141 4.32 10.54 -5.98
C TYR G 141 4.96 10.55 -7.35
N ARG G 142 5.32 9.37 -7.85
CA ARG G 142 6.06 9.27 -9.09
C ARG G 142 5.15 9.55 -10.29
N GLY G 143 5.61 10.45 -11.16
CA GLY G 143 4.92 10.73 -12.41
C GLY G 143 3.52 11.30 -12.25
N THR G 144 3.34 12.19 -11.28
CA THR G 144 2.05 12.84 -11.07
C THR G 144 2.25 14.34 -10.96
N THR G 145 1.45 15.09 -11.71
CA THR G 145 1.57 16.55 -11.70
C THR G 145 1.04 17.11 -10.39
N PHE G 146 1.80 18.02 -9.78
CA PHE G 146 1.41 18.62 -8.52
C PHE G 146 1.81 20.10 -8.52
N ALA G 147 1.49 20.78 -7.42
CA ALA G 147 1.83 22.18 -7.25
C ALA G 147 1.84 22.48 -5.75
N GLU G 148 2.91 23.11 -5.27
CA GLU G 148 3.01 23.41 -3.85
C GLU G 148 1.95 24.41 -3.44
N GLY G 149 1.31 24.14 -2.30
CA GLY G 149 0.24 25.01 -1.84
C GLY G 149 -0.12 24.73 -0.40
N VAL G 150 -1.04 25.54 0.12
CA VAL G 150 -1.50 25.45 1.49
C VAL G 150 -3.03 25.49 1.49
N VAL G 151 -3.64 24.85 2.49
CA VAL G 151 -5.08 24.69 2.57
C VAL G 151 -5.64 25.59 3.66
N ALA G 152 -6.76 26.25 3.37
CA ALA G 152 -7.45 27.12 4.32
C ALA G 152 -8.92 26.74 4.38
N PHE G 153 -9.54 26.98 5.53
CA PHE G 153 -10.93 26.66 5.78
C PHE G 153 -11.72 27.94 6.00
N LEU G 154 -12.93 28.00 5.44
CA LEU G 154 -13.73 29.21 5.43
C LEU G 154 -15.21 28.89 5.67
N ILE G 155 -15.91 29.89 6.18
CA ILE G 155 -17.37 29.89 6.24
C ILE G 155 -17.84 30.92 5.23
N LEU G 156 -18.44 30.45 4.14
CA LEU G 156 -18.84 31.35 3.07
C LEU G 156 -19.98 32.25 3.54
N PRO G 157 -20.05 33.49 3.06
CA PRO G 157 -21.15 34.37 3.46
C PRO G 157 -22.50 33.83 2.99
N GLN G 158 -23.53 34.12 3.78
CA GLN G 158 -24.89 33.70 3.42
C GLN G 158 -25.40 34.52 2.24
N ALA G 159 -25.52 33.88 1.08
CA ALA G 159 -25.99 34.56 -0.12
C ALA G 159 -27.35 34.05 -0.54
N GLY G 182 -8.44 29.54 -23.90
CA GLY G 182 -8.89 28.39 -23.13
C GLY G 182 -7.80 27.77 -22.29
N TYR G 183 -8.04 26.54 -21.82
CA TYR G 183 -7.06 25.82 -21.02
C TYR G 183 -6.16 25.01 -21.95
N TYR G 184 -4.95 25.51 -22.18
CA TYR G 184 -3.94 24.81 -22.95
C TYR G 184 -2.67 24.74 -22.14
N SER G 185 -2.09 23.55 -22.05
CA SER G 185 -0.90 23.30 -21.23
C SER G 185 0.35 23.20 -22.11
N THR G 186 1.50 23.25 -21.45
CA THR G 186 2.78 23.15 -22.13
C THR G 186 3.74 22.40 -21.24
N THR G 187 4.44 21.40 -21.80
CA THR G 187 5.37 20.58 -21.05
C THR G 187 6.79 20.95 -21.41
N ILE G 188 7.61 21.21 -20.40
CA ILE G 188 9.02 21.50 -20.56
C ILE G 188 9.81 20.35 -19.95
N ARG G 189 10.82 19.86 -20.67
CA ARG G 189 11.52 18.65 -20.29
C ARG G 189 12.92 18.98 -19.79
N TYR G 190 13.25 18.49 -18.60
CA TYR G 190 14.53 18.71 -17.96
C TYR G 190 15.23 17.37 -17.71
N GLN G 191 16.50 17.46 -17.36
CA GLN G 191 17.28 16.29 -16.96
C GLN G 191 18.19 16.72 -15.83
N ALA G 192 18.18 15.96 -14.73
CA ALA G 192 18.89 16.35 -13.52
C ALA G 192 19.87 15.26 -13.12
N THR G 193 21.05 15.69 -12.69
CA THR G 193 22.06 14.78 -12.15
C THR G 193 22.39 15.22 -10.73
N GLY G 194 22.48 14.26 -9.82
CA GLY G 194 22.66 14.56 -8.42
C GLY G 194 21.44 15.19 -7.76
N PHE G 195 20.24 14.71 -8.10
CA PHE G 195 19.02 15.25 -7.51
C PHE G 195 18.98 14.99 -6.01
N GLY G 196 18.59 16.00 -5.24
CA GLY G 196 18.49 15.90 -3.81
C GLY G 196 19.72 16.38 -3.06
N THR G 197 20.86 16.50 -3.72
CA THR G 197 22.08 16.98 -3.10
C THR G 197 22.22 18.48 -3.33
N ASN G 198 23.25 19.05 -2.69
CA ASN G 198 23.51 20.48 -2.85
C ASN G 198 24.22 20.81 -4.15
N GLU G 199 24.79 19.82 -4.82
CA GLU G 199 25.44 19.99 -6.13
C GLU G 199 24.63 19.20 -7.15
N THR G 200 23.59 19.83 -7.68
CA THR G 200 22.72 19.23 -8.68
C THR G 200 22.86 20.00 -9.99
N GLU G 201 22.96 19.26 -11.09
CA GLU G 201 23.15 19.86 -12.41
C GLU G 201 21.92 19.61 -13.26
N TYR G 202 21.38 20.67 -13.85
CA TYR G 202 20.16 20.62 -14.63
C TYR G 202 20.45 20.95 -16.08
N LEU G 203 19.75 20.28 -16.99
CA LEU G 203 19.86 20.51 -18.42
C LEU G 203 18.46 20.57 -19.03
N PHE G 204 18.20 21.61 -19.80
CA PHE G 204 16.93 21.72 -20.52
C PHE G 204 17.04 20.97 -21.84
N GLU G 205 16.14 20.02 -22.08
CA GLU G 205 16.22 19.13 -23.23
C GLU G 205 15.41 19.71 -24.37
N VAL G 206 16.07 19.94 -25.51
CA VAL G 206 15.38 20.37 -26.73
C VAL G 206 15.19 19.22 -27.71
N ASP G 207 15.92 18.13 -27.54
CA ASP G 207 15.86 16.99 -28.46
C ASP G 207 16.44 15.79 -27.73
N ASN G 208 16.30 14.61 -28.35
CA ASN G 208 16.85 13.40 -27.77
C ASN G 208 18.37 13.46 -27.67
N LEU G 209 19.02 14.34 -28.44
CA LEU G 209 20.48 14.42 -28.47
C LEU G 209 21.03 15.78 -28.08
N THR G 210 20.25 16.85 -28.14
CA THR G 210 20.74 18.20 -27.91
C THR G 210 20.16 18.73 -26.60
N TYR G 211 21.02 19.35 -25.79
CA TYR G 211 20.64 19.89 -24.50
C TYR G 211 21.21 21.29 -24.34
N VAL G 212 20.63 22.06 -23.43
CA VAL G 212 21.10 23.40 -23.10
C VAL G 212 21.34 23.47 -21.60
N GLN G 213 22.50 23.99 -21.21
CA GLN G 213 22.76 24.18 -19.79
C GLN G 213 21.82 25.22 -19.21
N LEU G 214 21.28 24.94 -18.03
CA LEU G 214 20.18 25.70 -17.46
C LEU G 214 20.67 26.59 -16.33
N GLU G 215 20.22 27.84 -16.32
CA GLU G 215 20.48 28.78 -15.24
C GLU G 215 19.19 29.04 -14.47
N SER G 216 19.33 29.75 -13.35
CA SER G 216 18.20 30.07 -12.49
C SER G 216 17.60 31.44 -12.79
N ARG G 217 17.68 31.89 -14.04
CA ARG G 217 17.14 33.19 -14.42
C ARG G 217 16.32 33.14 -15.70
N PHE G 218 16.01 31.95 -16.20
CA PHE G 218 15.30 31.80 -17.47
C PHE G 218 13.83 31.53 -17.22
N THR G 219 12.97 32.37 -17.77
CA THR G 219 11.54 32.13 -17.74
C THR G 219 11.18 31.05 -18.75
N PRO G 220 10.06 30.34 -18.54
CA PRO G 220 9.68 29.28 -19.49
C PRO G 220 9.55 29.77 -20.92
N GLN G 221 9.03 30.98 -21.12
CA GLN G 221 8.93 31.53 -22.47
C GLN G 221 10.30 31.70 -23.10
N PHE G 222 11.29 32.12 -22.31
CA PHE G 222 12.65 32.23 -22.81
C PHE G 222 13.19 30.87 -23.23
N LEU G 223 12.88 29.82 -22.47
CA LEU G 223 13.30 28.48 -22.84
C LEU G 223 12.66 28.04 -24.15
N LEU G 224 11.36 28.35 -24.33
CA LEU G 224 10.69 28.02 -25.58
C LEU G 224 11.32 28.78 -26.75
N GLN G 225 11.66 30.05 -26.54
CA GLN G 225 12.33 30.81 -27.59
C GLN G 225 13.70 30.24 -27.92
N LEU G 226 14.43 29.78 -26.90
CA LEU G 226 15.71 29.13 -27.14
C LEU G 226 15.53 27.87 -27.98
N ASN G 227 14.53 27.07 -27.64
CA ASN G 227 14.17 25.90 -28.45
C ASN G 227 13.95 26.29 -29.91
N GLU G 228 13.08 27.28 -30.14
CA GLU G 228 12.74 27.65 -31.51
C GLU G 228 13.96 28.19 -32.26
N THR G 229 14.77 29.01 -31.59
CA THR G 229 15.97 29.54 -32.22
C THR G 229 16.95 28.44 -32.58
N ILE G 230 17.13 27.46 -31.70
CA ILE G 230 18.05 26.37 -31.97
C ILE G 230 17.57 25.56 -33.17
N TYR G 231 16.27 25.25 -33.22
CA TYR G 231 15.76 24.50 -34.38
C TYR G 231 15.90 25.29 -35.67
N THR G 232 15.55 26.58 -35.64
CA THR G 232 15.59 27.37 -36.88
C THR G 232 17.01 27.61 -37.34
N SER G 233 17.95 27.74 -36.40
CA SER G 233 19.35 27.99 -36.77
C SER G 233 20.09 26.72 -37.17
N GLY G 234 19.47 25.56 -37.08
CA GLY G 234 20.16 24.31 -37.42
C GLY G 234 21.29 23.97 -36.48
N LYS G 235 21.09 24.18 -35.17
CA LYS G 235 22.10 23.89 -34.18
C LYS G 235 21.96 22.50 -33.59
N ARG G 236 21.02 21.69 -34.08
CA ARG G 236 20.81 20.36 -33.53
C ARG G 236 22.00 19.46 -33.81
N SER G 237 22.19 18.48 -32.93
CA SER G 237 23.26 17.50 -33.11
C SER G 237 22.98 16.62 -34.31
N ASN G 238 24.03 16.38 -35.12
CA ASN G 238 23.93 15.51 -36.27
C ASN G 238 24.70 14.20 -36.10
N THR G 239 25.56 14.11 -35.11
CA THR G 239 26.34 12.90 -34.85
C THR G 239 25.57 11.99 -33.90
N THR G 240 26.20 10.89 -33.49
CA THR G 240 25.61 9.99 -32.49
C THR G 240 25.90 10.42 -31.07
N GLY G 241 26.79 11.39 -30.87
CA GLY G 241 27.09 11.89 -29.54
C GLY G 241 26.09 12.92 -29.09
N LYS G 242 26.42 13.55 -27.96
CA LYS G 242 25.58 14.57 -27.36
C LYS G 242 26.18 15.95 -27.58
N LEU G 243 25.32 16.96 -27.64
CA LEU G 243 25.74 18.35 -27.81
C LEU G 243 25.05 19.18 -26.75
N ILE G 244 25.83 19.94 -25.99
CA ILE G 244 25.33 20.77 -24.91
C ILE G 244 25.73 22.21 -25.19
N TRP G 245 24.74 23.07 -25.38
CA TRP G 245 25.00 24.48 -25.62
C TRP G 245 25.06 25.24 -24.30
N LYS G 246 25.54 26.48 -24.37
CA LYS G 246 25.67 27.33 -23.20
C LYS G 246 25.47 28.78 -23.63
N VAL G 247 24.34 29.37 -23.25
CA VAL G 247 24.06 30.74 -23.64
C VAL G 247 24.97 31.68 -22.86
N ASN G 248 25.57 32.64 -23.57
CA ASN G 248 26.46 33.58 -22.92
C ASN G 248 25.66 34.55 -22.04
N PRO G 249 26.26 35.03 -20.96
CA PRO G 249 25.50 35.86 -20.01
C PRO G 249 25.26 37.28 -20.50
N GLU G 250 26.20 37.84 -21.26
CA GLU G 250 26.11 39.25 -21.63
C GLU G 250 25.20 39.46 -22.83
N ILE G 251 25.54 38.84 -23.97
CA ILE G 251 24.78 39.06 -25.19
C ILE G 251 23.37 38.47 -25.06
N ASP G 252 23.26 37.30 -24.42
CA ASP G 252 22.02 36.61 -24.11
C ASP G 252 21.31 36.09 -25.36
N THR G 253 21.88 36.27 -26.56
CA THR G 253 21.29 35.74 -27.78
C THR G 253 22.26 34.92 -28.62
N THR G 254 23.52 34.83 -28.21
CA THR G 254 24.54 34.08 -28.95
C THR G 254 24.91 32.85 -28.11
N ILE G 255 24.31 31.72 -28.43
CA ILE G 255 24.57 30.49 -27.68
C ILE G 255 25.95 29.97 -28.05
N GLY G 256 26.77 29.73 -27.03
CA GLY G 256 28.10 29.19 -27.21
C GLY G 256 28.16 27.72 -26.83
N GLU G 257 29.38 27.24 -26.66
CA GLU G 257 29.59 25.84 -26.30
C GLU G 257 30.89 25.66 -25.52
N ALA H 1 -8.55 40.97 13.30
CA ALA H 1 -8.30 40.96 11.86
C ALA H 1 -7.00 40.22 11.55
N ILE H 2 -6.72 40.05 10.25
CA ILE H 2 -5.54 39.33 9.78
C ILE H 2 -4.71 40.28 8.94
N VAL H 3 -3.41 40.34 9.25
CA VAL H 3 -2.47 41.18 8.53
C VAL H 3 -1.54 40.27 7.72
N ASN H 4 -1.36 40.62 6.44
CA ASN H 4 -0.55 39.81 5.53
C ASN H 4 0.93 40.07 5.77
N ALA H 5 1.66 39.05 6.20
CA ALA H 5 3.09 39.14 6.45
C ALA H 5 3.92 38.52 5.34
N GLN H 6 3.28 38.09 4.25
CA GLN H 6 4.01 37.53 3.13
C GLN H 6 4.83 38.61 2.43
N PRO H 7 5.92 38.22 1.75
CA PRO H 7 6.71 39.24 1.02
C PRO H 7 5.90 39.98 -0.03
N LYS H 8 5.01 39.29 -0.75
CA LYS H 8 4.20 39.91 -1.79
C LYS H 8 2.86 39.20 -1.87
N CYS H 9 1.88 39.88 -2.45
CA CYS H 9 0.52 39.38 -2.53
C CYS H 9 -0.01 39.50 -3.94
N ASN H 10 -0.73 38.48 -4.41
CA ASN H 10 -1.42 38.54 -5.68
C ASN H 10 -2.89 38.83 -5.41
N PRO H 11 -3.41 40.01 -5.79
CA PRO H 11 -4.75 40.41 -5.35
C PRO H 11 -5.89 39.70 -6.03
N ASN H 12 -5.66 39.02 -7.16
CA ASN H 12 -6.71 38.36 -7.90
C ASN H 12 -6.60 36.85 -7.72
N LEU H 13 -7.75 36.21 -7.52
CA LEU H 13 -7.84 34.77 -7.30
C LEU H 13 -8.59 34.14 -8.46
N HIS H 14 -7.85 33.66 -9.45
CA HIS H 14 -8.44 32.96 -10.59
C HIS H 14 -8.56 31.49 -10.19
N TYR H 15 -9.78 31.08 -9.86
CA TYR H 15 -10.01 29.79 -9.20
C TYR H 15 -10.79 28.84 -10.08
N TRP H 16 -10.69 27.56 -9.73
CA TRP H 16 -11.50 26.50 -10.31
C TRP H 16 -12.17 25.73 -9.19
N THR H 17 -13.40 25.28 -9.44
CA THR H 17 -14.13 24.48 -8.48
C THR H 17 -14.91 23.41 -9.22
N THR H 18 -15.53 22.51 -8.45
CA THR H 18 -16.17 21.33 -9.03
C THR H 18 -17.69 21.39 -9.05
N GLN H 19 -18.31 22.10 -8.12
CA GLN H 19 -19.77 22.12 -8.05
C GLN H 19 -20.35 22.89 -9.24
N ASP H 20 -21.43 22.36 -9.81
CA ASP H 20 -22.11 23.01 -10.92
C ASP H 20 -23.52 23.44 -10.55
N GLU H 21 -24.37 22.51 -10.12
CA GLU H 21 -25.75 22.80 -9.75
C GLU H 21 -26.41 21.59 -9.11
N ILE H 25 -28.53 18.61 -17.16
CA ILE H 25 -29.34 18.99 -18.31
C ILE H 25 -29.44 17.84 -19.31
N GLY H 26 -30.66 17.43 -19.62
CA GLY H 26 -30.86 16.33 -20.53
C GLY H 26 -30.40 15.00 -19.95
N LEU H 27 -29.31 14.46 -20.49
CA LEU H 27 -28.74 13.20 -20.02
C LEU H 27 -27.31 13.36 -19.54
N ALA H 28 -26.90 14.58 -19.19
CA ALA H 28 -25.53 14.82 -18.77
C ALA H 28 -25.24 14.31 -17.37
N TRP H 29 -26.26 14.12 -16.54
CA TRP H 29 -26.02 13.63 -15.19
C TRP H 29 -25.71 12.13 -15.17
N ILE H 30 -26.18 11.39 -16.17
CA ILE H 30 -25.87 9.96 -16.24
C ILE H 30 -24.38 9.78 -16.48
N PRO H 31 -23.68 8.94 -15.70
CA PRO H 31 -22.24 8.77 -15.94
C PRO H 31 -21.91 8.24 -17.32
N TYR H 32 -22.78 7.42 -17.92
CA TYR H 32 -22.50 6.87 -19.23
C TYR H 32 -22.40 7.98 -20.28
N PHE H 33 -23.31 8.95 -20.22
CA PHE H 33 -23.30 10.09 -21.15
C PHE H 33 -22.63 11.32 -20.56
N GLY H 34 -22.09 11.24 -19.35
CA GLY H 34 -21.54 12.39 -18.69
C GLY H 34 -20.20 12.79 -19.25
N PRO H 35 -19.70 13.93 -18.80
CA PRO H 35 -18.39 14.41 -19.25
C PRO H 35 -17.27 13.53 -18.71
N ALA H 36 -16.11 13.63 -19.36
CA ALA H 36 -14.94 12.89 -18.92
C ALA H 36 -14.45 13.42 -17.58
N ALA H 37 -13.39 12.79 -17.07
CA ALA H 37 -12.85 13.18 -15.76
C ALA H 37 -12.18 14.55 -15.77
N GLU H 38 -11.97 15.13 -16.94
CA GLU H 38 -11.29 16.42 -17.04
C GLU H 38 -12.23 17.59 -17.32
N GLY H 39 -13.51 17.33 -17.57
CA GLY H 39 -14.44 18.40 -17.91
C GLY H 39 -15.53 18.61 -16.90
N ILE H 40 -15.25 18.36 -15.62
CA ILE H 40 -16.21 18.54 -14.54
C ILE H 40 -15.92 19.79 -13.73
N TYR H 41 -14.97 20.61 -14.15
CA TYR H 41 -14.56 21.80 -13.43
C TYR H 41 -15.17 23.05 -14.03
N THR H 42 -15.19 24.12 -13.24
CA THR H 42 -15.62 25.44 -13.67
C THR H 42 -14.48 26.43 -13.39
N GLU H 43 -14.77 27.71 -13.61
CA GLU H 43 -13.77 28.75 -13.42
C GLU H 43 -14.41 29.99 -12.83
N GLY H 44 -13.59 30.84 -12.25
CA GLY H 44 -14.07 32.11 -11.71
C GLY H 44 -12.90 33.02 -11.43
N LEU H 45 -13.22 34.31 -11.26
CA LEU H 45 -12.19 35.32 -11.02
C LEU H 45 -12.76 36.38 -10.08
N MET H 46 -12.20 36.45 -8.87
CA MET H 46 -12.63 37.44 -7.88
C MET H 46 -11.70 38.65 -7.93
N HIS H 47 -11.82 39.42 -9.02
CA HIS H 47 -10.92 40.54 -9.23
C HIS H 47 -11.10 41.64 -8.19
N ASN H 48 -12.30 41.78 -7.65
CA ASN H 48 -12.59 42.82 -6.66
C ASN H 48 -12.53 42.22 -5.26
N GLN H 49 -11.90 42.95 -4.34
CA GLN H 49 -11.80 42.51 -2.96
C GLN H 49 -11.48 43.70 -2.07
N ASP H 50 -11.98 43.66 -0.85
CA ASP H 50 -11.58 44.61 0.19
C ASP H 50 -10.48 44.02 1.06
N GLY H 51 -9.39 43.64 0.41
CA GLY H 51 -8.31 42.94 1.07
C GLY H 51 -8.63 41.50 1.43
N LEU H 52 -9.65 40.90 0.82
CA LEU H 52 -10.02 39.53 1.17
C LEU H 52 -8.93 38.54 0.75
N ILE H 53 -8.38 38.70 -0.44
CA ILE H 53 -7.42 37.72 -0.96
C ILE H 53 -6.11 37.78 -0.19
N CYS H 54 -5.61 38.99 0.07
CA CYS H 54 -4.33 39.13 0.76
C CYS H 54 -4.39 38.63 2.19
N GLY H 55 -5.51 38.83 2.89
CA GLY H 55 -5.65 38.25 4.21
C GLY H 55 -5.96 36.76 4.18
N LEU H 56 -6.62 36.30 3.12
CA LEU H 56 -6.96 34.88 3.01
C LEU H 56 -5.70 34.04 2.79
N ARG H 57 -4.75 34.58 2.02
CA ARG H 57 -3.47 33.89 1.86
C ARG H 57 -2.73 33.78 3.19
N GLN H 58 -2.74 34.85 3.99
CA GLN H 58 -2.10 34.79 5.31
C GLN H 58 -2.83 33.81 6.23
N LEU H 59 -4.15 33.74 6.14
CA LEU H 59 -4.88 32.73 6.91
C LEU H 59 -4.48 31.33 6.50
N ALA H 60 -4.32 31.09 5.20
CA ALA H 60 -3.87 29.79 4.72
C ALA H 60 -2.50 29.45 5.29
N ASN H 61 -1.58 30.41 5.25
CA ASN H 61 -0.27 30.19 5.85
C ASN H 61 -0.37 29.91 7.35
N GLU H 62 -1.26 30.62 8.05
CA GLU H 62 -1.35 30.47 9.49
C GLU H 62 -1.89 29.09 9.88
N THR H 63 -2.85 28.56 9.12
CA THR H 63 -3.50 27.31 9.51
C THR H 63 -2.65 26.06 9.33
N THR H 64 -1.52 26.16 8.62
CA THR H 64 -0.81 24.96 8.21
C THR H 64 -0.15 24.23 9.38
N GLN H 65 0.30 24.96 10.41
CA GLN H 65 0.92 24.31 11.55
C GLN H 65 -0.08 23.42 12.28
N ALA H 66 -1.26 23.96 12.57
CA ALA H 66 -2.30 23.17 13.22
C ALA H 66 -2.75 22.02 12.34
N LEU H 67 -2.88 22.26 11.03
CA LEU H 67 -3.27 21.17 10.13
C LEU H 67 -2.25 20.04 10.13
N GLN H 68 -0.96 20.38 10.09
CA GLN H 68 0.08 19.37 10.09
C GLN H 68 0.09 18.59 11.40
N LEU H 69 -0.05 19.28 12.53
CA LEU H 69 -0.09 18.58 13.81
C LEU H 69 -1.30 17.64 13.90
N PHE H 70 -2.46 18.11 13.42
CA PHE H 70 -3.65 17.25 13.43
C PHE H 70 -3.45 16.03 12.54
N LEU H 71 -2.85 16.22 11.36
CA LEU H 71 -2.58 15.09 10.48
C LEU H 71 -1.61 14.10 11.12
N ARG H 72 -0.59 14.61 11.82
CA ARG H 72 0.34 13.73 12.50
C ARG H 72 -0.37 12.93 13.59
N ALA H 73 -1.27 13.57 14.34
CA ALA H 73 -1.93 12.89 15.45
C ALA H 73 -2.79 11.73 14.95
N THR H 74 -3.52 11.92 13.86
CA THR H 74 -4.46 10.91 13.40
C THR H 74 -3.74 9.75 12.71
N THR H 75 -4.48 8.65 12.56
CA THR H 75 -4.00 7.48 11.83
C THR H 75 -4.75 7.27 10.52
N GLU H 76 -5.53 8.27 10.09
CA GLU H 76 -6.21 8.18 8.80
C GLU H 76 -5.21 8.16 7.66
N LEU H 77 -5.43 7.26 6.71
CA LEU H 77 -4.69 7.34 5.45
C LEU H 77 -5.15 8.52 4.62
N ARG H 78 -6.44 8.81 4.61
CA ARG H 78 -7.00 9.98 3.94
C ARG H 78 -8.09 10.55 4.82
N THR H 79 -8.03 11.85 5.09
CA THR H 79 -8.97 12.51 5.98
C THR H 79 -10.01 13.28 5.17
N PHE H 80 -11.29 13.02 5.46
CA PHE H 80 -12.38 13.64 4.71
C PHE H 80 -13.41 14.32 5.59
N SER H 81 -13.18 14.38 6.91
CA SER H 81 -14.23 14.74 7.85
C SER H 81 -13.87 15.93 8.74
N ILE H 82 -12.97 16.80 8.30
CA ILE H 82 -12.62 17.97 9.11
C ILE H 82 -13.80 18.93 9.19
N LEU H 83 -14.46 19.18 8.05
CA LEU H 83 -15.57 20.14 8.03
C LEU H 83 -16.71 19.69 8.91
N ASN H 84 -16.99 18.38 8.93
CA ASN H 84 -18.03 17.86 9.82
C ASN H 84 -17.68 18.14 11.28
N ARG H 85 -16.42 17.95 11.66
CA ARG H 85 -16.00 18.26 13.02
C ARG H 85 -16.16 19.74 13.32
N LYS H 86 -15.82 20.60 12.36
CA LYS H 86 -15.98 22.04 12.57
C LYS H 86 -17.44 22.40 12.79
N ALA H 87 -18.34 21.83 11.99
CA ALA H 87 -19.77 22.10 12.15
C ALA H 87 -20.28 21.60 13.49
N ILE H 88 -19.86 20.40 13.90
CA ILE H 88 -20.30 19.86 15.18
C ILE H 88 -19.78 20.72 16.33
N ASP H 89 -18.53 21.18 16.24
CA ASP H 89 -17.99 22.05 17.26
C ASP H 89 -18.74 23.37 17.33
N PHE H 90 -19.11 23.92 16.16
CA PHE H 90 -19.89 25.16 16.13
C PHE H 90 -21.22 24.97 16.84
N LEU H 91 -21.93 23.88 16.51
CA LEU H 91 -23.22 23.62 17.14
C LEU H 91 -23.07 23.40 18.64
N LEU H 92 -22.04 22.65 19.06
CA LEU H 92 -21.84 22.39 20.48
C LEU H 92 -21.53 23.66 21.24
N GLN H 93 -20.69 24.54 20.66
CA GLN H 93 -20.38 25.80 21.31
C GLN H 93 -21.62 26.67 21.43
N ARG H 94 -22.44 26.73 20.37
CA ARG H 94 -23.66 27.53 20.43
C ARG H 94 -24.64 26.95 21.45
N TRP H 95 -24.90 25.65 21.38
CA TRP H 95 -25.84 24.99 22.28
C TRP H 95 -25.25 23.66 22.70
N GLY H 96 -24.74 23.59 23.92
CA GLY H 96 -24.12 22.37 24.41
C GLY H 96 -24.48 22.04 25.85
N GLY H 97 -25.62 22.52 26.31
CA GLY H 97 -26.04 22.26 27.68
C GLY H 97 -27.11 23.24 28.11
N THR H 98 -27.16 23.48 29.42
CA THR H 98 -28.11 24.43 29.97
C THR H 98 -27.83 25.83 29.42
N CYS H 99 -28.88 26.52 28.98
CA CYS H 99 -28.76 27.77 28.26
C CYS H 99 -29.65 28.82 28.90
N HIS H 100 -29.04 29.79 29.58
CA HIS H 100 -29.80 30.92 30.13
C HIS H 100 -30.31 31.80 29.00
N ILE H 101 -31.54 32.29 29.15
CA ILE H 101 -32.13 33.13 28.11
C ILE H 101 -31.37 34.46 28.01
N LEU H 102 -31.10 35.08 29.15
CA LEU H 102 -30.41 36.37 29.19
C LEU H 102 -28.92 36.24 29.37
N GLY H 103 -28.38 35.03 29.44
CA GLY H 103 -26.97 34.82 29.61
C GLY H 103 -26.17 35.29 28.41
N PRO H 104 -24.94 35.77 28.65
CA PRO H 104 -24.09 36.22 27.53
C PRO H 104 -23.53 35.07 26.70
N ASP H 105 -23.70 33.83 27.14
CA ASP H 105 -23.18 32.66 26.43
C ASP H 105 -24.23 31.99 25.55
N CYS H 106 -25.40 32.62 25.37
CA CYS H 106 -26.50 32.04 24.63
C CYS H 106 -26.93 32.98 23.51
N CYS H 107 -27.42 32.38 22.42
CA CYS H 107 -27.89 33.14 21.26
C CYS H 107 -29.38 33.41 21.28
N ILE H 108 -30.07 33.03 22.35
CA ILE H 108 -31.51 33.27 22.45
C ILE H 108 -31.74 34.69 22.95
N GLU H 109 -32.58 35.44 22.23
CA GLU H 109 -32.89 36.80 22.63
C GLU H 109 -34.37 36.96 22.92
N PRO H 110 -34.74 37.73 23.94
CA PRO H 110 -36.15 37.96 24.24
C PRO H 110 -36.71 39.18 23.51
N HIS H 111 -38.01 39.16 23.31
CA HIS H 111 -38.71 40.28 22.68
C HIS H 111 -40.22 40.18 22.93
N GLN I 25 32.12 -38.70 17.24
CA GLN I 25 31.09 -37.92 17.93
C GLN I 25 29.74 -38.63 17.88
N GLU I 26 28.95 -38.35 16.86
CA GLU I 26 27.65 -38.96 16.67
C GLU I 26 27.74 -39.99 15.56
N GLN I 27 27.27 -41.20 15.83
CA GLN I 27 27.28 -42.29 14.86
C GLN I 27 25.91 -42.91 14.77
N LEU I 28 25.55 -43.36 13.57
CA LEU I 28 24.28 -44.00 13.28
C LEU I 28 24.51 -45.34 12.60
N VAL I 29 25.43 -46.14 13.16
CA VAL I 29 25.79 -47.42 12.55
C VAL I 29 24.56 -48.32 12.47
N GLU I 30 24.49 -49.11 11.41
CA GLU I 30 23.39 -50.02 11.17
C GLU I 30 23.91 -51.44 11.03
N SER I 31 23.08 -52.40 11.45
CA SER I 31 23.44 -53.81 11.43
C SER I 31 22.43 -54.59 10.60
N GLY I 32 22.90 -55.69 10.01
CA GLY I 32 22.07 -56.52 9.17
C GLY I 32 22.35 -56.32 7.69
N GLY I 33 21.58 -57.01 6.88
CA GLY I 33 21.73 -56.92 5.44
C GLY I 33 22.66 -57.99 4.90
N GLY I 34 22.41 -58.39 3.65
CA GLY I 34 23.21 -59.41 3.01
C GLY I 34 22.50 -60.05 1.83
N LEU I 35 22.62 -61.36 1.69
CA LEU I 35 21.99 -62.11 0.63
C LEU I 35 20.85 -62.94 1.19
N VAL I 36 19.64 -62.71 0.66
CA VAL I 36 18.45 -63.43 1.08
C VAL I 36 17.62 -63.76 -0.15
N GLN I 37 17.04 -64.96 -0.17
CA GLN I 37 16.23 -65.39 -1.29
C GLN I 37 14.96 -64.56 -1.37
N PRO I 38 14.34 -64.49 -2.54
CA PRO I 38 13.09 -63.72 -2.68
C PRO I 38 12.00 -64.23 -1.76
N GLU I 39 10.91 -63.45 -1.72
CA GLU I 39 9.75 -63.69 -0.84
C GLU I 39 10.16 -64.05 0.58
N GLY I 40 11.25 -63.46 1.05
CA GLY I 40 11.76 -63.71 2.38
C GLY I 40 11.51 -62.56 3.34
N SER I 41 12.28 -62.56 4.43
CA SER I 41 12.16 -61.51 5.42
C SER I 41 13.53 -61.23 6.03
N LEU I 42 13.72 -60.00 6.49
CA LEU I 42 14.96 -59.61 7.13
C LEU I 42 14.72 -58.37 7.98
N THR I 43 15.50 -58.25 9.06
CA THR I 43 15.37 -57.15 10.01
C THR I 43 16.66 -56.37 10.07
N LEU I 44 16.56 -55.06 9.91
CA LEU I 44 17.67 -54.13 10.04
C LEU I 44 17.61 -53.43 11.39
N THR I 45 18.78 -53.18 11.96
CA THR I 45 18.90 -52.53 13.26
C THR I 45 19.75 -51.28 13.13
N CYS I 46 19.27 -50.18 13.68
CA CYS I 46 19.97 -48.89 13.65
C CYS I 46 20.36 -48.56 15.08
N THR I 47 21.66 -48.38 15.31
CA THR I 47 22.19 -48.03 16.62
C THR I 47 22.67 -46.59 16.60
N ALA I 48 22.28 -45.82 17.61
CA ALA I 48 22.62 -44.41 17.69
C ALA I 48 23.41 -44.15 18.97
N SER I 49 24.38 -43.23 18.89
CA SER I 49 25.19 -42.87 20.03
C SER I 49 25.85 -41.52 19.77
N GLY I 50 26.12 -40.80 20.84
CA GLY I 50 26.83 -39.53 20.76
C GLY I 50 25.98 -38.28 20.77
N PHE I 51 24.67 -38.39 20.99
CA PHE I 51 23.82 -37.22 21.04
C PHE I 51 22.61 -37.51 21.92
N SER I 52 21.91 -36.45 22.31
CA SER I 52 20.73 -36.56 23.16
C SER I 52 19.62 -37.24 22.39
N PHE I 53 19.28 -38.47 22.79
CA PHE I 53 18.26 -39.23 22.07
C PHE I 53 16.86 -38.70 22.37
N SER I 54 16.62 -38.25 23.60
CA SER I 54 15.30 -37.74 23.95
C SER I 54 14.99 -36.44 23.21
N SER I 55 15.99 -35.59 23.01
CA SER I 55 15.77 -34.34 22.29
C SER I 55 15.58 -34.59 20.80
N ASN I 56 16.57 -35.17 20.14
CA ASN I 56 16.48 -35.54 18.73
C ASN I 56 15.93 -36.96 18.66
N CYS I 57 14.62 -37.07 18.45
CA CYS I 57 13.94 -38.35 18.60
C CYS I 57 13.41 -38.95 17.31
N TRP I 58 13.50 -38.23 16.19
CA TRP I 58 12.96 -38.76 14.93
C TRP I 58 14.03 -39.55 14.20
N ARG I 59 13.69 -40.76 13.78
CA ARG I 59 14.58 -41.64 13.04
C ARG I 59 13.86 -42.17 11.82
N CYS I 60 14.51 -42.10 10.66
CA CYS I 60 13.87 -42.46 9.40
C CYS I 60 14.77 -43.40 8.61
N TRP I 61 14.16 -44.12 7.68
CA TRP I 61 14.88 -45.03 6.80
C TRP I 61 14.75 -44.55 5.35
N VAL I 62 15.86 -44.60 4.62
CA VAL I 62 15.90 -44.16 3.23
C VAL I 62 16.53 -45.26 2.39
N ARG I 63 15.92 -45.55 1.24
CA ARG I 63 16.40 -46.60 0.35
C ARG I 63 16.92 -45.99 -0.95
N GLN I 64 18.04 -46.51 -1.43
CA GLN I 64 18.62 -46.07 -2.70
C GLN I 64 18.95 -47.31 -3.53
N ALA I 65 18.25 -47.47 -4.65
CA ALA I 65 18.59 -48.54 -5.57
C ALA I 65 19.93 -48.26 -6.23
N PRO I 66 20.68 -49.31 -6.62
CA PRO I 66 22.01 -49.08 -7.20
C PRO I 66 21.99 -48.18 -8.43
N GLY I 67 22.58 -46.99 -8.30
CA GLY I 67 22.66 -46.06 -9.40
C GLY I 67 21.41 -45.22 -9.64
N LYS I 68 20.45 -45.25 -8.72
CA LYS I 68 19.22 -44.49 -8.87
C LYS I 68 19.10 -43.49 -7.72
N GLY I 69 17.97 -42.79 -7.68
CA GLY I 69 17.73 -41.79 -6.66
C GLY I 69 17.32 -42.37 -5.33
N LEU I 70 17.25 -41.50 -4.33
CA LEU I 70 16.87 -41.89 -2.99
C LEU I 70 15.35 -42.00 -2.88
N GLU I 71 14.89 -42.66 -1.80
CA GLU I 71 13.46 -42.88 -1.62
C GLU I 71 13.17 -43.05 -0.14
N TRP I 72 12.25 -42.24 0.38
CA TRP I 72 11.84 -42.34 1.77
C TRP I 72 11.02 -43.61 2.00
N ILE I 73 11.19 -44.19 3.18
CA ILE I 73 10.47 -45.41 3.53
C ILE I 73 9.53 -45.16 4.70
N ALA I 74 10.09 -44.82 5.86
CA ALA I 74 9.29 -44.67 7.06
C ALA I 74 10.05 -43.84 8.08
N CYS I 75 9.32 -43.35 9.07
CA CYS I 75 9.86 -42.54 10.15
C CYS I 75 9.21 -42.95 11.46
N VAL I 76 9.90 -42.69 12.56
CA VAL I 76 9.39 -43.03 13.89
C VAL I 76 9.93 -42.01 14.89
N CYS I 77 9.13 -41.74 15.92
CA CYS I 77 9.51 -40.84 17.01
C CYS I 77 9.98 -41.71 18.18
N ALA I 78 11.24 -42.11 18.12
CA ALA I 78 11.83 -43.00 19.12
C ALA I 78 12.66 -42.17 20.10
N GLY I 79 12.33 -42.28 21.38
CA GLY I 79 13.05 -41.55 22.41
C GLY I 79 12.14 -40.88 23.42
N ARG I 80 10.84 -40.84 23.13
CA ARG I 80 9.87 -40.25 24.03
C ARG I 80 8.53 -40.95 23.86
N SER I 81 7.70 -40.82 24.88
CA SER I 81 6.37 -41.44 24.85
C SER I 81 5.48 -40.75 23.82
N GLY I 82 4.59 -41.54 23.24
CA GLY I 82 3.66 -41.01 22.25
C GLY I 82 4.27 -40.99 20.86
N GLY I 83 4.22 -39.84 20.21
CA GLY I 83 4.74 -39.73 18.87
C GLY I 83 3.81 -40.38 17.85
N THR I 84 4.33 -40.50 16.63
CA THR I 84 3.58 -41.10 15.55
C THR I 84 4.56 -41.81 14.62
N THR I 85 4.05 -42.84 13.94
CA THR I 85 4.82 -43.57 12.93
C THR I 85 4.25 -43.20 11.56
N TYR I 86 5.10 -42.66 10.70
CA TYR I 86 4.69 -42.26 9.35
C TYR I 86 5.27 -43.22 8.32
N TYR I 87 4.40 -43.75 7.47
CA TYR I 87 4.80 -44.66 6.41
C TYR I 87 4.61 -44.02 5.05
N ALA I 88 5.24 -44.62 4.04
CA ALA I 88 5.10 -44.18 2.67
C ALA I 88 4.02 -44.99 1.97
N SER I 89 3.40 -44.40 0.95
CA SER I 89 2.31 -45.06 0.24
C SER I 89 2.80 -46.34 -0.44
N TRP I 90 3.97 -46.29 -1.08
CA TRP I 90 4.49 -47.46 -1.77
C TRP I 90 4.84 -48.58 -0.81
N ALA I 91 5.34 -48.24 0.38
CA ALA I 91 5.77 -49.21 1.37
C ALA I 91 4.75 -49.21 2.51
N LYS I 92 3.69 -50.02 2.34
CA LYS I 92 2.66 -50.16 3.36
C LYS I 92 2.43 -51.65 3.59
N GLY I 93 2.42 -52.05 4.86
CA GLY I 93 2.25 -53.46 5.19
C GLY I 93 3.49 -54.32 5.01
N ARG I 94 4.16 -54.20 3.86
CA ARG I 94 5.37 -54.97 3.63
C ARG I 94 6.49 -54.59 4.60
N PHE I 95 6.49 -53.34 5.06
CA PHE I 95 7.52 -52.84 5.96
C PHE I 95 6.90 -52.52 7.32
N THR I 96 7.72 -52.62 8.37
CA THR I 96 7.23 -52.24 9.69
C THR I 96 8.39 -51.76 10.55
N ILE I 97 8.27 -50.56 11.08
CA ILE I 97 9.27 -50.01 11.99
C ILE I 97 8.81 -50.26 13.41
N SER I 98 9.76 -50.47 14.31
CA SER I 98 9.47 -50.85 15.69
C SER I 98 9.88 -49.73 16.64
N LYS I 99 9.01 -49.44 17.60
CA LYS I 99 9.28 -48.43 18.63
C LYS I 99 9.96 -49.11 19.80
N THR I 100 11.30 -49.04 19.81
CA THR I 100 12.09 -49.58 20.90
C THR I 100 12.49 -48.46 21.85
N SER I 101 12.35 -48.72 23.15
CA SER I 101 12.70 -47.72 24.16
C SER I 101 14.18 -47.34 24.06
N SER I 102 15.03 -48.31 23.73
CA SER I 102 16.44 -48.03 23.52
C SER I 102 16.63 -47.19 22.26
N PRO I 103 17.75 -46.48 22.15
CA PRO I 103 18.00 -45.69 20.93
C PRO I 103 18.02 -46.52 19.66
N THR I 104 18.35 -47.81 19.75
CA THR I 104 18.31 -48.67 18.58
C THR I 104 16.88 -48.83 18.08
N VAL I 105 16.70 -48.76 16.77
CA VAL I 105 15.40 -48.89 16.15
C VAL I 105 15.50 -49.95 15.05
N THR I 106 14.50 -50.82 14.97
CA THR I 106 14.52 -51.93 14.03
C THR I 106 13.46 -51.73 12.95
N LEU I 107 13.80 -52.16 11.74
CA LEU I 107 12.90 -52.15 10.60
C LEU I 107 12.82 -53.56 10.03
N GLN I 108 11.61 -54.11 9.97
CA GLN I 108 11.37 -55.47 9.54
C GLN I 108 10.71 -55.46 8.17
N MET I 109 11.25 -56.24 7.24
CA MET I 109 10.73 -56.32 5.88
C MET I 109 10.20 -57.72 5.61
N THR I 110 9.11 -57.79 4.86
CA THR I 110 8.50 -59.05 4.49
C THR I 110 8.22 -59.06 2.99
N SER I 111 8.23 -60.26 2.41
CA SER I 111 7.91 -60.47 1.00
C SER I 111 8.88 -59.68 0.11
N LEU I 112 10.17 -59.97 0.29
CA LEU I 112 11.23 -59.24 -0.40
C LEU I 112 11.22 -59.60 -1.89
N THR I 113 10.67 -58.71 -2.71
CA THR I 113 10.64 -58.89 -4.15
C THR I 113 12.01 -58.57 -4.74
N ALA I 114 12.22 -58.99 -5.98
CA ALA I 114 13.52 -58.84 -6.62
C ALA I 114 13.94 -57.38 -6.78
N ALA I 115 12.99 -56.44 -6.72
CA ALA I 115 13.30 -55.03 -6.90
C ALA I 115 13.80 -54.37 -5.62
N ASP I 116 13.84 -55.09 -4.50
CA ASP I 116 14.22 -54.51 -3.22
C ASP I 116 15.73 -54.42 -3.01
N THR I 117 16.52 -55.02 -3.89
CA THR I 117 17.97 -54.96 -3.76
C THR I 117 18.45 -53.52 -3.84
N ALA I 118 19.00 -53.01 -2.74
CA ALA I 118 19.37 -51.61 -2.66
C ALA I 118 20.22 -51.37 -1.41
N THR I 119 20.62 -50.12 -1.22
CA THR I 119 21.35 -49.69 -0.03
C THR I 119 20.39 -48.94 0.89
N TYR I 120 20.43 -49.27 2.16
CA TYR I 120 19.52 -48.71 3.16
C TYR I 120 20.31 -47.83 4.12
N PHE I 121 19.76 -46.66 4.42
CA PHE I 121 20.36 -45.69 5.31
C PHE I 121 19.41 -45.37 6.45
N CYS I 122 19.98 -45.22 7.65
CA CYS I 122 19.26 -44.77 8.83
C CYS I 122 19.66 -43.33 9.09
N ALA I 123 18.68 -42.43 9.11
CA ALA I 123 18.94 -41.00 9.17
C ALA I 123 18.17 -40.36 10.31
N ARG I 124 18.70 -39.23 10.78
CA ARG I 124 18.10 -38.44 11.84
C ARG I 124 17.56 -37.15 11.25
N ALA I 125 16.31 -36.81 11.58
CA ALA I 125 15.69 -35.62 11.03
C ALA I 125 16.30 -34.36 11.66
N GLY I 126 16.24 -33.26 10.90
CA GLY I 126 16.73 -31.98 11.34
C GLY I 126 15.61 -31.07 11.81
N TYR I 127 16.00 -29.86 12.19
CA TYR I 127 15.06 -28.89 12.74
C TYR I 127 15.34 -27.51 12.16
N ASP I 128 14.29 -26.70 12.14
CA ASP I 128 14.36 -25.30 11.73
C ASP I 128 13.72 -24.44 12.82
N ASP I 129 13.68 -23.12 12.60
CA ASP I 129 13.13 -22.23 13.62
C ASP I 129 11.69 -22.58 13.98
N TYR I 130 10.96 -23.22 13.07
CA TYR I 130 9.56 -23.56 13.30
C TYR I 130 9.37 -24.98 13.79
N GLY I 131 10.46 -25.71 14.06
CA GLY I 131 10.34 -27.05 14.59
C GLY I 131 11.03 -28.05 13.71
N ASP I 132 10.91 -29.33 14.06
CA ASP I 132 11.58 -30.40 13.35
C ASP I 132 10.91 -30.68 12.01
N ALA I 133 11.72 -30.86 10.98
CA ALA I 133 11.26 -31.09 9.62
C ALA I 133 11.89 -32.36 9.07
N SER I 134 11.51 -32.72 7.85
CA SER I 134 11.86 -34.02 7.30
C SER I 134 13.28 -34.09 6.74
N PHE I 135 13.95 -32.95 6.54
CA PHE I 135 15.32 -33.00 6.03
C PHE I 135 16.25 -33.62 7.06
N PHE I 136 17.18 -34.44 6.58
CA PHE I 136 18.06 -35.21 7.45
C PHE I 136 19.44 -34.58 7.48
N ASN I 137 19.98 -34.39 8.69
CA ASN I 137 21.27 -33.75 8.88
C ASN I 137 22.38 -34.73 9.25
N LEU I 138 22.04 -35.91 9.75
CA LEU I 138 23.02 -36.94 10.07
C LEU I 138 22.63 -38.24 9.36
N TRP I 139 23.62 -38.92 8.79
CA TRP I 139 23.40 -40.12 8.01
C TRP I 139 24.26 -41.27 8.52
N GLY I 140 23.86 -42.48 8.16
CA GLY I 140 24.64 -43.66 8.44
C GLY I 140 25.37 -44.14 7.20
N PRO I 141 26.40 -44.97 7.39
CA PRO I 141 27.17 -45.43 6.22
C PRO I 141 26.36 -46.17 5.19
N GLY I 142 25.30 -46.88 5.60
CA GLY I 142 24.47 -47.60 4.65
C GLY I 142 24.80 -49.07 4.56
N THR I 143 23.77 -49.91 4.52
CA THR I 143 23.95 -51.36 4.42
C THR I 143 23.34 -51.89 3.14
N LEU I 144 23.90 -52.98 2.64
CA LEU I 144 23.50 -53.55 1.36
C LEU I 144 22.49 -54.67 1.57
N VAL I 145 21.48 -54.72 0.70
CA VAL I 145 20.51 -55.80 0.68
C VAL I 145 20.37 -56.29 -0.74
N THR I 146 20.62 -57.58 -0.96
CA THR I 146 20.52 -58.20 -2.27
C THR I 146 19.59 -59.39 -2.21
N VAL I 147 18.70 -59.48 -3.19
CA VAL I 147 17.75 -60.59 -3.26
C VAL I 147 17.81 -61.24 -4.64
N GLN J 25 -19.45 -42.47 -39.17
CA GLN J 25 -20.33 -41.93 -38.15
C GLN J 25 -20.13 -40.43 -37.97
N GLU J 26 -18.87 -39.99 -38.05
CA GLU J 26 -18.55 -38.57 -37.96
C GLU J 26 -17.21 -38.37 -38.66
N GLN J 27 -17.24 -37.87 -39.90
CA GLN J 27 -16.04 -37.83 -40.71
C GLN J 27 -16.04 -36.56 -41.57
N LEU J 28 -14.83 -36.16 -41.98
CA LEU J 28 -14.59 -34.98 -42.80
C LEU J 28 -13.68 -35.34 -43.97
N VAL J 29 -14.01 -36.40 -44.69
CA VAL J 29 -13.17 -36.83 -45.80
C VAL J 29 -13.11 -35.74 -46.87
N GLU J 30 -11.98 -35.68 -47.56
CA GLU J 30 -11.73 -34.68 -48.59
C GLU J 30 -11.53 -35.35 -49.94
N SER J 31 -11.84 -34.61 -51.00
CA SER J 31 -11.72 -35.09 -52.37
C SER J 31 -10.89 -34.13 -53.19
N GLY J 32 -10.27 -34.66 -54.25
CA GLY J 32 -9.42 -33.85 -55.12
C GLY J 32 -7.98 -33.87 -54.69
N GLY J 33 -7.17 -33.12 -55.41
CA GLY J 33 -5.75 -33.01 -55.13
C GLY J 33 -4.93 -34.05 -55.86
N GLY J 34 -3.65 -33.72 -56.04
CA GLY J 34 -2.74 -34.61 -56.74
C GLY J 34 -1.54 -33.90 -57.33
N LEU J 35 -1.25 -34.15 -58.59
CA LEU J 35 -0.12 -33.55 -59.28
C LEU J 35 -0.63 -32.45 -60.22
N VAL J 36 -0.06 -31.25 -60.08
CA VAL J 36 -0.41 -30.12 -60.92
C VAL J 36 0.88 -29.38 -61.27
N GLN J 37 0.97 -28.94 -62.53
CA GLN J 37 2.13 -28.17 -62.96
C GLN J 37 2.11 -26.78 -62.30
N PRO J 38 3.28 -26.17 -62.12
CA PRO J 38 3.34 -24.86 -61.47
C PRO J 38 2.56 -23.81 -62.25
N GLU J 39 2.16 -22.76 -61.53
CA GLU J 39 1.30 -21.69 -62.05
C GLU J 39 0.00 -22.26 -62.61
N GLY J 40 -0.57 -23.23 -61.90
CA GLY J 40 -1.83 -23.81 -62.26
C GLY J 40 -2.94 -23.39 -61.32
N SER J 41 -3.99 -24.23 -61.25
CA SER J 41 -5.12 -23.98 -60.36
C SER J 41 -5.67 -25.32 -59.90
N LEU J 42 -6.35 -25.29 -58.76
CA LEU J 42 -6.92 -26.51 -58.21
C LEU J 42 -8.11 -26.16 -57.33
N THR J 43 -9.02 -27.12 -57.17
CA THR J 43 -10.20 -26.98 -56.33
C THR J 43 -10.33 -28.23 -55.47
N LEU J 44 -10.53 -28.02 -54.16
CA LEU J 44 -10.68 -29.11 -53.21
C LEU J 44 -12.04 -29.02 -52.54
N THR J 45 -12.60 -30.19 -52.22
CA THR J 45 -13.94 -30.29 -51.65
C THR J 45 -13.87 -31.05 -50.33
N CYS J 46 -14.53 -30.52 -49.31
CA CYS J 46 -14.62 -31.14 -48.00
C CYS J 46 -16.07 -31.54 -47.76
N THR J 47 -16.29 -32.81 -47.42
CA THR J 47 -17.61 -33.37 -47.21
C THR J 47 -17.74 -33.84 -45.76
N ALA J 48 -18.88 -33.52 -45.14
CA ALA J 48 -19.13 -33.87 -43.76
C ALA J 48 -20.44 -34.64 -43.64
N SER J 49 -20.54 -35.48 -42.61
CA SER J 49 -21.74 -36.26 -42.36
C SER J 49 -21.70 -36.79 -40.94
N GLY J 50 -22.87 -36.94 -40.34
CA GLY J 50 -22.99 -37.56 -39.04
C GLY J 50 -23.10 -36.62 -37.85
N PHE J 51 -23.26 -35.32 -38.08
CA PHE J 51 -23.40 -34.38 -36.98
C PHE J 51 -24.20 -33.18 -37.46
N SER J 52 -24.70 -32.41 -36.50
CA SER J 52 -25.53 -31.25 -36.80
C SER J 52 -24.70 -30.18 -37.49
N PHE J 53 -24.97 -29.93 -38.77
CA PHE J 53 -24.22 -28.93 -39.52
C PHE J 53 -24.63 -27.51 -39.13
N SER J 54 -25.91 -27.31 -38.82
CA SER J 54 -26.38 -25.98 -38.44
C SER J 54 -25.76 -25.55 -37.11
N SER J 55 -25.61 -26.47 -36.16
CA SER J 55 -25.00 -26.13 -34.88
C SER J 55 -23.49 -25.96 -35.01
N ASN J 56 -22.81 -27.02 -35.45
CA ASN J 56 -21.37 -26.96 -35.69
C ASN J 56 -21.15 -26.49 -37.12
N CYS J 57 -20.91 -25.19 -37.28
CA CYS J 57 -20.89 -24.56 -38.60
C CYS J 57 -19.50 -24.20 -39.10
N TRP J 58 -18.53 -23.99 -38.21
CA TRP J 58 -17.24 -23.47 -38.62
C TRP J 58 -16.38 -24.58 -39.22
N ARG J 59 -15.94 -24.38 -40.45
CA ARG J 59 -15.05 -25.31 -41.15
C ARG J 59 -13.79 -24.59 -41.55
N CYS J 60 -12.64 -25.21 -41.32
CA CYS J 60 -11.36 -24.57 -41.56
C CYS J 60 -10.44 -25.51 -42.34
N TRP J 61 -9.45 -24.92 -43.00
CA TRP J 61 -8.44 -25.66 -43.74
C TRP J 61 -7.07 -25.44 -43.11
N VAL J 62 -6.28 -26.51 -43.05
CA VAL J 62 -4.95 -26.48 -42.46
C VAL J 62 -3.96 -27.07 -43.46
N ARG J 63 -2.74 -26.53 -43.48
CA ARG J 63 -1.71 -26.98 -44.39
C ARG J 63 -0.51 -27.50 -43.61
N GLN J 64 0.03 -28.64 -44.04
CA GLN J 64 1.20 -29.24 -43.41
C GLN J 64 2.20 -29.61 -44.50
N ALA J 65 3.35 -28.95 -44.51
CA ALA J 65 4.40 -29.33 -45.43
C ALA J 65 5.00 -30.68 -45.00
N PRO J 66 5.56 -31.43 -45.95
CA PRO J 66 6.16 -32.74 -45.59
C PRO J 66 7.31 -32.56 -44.61
N GLY J 67 7.16 -33.19 -43.45
CA GLY J 67 8.17 -33.08 -42.41
C GLY J 67 8.23 -31.74 -41.72
N LYS J 68 7.16 -30.97 -41.75
CA LYS J 68 7.14 -29.65 -41.13
C LYS J 68 5.95 -29.51 -40.18
N GLY J 69 5.73 -28.30 -39.66
CA GLY J 69 4.63 -28.05 -38.76
C GLY J 69 3.34 -27.74 -39.49
N LEU J 70 2.28 -27.57 -38.70
CA LEU J 70 0.97 -27.25 -39.24
C LEU J 70 0.83 -25.75 -39.48
N GLU J 71 -0.12 -25.39 -40.34
CA GLU J 71 -0.32 -23.98 -40.68
C GLU J 71 -1.76 -23.77 -41.12
N TRP J 72 -2.37 -22.72 -40.61
CA TRP J 72 -3.78 -22.42 -40.89
C TRP J 72 -3.95 -21.76 -42.25
N ILE J 73 -5.07 -22.06 -42.90
CA ILE J 73 -5.34 -21.53 -44.24
C ILE J 73 -6.48 -20.52 -44.19
N ALA J 74 -7.67 -20.98 -43.82
CA ALA J 74 -8.86 -20.13 -43.85
C ALA J 74 -9.98 -20.85 -43.10
N CYS J 75 -11.01 -20.07 -42.75
CA CYS J 75 -12.17 -20.58 -42.04
C CYS J 75 -13.44 -19.97 -42.63
N VAL J 76 -14.54 -20.69 -42.50
CA VAL J 76 -15.83 -20.23 -43.00
C VAL J 76 -16.94 -20.73 -42.08
N CYS J 77 -18.00 -19.93 -41.97
CA CYS J 77 -19.18 -20.27 -41.18
C CYS J 77 -20.23 -20.85 -42.13
N ALA J 78 -20.06 -22.14 -42.42
CA ALA J 78 -20.95 -22.85 -43.33
C ALA J 78 -21.98 -23.65 -42.54
N GLY J 79 -23.26 -23.31 -42.73
CA GLY J 79 -24.32 -23.98 -42.01
C GLY J 79 -25.45 -23.05 -41.61
N ARG J 80 -25.20 -21.75 -41.68
CA ARG J 80 -26.22 -20.75 -41.38
C ARG J 80 -25.95 -19.50 -42.18
N SER J 81 -26.97 -18.66 -42.29
CA SER J 81 -26.85 -17.41 -43.02
C SER J 81 -25.93 -16.44 -42.28
N GLY J 82 -25.33 -15.53 -43.03
CA GLY J 82 -24.42 -14.56 -42.43
C GLY J 82 -23.03 -15.14 -42.30
N GLY J 83 -22.45 -14.98 -41.12
CA GLY J 83 -21.12 -15.48 -40.86
C GLY J 83 -20.05 -14.60 -41.46
N THR J 84 -18.80 -15.04 -41.30
CA THR J 84 -17.65 -14.30 -41.79
C THR J 84 -16.63 -15.29 -42.33
N THR J 85 -15.89 -14.87 -43.36
CA THR J 85 -14.82 -15.67 -43.95
C THR J 85 -13.49 -15.08 -43.51
N TYR J 86 -12.78 -15.81 -42.65
CA TYR J 86 -11.49 -15.35 -42.13
C TYR J 86 -10.38 -15.96 -42.99
N TYR J 87 -9.47 -15.12 -43.45
CA TYR J 87 -8.34 -15.55 -44.26
C TYR J 87 -7.03 -15.27 -43.55
N ALA J 88 -6.04 -16.13 -43.80
CA ALA J 88 -4.71 -15.95 -43.26
C ALA J 88 -4.03 -14.75 -43.88
N SER J 89 -3.10 -14.16 -43.13
CA SER J 89 -2.41 -12.97 -43.60
C SER J 89 -1.60 -13.25 -44.85
N TRP J 90 -0.87 -14.38 -44.87
CA TRP J 90 -0.02 -14.70 -46.01
C TRP J 90 -0.83 -15.06 -47.25
N ALA J 91 -2.07 -15.50 -47.09
CA ALA J 91 -2.92 -15.92 -48.20
C ALA J 91 -4.07 -14.93 -48.31
N LYS J 92 -3.83 -13.83 -49.03
CA LYS J 92 -4.85 -12.83 -49.32
C LYS J 92 -4.96 -12.67 -50.83
N GLY J 93 -6.18 -12.75 -51.35
CA GLY J 93 -6.38 -12.81 -52.78
C GLY J 93 -6.15 -14.18 -53.38
N ARG J 94 -5.79 -15.17 -52.57
CA ARG J 94 -5.55 -16.53 -53.02
C ARG J 94 -6.20 -17.48 -52.02
N PHE J 95 -6.35 -18.74 -52.43
CA PHE J 95 -6.95 -19.78 -51.60
C PHE J 95 -8.37 -19.40 -51.18
N THR J 96 -9.18 -18.98 -52.15
CA THR J 96 -10.52 -18.49 -51.84
C THR J 96 -11.44 -19.66 -51.49
N ILE J 97 -12.14 -19.53 -50.37
CA ILE J 97 -13.11 -20.51 -49.95
C ILE J 97 -14.47 -20.09 -50.49
N SER J 98 -15.38 -21.05 -50.59
CA SER J 98 -16.72 -20.80 -51.12
C SER J 98 -17.76 -21.22 -50.10
N LYS J 99 -18.75 -20.35 -49.89
CA LYS J 99 -19.84 -20.62 -48.96
C LYS J 99 -20.94 -21.37 -49.73
N THR J 100 -21.02 -22.67 -49.51
CA THR J 100 -22.05 -23.49 -50.12
C THR J 100 -23.11 -23.84 -49.08
N SER J 101 -24.38 -23.78 -49.51
CA SER J 101 -25.48 -24.09 -48.60
C SER J 101 -25.39 -25.52 -48.08
N SER J 102 -24.99 -26.45 -48.94
CA SER J 102 -24.80 -27.84 -48.53
C SER J 102 -23.60 -27.95 -47.59
N PRO J 103 -23.54 -29.01 -46.78
CA PRO J 103 -22.40 -29.15 -45.86
C PRO J 103 -21.06 -29.20 -46.55
N THR J 104 -21.00 -29.66 -47.81
CA THR J 104 -19.74 -29.65 -48.54
C THR J 104 -19.25 -28.22 -48.75
N VAL J 105 -17.95 -28.01 -48.55
CA VAL J 105 -17.34 -26.70 -48.70
C VAL J 105 -16.14 -26.83 -49.64
N THR J 106 -15.99 -25.86 -50.53
CA THR J 106 -14.95 -25.90 -51.54
C THR J 106 -13.92 -24.80 -51.30
N LEU J 107 -12.67 -25.10 -51.64
CA LEU J 107 -11.55 -24.18 -51.54
C LEU J 107 -10.78 -24.25 -52.84
N GLN J 108 -10.68 -23.13 -53.55
CA GLN J 108 -9.91 -23.12 -54.79
C GLN J 108 -8.66 -22.26 -54.62
N MET J 109 -7.55 -22.75 -55.16
CA MET J 109 -6.28 -22.05 -55.11
C MET J 109 -5.75 -21.87 -56.52
N THR J 110 -5.14 -20.71 -56.77
CA THR J 110 -4.57 -20.36 -58.06
C THR J 110 -3.12 -19.93 -57.86
N SER J 111 -2.43 -19.75 -59.00
CA SER J 111 -1.02 -19.34 -59.00
C SER J 111 -0.18 -20.27 -58.13
N LEU J 112 -0.33 -21.57 -58.37
CA LEU J 112 0.34 -22.57 -57.55
C LEU J 112 1.86 -22.48 -57.73
N THR J 113 2.58 -22.77 -56.66
CA THR J 113 4.04 -22.73 -56.64
C THR J 113 4.54 -23.98 -55.93
N ALA J 114 5.79 -24.35 -56.23
CA ALA J 114 6.36 -25.56 -55.66
C ALA J 114 6.34 -25.54 -54.14
N ALA J 115 6.33 -24.35 -53.53
CA ALA J 115 6.23 -24.26 -52.07
C ALA J 115 4.89 -24.75 -51.56
N ASP J 116 3.84 -24.65 -52.38
CA ASP J 116 2.50 -25.05 -51.96
C ASP J 116 2.33 -26.56 -51.86
N THR J 117 3.29 -27.35 -52.34
CA THR J 117 3.20 -28.80 -52.26
C THR J 117 3.17 -29.27 -50.81
N ALA J 118 2.03 -29.79 -50.36
CA ALA J 118 1.86 -30.14 -48.96
C ALA J 118 0.59 -30.96 -48.80
N THR J 119 0.29 -31.34 -47.56
CA THR J 119 -0.95 -32.02 -47.21
C THR J 119 -1.95 -31.00 -46.71
N TYR J 120 -3.21 -31.15 -47.13
CA TYR J 120 -4.28 -30.25 -46.76
C TYR J 120 -5.31 -31.01 -45.94
N PHE J 121 -5.62 -30.49 -44.75
CA PHE J 121 -6.59 -31.05 -43.84
C PHE J 121 -7.82 -30.15 -43.75
N CYS J 122 -8.97 -30.79 -43.60
CA CYS J 122 -10.24 -30.09 -43.35
C CYS J 122 -10.66 -30.40 -41.92
N ALA J 123 -10.92 -29.35 -41.14
CA ALA J 123 -11.15 -29.50 -39.71
C ALA J 123 -12.40 -28.74 -39.29
N ARG J 124 -12.98 -29.17 -38.18
CA ARG J 124 -14.15 -28.54 -37.60
C ARG J 124 -13.76 -27.89 -36.27
N ALA J 125 -14.07 -26.61 -36.14
CA ALA J 125 -13.67 -25.86 -34.95
C ALA J 125 -14.47 -26.30 -33.73
N GLY J 126 -13.82 -26.27 -32.58
CA GLY J 126 -14.44 -26.66 -31.33
C GLY J 126 -15.14 -25.51 -30.65
N TYR J 127 -15.56 -25.75 -29.41
CA TYR J 127 -16.27 -24.75 -28.63
C TYR J 127 -15.82 -24.81 -27.18
N ASP J 128 -16.07 -23.71 -26.47
CA ASP J 128 -15.76 -23.61 -25.05
C ASP J 128 -17.01 -23.16 -24.29
N ASP J 129 -16.86 -22.87 -23.00
CA ASP J 129 -17.98 -22.31 -22.25
C ASP J 129 -18.30 -20.90 -22.68
N TYR J 130 -17.30 -20.17 -23.18
CA TYR J 130 -17.46 -18.78 -23.60
C TYR J 130 -17.77 -18.64 -25.08
N GLY J 131 -17.91 -19.75 -25.81
CA GLY J 131 -18.20 -19.73 -27.22
C GLY J 131 -17.32 -20.71 -27.97
N ASP J 132 -17.30 -20.58 -29.28
CA ASP J 132 -16.50 -21.45 -30.13
C ASP J 132 -15.17 -20.78 -30.46
N ALA J 133 -14.10 -21.58 -30.42
CA ALA J 133 -12.76 -21.06 -30.63
C ALA J 133 -12.10 -21.69 -31.84
N SER J 134 -10.82 -21.40 -32.05
CA SER J 134 -10.11 -21.85 -33.24
C SER J 134 -9.45 -23.21 -33.09
N PHE J 135 -9.45 -23.79 -31.89
CA PHE J 135 -8.89 -25.12 -31.73
C PHE J 135 -9.82 -26.16 -32.35
N PHE J 136 -9.25 -27.07 -33.12
CA PHE J 136 -10.02 -28.03 -33.91
C PHE J 136 -10.04 -29.38 -33.22
N ASN J 137 -11.24 -29.94 -33.05
CA ASN J 137 -11.40 -31.22 -32.38
C ASN J 137 -11.57 -32.39 -33.35
N LEU J 138 -12.12 -32.15 -34.52
CA LEU J 138 -12.34 -33.20 -35.52
C LEU J 138 -11.59 -32.82 -36.79
N TRP J 139 -10.76 -33.74 -37.28
CA TRP J 139 -9.94 -33.54 -38.45
C TRP J 139 -10.39 -34.47 -39.58
N GLY J 140 -9.75 -34.32 -40.73
CA GLY J 140 -9.99 -35.18 -41.86
C GLY J 140 -8.75 -35.96 -42.24
N PRO J 141 -8.91 -36.98 -43.09
CA PRO J 141 -7.74 -37.77 -43.51
C PRO J 141 -6.67 -36.93 -44.21
N GLY J 142 -7.07 -35.91 -44.96
CA GLY J 142 -6.11 -35.04 -45.60
C GLY J 142 -5.74 -35.49 -47.01
N THR J 143 -5.59 -34.54 -47.92
CA THR J 143 -5.20 -34.84 -49.29
C THR J 143 -3.81 -34.30 -49.57
N LEU J 144 -3.18 -34.83 -50.61
CA LEU J 144 -1.83 -34.43 -51.01
C LEU J 144 -1.90 -33.57 -52.25
N VAL J 145 -1.23 -32.41 -52.20
CA VAL J 145 -1.16 -31.50 -53.35
C VAL J 145 0.31 -31.36 -53.72
N THR J 146 0.63 -31.72 -54.96
CA THR J 146 2.00 -31.69 -55.47
C THR J 146 2.09 -30.71 -56.62
N VAL J 147 3.09 -29.85 -56.57
CA VAL J 147 3.30 -28.85 -57.62
C VAL J 147 4.60 -29.14 -58.37
N VAL K 29 4.16 -34.50 -5.86
CA VAL K 29 5.00 -33.44 -6.39
C VAL K 29 6.19 -34.02 -7.15
N VAL K 30 6.47 -33.46 -8.31
CA VAL K 30 7.60 -33.89 -9.13
C VAL K 30 8.59 -32.73 -9.23
N LEU K 31 9.87 -33.03 -9.05
CA LEU K 31 10.93 -32.04 -9.08
C LEU K 31 11.86 -32.32 -10.26
N THR K 32 12.14 -31.29 -11.04
CA THR K 32 13.00 -31.40 -12.22
C THR K 32 14.29 -30.63 -11.96
N GLN K 33 15.42 -31.32 -12.03
CA GLN K 33 16.72 -30.71 -11.80
C GLN K 33 17.30 -30.25 -13.13
N THR K 34 18.58 -29.85 -13.11
CA THR K 34 19.26 -29.49 -14.35
C THR K 34 19.37 -30.70 -15.28
N ALA K 35 19.67 -31.87 -14.72
CA ALA K 35 19.70 -33.13 -15.45
C ALA K 35 20.68 -33.07 -16.62
N SER K 36 21.95 -32.87 -16.29
CA SER K 36 23.01 -32.82 -17.31
C SER K 36 24.35 -33.00 -16.62
N PRO K 37 25.29 -33.71 -17.24
CA PRO K 37 26.64 -33.82 -16.66
C PRO K 37 27.40 -32.51 -16.79
N VAL K 38 27.12 -31.57 -15.90
CA VAL K 38 27.70 -30.23 -15.99
C VAL K 38 29.21 -30.31 -15.80
N SER K 39 29.94 -29.66 -16.70
CA SER K 39 31.39 -29.57 -16.63
C SER K 39 31.81 -28.11 -16.56
N THR K 40 32.73 -27.81 -15.65
CA THR K 40 33.17 -26.44 -15.42
C THR K 40 34.64 -26.44 -15.05
N PRO K 41 35.45 -25.57 -15.65
CA PRO K 41 36.86 -25.49 -15.27
C PRO K 41 37.03 -25.02 -13.84
N VAL K 42 38.15 -25.41 -13.21
CA VAL K 42 38.40 -25.08 -11.83
C VAL K 42 38.44 -23.57 -11.66
N GLY K 43 37.76 -23.08 -10.63
CA GLY K 43 37.70 -21.67 -10.32
C GLY K 43 36.40 -20.99 -10.74
N GLY K 44 35.62 -21.61 -11.62
CA GLY K 44 34.39 -21.00 -12.08
C GLY K 44 33.19 -21.38 -11.24
N THR K 45 32.16 -20.55 -11.33
CA THR K 45 30.90 -20.81 -10.63
C THR K 45 30.06 -21.80 -11.41
N VAL K 46 29.39 -22.70 -10.70
CA VAL K 46 28.48 -23.68 -11.30
C VAL K 46 27.11 -23.55 -10.64
N THR K 47 26.07 -23.50 -11.46
CA THR K 47 24.71 -23.26 -10.99
C THR K 47 23.84 -24.46 -11.35
N ILE K 48 23.03 -24.90 -10.39
CA ILE K 48 22.10 -26.01 -10.56
C ILE K 48 20.70 -25.51 -10.20
N LYS K 49 19.73 -25.82 -11.04
CA LYS K 49 18.35 -25.38 -10.85
C LYS K 49 17.46 -26.58 -10.57
N CYS K 50 16.53 -26.42 -9.63
CA CYS K 50 15.63 -27.50 -9.20
C CYS K 50 14.20 -26.98 -9.30
N GLN K 51 13.61 -27.12 -10.48
CA GLN K 51 12.24 -26.66 -10.70
C GLN K 51 11.24 -27.64 -10.09
N ALA K 52 10.10 -27.10 -9.67
CA ALA K 52 9.03 -27.87 -9.06
C ALA K 52 7.74 -27.70 -9.85
N SER K 53 6.80 -28.60 -9.60
CA SER K 53 5.52 -28.60 -10.32
C SER K 53 4.48 -27.69 -9.67
N GLN K 54 4.79 -27.08 -8.54
CA GLN K 54 3.88 -26.16 -7.85
C GLN K 54 4.69 -25.36 -6.85
N ASN K 55 4.00 -24.48 -6.14
CA ASN K 55 4.64 -23.70 -5.09
C ASN K 55 4.92 -24.59 -3.88
N ILE K 56 6.14 -24.49 -3.34
CA ILE K 56 6.56 -25.28 -2.19
C ILE K 56 6.98 -24.42 -1.01
N TYR K 57 6.85 -23.09 -1.11
CA TYR K 57 7.07 -22.18 0.01
C TYR K 57 8.46 -22.32 0.61
N SER K 58 9.46 -22.47 -0.26
CA SER K 58 10.86 -22.55 0.12
C SER K 58 11.10 -23.65 1.16
N ASN K 59 10.79 -24.87 0.76
CA ASN K 59 10.98 -26.06 1.59
C ASN K 59 11.96 -27.03 0.94
N LEU K 60 13.02 -26.50 0.33
CA LEU K 60 14.01 -27.33 -0.35
C LEU K 60 15.25 -27.53 0.50
N ALA K 61 15.84 -28.71 0.35
CA ALA K 61 17.11 -29.05 0.98
C ALA K 61 18.05 -29.58 -0.08
N TRP K 62 19.27 -29.07 -0.08
CA TRP K 62 20.32 -29.44 -1.02
C TRP K 62 21.33 -30.35 -0.35
N TYR K 63 21.57 -31.50 -0.99
CA TYR K 63 22.47 -32.53 -0.50
C TYR K 63 23.57 -32.81 -1.51
N GLN K 64 24.73 -33.19 -1.01
CA GLN K 64 25.86 -33.62 -1.82
C GLN K 64 26.18 -35.06 -1.48
N GLN K 65 26.35 -35.90 -2.50
CA GLN K 65 26.66 -37.32 -2.33
C GLN K 65 27.86 -37.66 -3.21
N LYS K 66 28.99 -37.96 -2.58
CA LYS K 66 30.12 -38.53 -3.28
C LYS K 66 29.89 -40.02 -3.51
N PRO K 67 30.49 -40.60 -4.55
CA PRO K 67 30.27 -42.01 -4.84
C PRO K 67 30.71 -42.91 -3.69
N GLY K 68 29.78 -43.71 -3.18
CA GLY K 68 30.06 -44.63 -2.11
C GLY K 68 29.67 -44.10 -0.74
N GLN K 69 29.94 -42.82 -0.49
CA GLN K 69 29.64 -42.22 0.80
C GLN K 69 28.16 -41.84 0.89
N PRO K 70 27.60 -41.82 2.10
CA PRO K 70 26.23 -41.36 2.27
C PRO K 70 26.11 -39.87 2.00
N PRO K 71 24.94 -39.39 1.60
CA PRO K 71 24.78 -37.97 1.29
C PRO K 71 25.00 -37.09 2.52
N LYS K 72 25.45 -35.87 2.27
CA LYS K 72 25.69 -34.88 3.31
C LYS K 72 24.79 -33.68 3.05
N LEU K 73 24.11 -33.22 4.08
CA LEU K 73 23.25 -32.05 3.95
C LEU K 73 24.10 -30.80 3.72
N LEU K 74 23.68 -29.99 2.75
CA LEU K 74 24.33 -28.72 2.46
C LEU K 74 23.44 -27.53 2.80
N ILE K 75 22.22 -27.51 2.28
CA ILE K 75 21.33 -26.36 2.45
C ILE K 75 19.97 -26.84 2.95
N TYR K 76 19.39 -26.09 3.87
CA TYR K 76 17.99 -26.29 4.25
C TYR K 76 17.28 -24.95 4.25
N SER K 77 15.96 -25.00 4.04
CA SER K 77 15.11 -23.82 3.89
C SER K 77 15.52 -22.97 2.69
N ALA K 78 16.28 -23.56 1.77
CA ALA K 78 16.65 -22.98 0.48
C ALA K 78 17.62 -21.82 0.60
N SER K 79 17.91 -21.39 1.83
CA SER K 79 18.87 -20.31 2.03
C SER K 79 19.87 -20.56 3.15
N THR K 80 19.56 -21.35 4.16
CA THR K 80 20.39 -21.44 5.35
C THR K 80 21.55 -22.42 5.13
N LEU K 81 22.75 -21.99 5.54
CA LEU K 81 23.93 -22.83 5.46
C LEU K 81 23.94 -23.83 6.61
N ALA K 82 24.20 -25.09 6.30
CA ALA K 82 24.34 -26.09 7.35
C ALA K 82 25.64 -25.88 8.11
N SER K 83 25.68 -26.41 9.33
CA SER K 83 26.86 -26.25 10.17
C SER K 83 28.06 -26.99 9.58
N GLY K 84 29.23 -26.35 9.64
CA GLY K 84 30.43 -26.97 9.12
C GLY K 84 30.51 -27.05 7.62
N VAL K 85 29.79 -26.19 6.92
CA VAL K 85 29.77 -26.16 5.45
C VAL K 85 30.45 -24.88 4.99
N PRO K 86 31.40 -24.94 4.05
CA PRO K 86 32.08 -23.72 3.62
C PRO K 86 31.11 -22.75 2.96
N SER K 87 31.42 -21.46 3.11
CA SER K 87 30.58 -20.38 2.61
C SER K 87 30.59 -20.28 1.09
N ARG K 88 31.34 -21.14 0.39
CA ARG K 88 31.36 -21.07 -1.07
C ARG K 88 29.99 -21.38 -1.65
N PHE K 89 29.29 -22.37 -1.10
CA PHE K 89 27.97 -22.73 -1.58
C PHE K 89 26.97 -21.65 -1.20
N LYS K 90 25.99 -21.42 -2.07
CA LYS K 90 24.92 -20.46 -1.80
C LYS K 90 23.63 -20.99 -2.39
N GLY K 91 22.51 -20.68 -1.73
CA GLY K 91 21.21 -21.08 -2.23
C GLY K 91 20.27 -19.90 -2.32
N SER K 92 19.39 -19.95 -3.30
CA SER K 92 18.42 -18.88 -3.50
C SER K 92 17.22 -19.45 -4.26
N GLY K 93 16.24 -18.59 -4.52
CA GLY K 93 15.05 -18.98 -5.23
C GLY K 93 13.84 -19.04 -4.31
N SER K 94 12.67 -19.05 -4.95
CA SER K 94 11.42 -19.03 -4.20
C SER K 94 10.28 -19.38 -5.16
N GLY K 95 9.17 -19.83 -4.58
CA GLY K 95 8.01 -20.20 -5.36
C GLY K 95 8.13 -21.60 -5.93
N THR K 96 8.43 -21.70 -7.22
CA THR K 96 8.60 -22.97 -7.89
C THR K 96 10.00 -23.17 -8.46
N GLU K 97 10.86 -22.16 -8.42
CA GLU K 97 12.21 -22.26 -8.96
C GLU K 97 13.22 -21.89 -7.89
N TYR K 98 14.24 -22.72 -7.74
CA TYR K 98 15.29 -22.54 -6.75
C TYR K 98 16.62 -22.92 -7.38
N THR K 99 17.69 -22.26 -6.91
CA THR K 99 19.02 -22.44 -7.48
C THR K 99 20.04 -22.64 -6.37
N LEU K 100 21.03 -23.48 -6.67
CA LEU K 100 22.21 -23.66 -5.84
C LEU K 100 23.44 -23.30 -6.66
N THR K 101 24.27 -22.39 -6.13
CA THR K 101 25.41 -21.84 -6.84
C THR K 101 26.68 -22.11 -6.05
N ILE K 102 27.67 -22.70 -6.71
CA ILE K 102 29.01 -22.86 -6.16
C ILE K 102 29.89 -21.80 -6.81
N SER K 103 30.27 -20.79 -6.02
CA SER K 103 31.04 -19.67 -6.57
C SER K 103 32.46 -20.10 -6.93
N ASP K 104 33.13 -20.78 -6.02
CA ASP K 104 34.49 -21.24 -6.24
C ASP K 104 34.49 -22.76 -6.33
N LEU K 105 35.07 -23.30 -7.39
CA LEU K 105 35.06 -24.73 -7.67
C LEU K 105 36.45 -25.29 -7.43
N GLU K 106 36.51 -26.41 -6.71
CA GLU K 106 37.75 -27.12 -6.43
C GLU K 106 37.61 -28.56 -6.91
N CYS K 107 38.69 -29.33 -6.74
CA CYS K 107 38.68 -30.72 -7.16
C CYS K 107 37.75 -31.56 -6.29
N ALA K 108 37.65 -31.25 -5.00
CA ALA K 108 36.80 -32.02 -4.10
C ALA K 108 35.32 -31.86 -4.44
N ASP K 109 34.94 -30.75 -5.07
CA ASP K 109 33.54 -30.47 -5.40
C ASP K 109 33.17 -31.19 -6.69
N ALA K 110 33.23 -32.53 -6.63
CA ALA K 110 32.89 -33.39 -7.76
C ALA K 110 32.07 -34.56 -7.21
N ALA K 111 30.74 -34.42 -7.24
CA ALA K 111 29.84 -35.41 -6.68
C ALA K 111 28.45 -35.15 -7.24
N THR K 112 27.49 -35.98 -6.83
CA THR K 112 26.10 -35.81 -7.23
C THR K 112 25.40 -34.86 -6.27
N TYR K 113 24.44 -34.10 -6.79
CA TYR K 113 23.72 -33.11 -6.00
C TYR K 113 22.22 -33.36 -6.09
N TYR K 114 21.53 -33.27 -4.97
CA TYR K 114 20.10 -33.55 -4.90
C TYR K 114 19.37 -32.41 -4.21
N CYS K 115 18.10 -32.24 -4.58
CA CYS K 115 17.19 -31.31 -3.94
C CYS K 115 15.94 -32.06 -3.50
N GLN K 116 15.52 -31.85 -2.26
CA GLN K 116 14.33 -32.52 -1.74
C GLN K 116 13.37 -31.51 -1.13
N ARG K 117 12.09 -31.82 -1.25
CA ARG K 117 11.03 -31.11 -0.54
C ARG K 117 10.66 -31.90 0.69
N TYR K 118 10.56 -31.20 1.83
CA TYR K 118 10.29 -31.83 3.11
C TYR K 118 9.08 -31.18 3.77
N TYR K 119 8.45 -31.95 4.66
CA TYR K 119 7.35 -31.46 5.48
C TYR K 119 7.78 -31.35 6.93
N TYR K 120 6.95 -30.68 7.73
CA TYR K 120 7.20 -30.58 9.16
C TYR K 120 6.57 -31.76 9.88
N LEU K 121 7.30 -32.32 10.84
CA LEU K 121 6.86 -33.54 11.51
C LEU K 121 5.61 -33.35 12.36
N SER K 122 5.18 -32.11 12.60
CA SER K 122 3.91 -31.90 13.28
C SER K 122 2.76 -32.48 12.48
N GLY K 123 2.78 -32.30 11.17
CA GLY K 123 1.79 -32.91 10.31
C GLY K 123 2.32 -34.17 9.63
N SER K 124 2.25 -34.22 8.31
CA SER K 124 2.77 -35.37 7.58
C SER K 124 4.29 -35.33 7.52
N ALA K 125 4.88 -36.49 7.22
CA ALA K 125 6.32 -36.63 7.12
C ALA K 125 6.76 -36.94 5.68
N ASP K 126 6.00 -36.44 4.70
CA ASP K 126 6.34 -36.69 3.31
C ASP K 126 7.65 -35.99 2.94
N ASN K 127 8.47 -36.68 2.15
CA ASN K 127 9.74 -36.12 1.69
C ASN K 127 9.98 -36.64 0.28
N THR K 128 10.11 -35.73 -0.67
CA THR K 128 10.27 -36.08 -2.07
C THR K 128 11.63 -35.59 -2.57
N PHE K 129 12.44 -36.52 -3.08
CA PHE K 129 13.76 -36.18 -3.59
C PHE K 129 13.71 -35.77 -5.05
N GLY K 130 14.81 -35.20 -5.51
CA GLY K 130 14.95 -34.81 -6.91
C GLY K 130 15.50 -35.92 -7.77
N GLY K 131 16.06 -35.54 -8.91
CA GLY K 131 16.62 -36.51 -9.83
C GLY K 131 18.08 -36.81 -9.58
N GLY K 132 18.90 -35.75 -9.46
CA GLY K 132 20.33 -35.95 -9.26
C GLY K 132 21.10 -35.38 -10.44
N THR K 133 22.07 -34.52 -10.13
CA THR K 133 22.87 -33.84 -11.15
C THR K 133 24.34 -33.98 -10.78
N GLU K 134 25.09 -34.70 -11.62
CA GLU K 134 26.51 -34.87 -11.40
C GLU K 134 27.29 -33.68 -11.94
N VAL K 135 28.46 -33.44 -11.33
CA VAL K 135 29.32 -32.32 -11.68
C VAL K 135 30.69 -32.86 -12.02
N VAL K 136 31.25 -32.42 -13.16
CA VAL K 136 32.55 -32.86 -13.64
C VAL K 136 33.52 -31.69 -13.48
N VAL K 137 34.63 -31.95 -12.79
CA VAL K 137 35.64 -30.92 -12.57
C VAL K 137 36.42 -30.66 -13.87
N VAL L 29 2.92 -13.62 -32.37
CA VAL L 29 3.33 -14.47 -31.26
C VAL L 29 4.12 -15.67 -31.78
N VAL L 30 5.26 -15.93 -31.16
CA VAL L 30 6.10 -17.08 -31.48
C VAL L 30 6.01 -18.08 -30.35
N LEU L 31 5.75 -19.34 -30.68
CA LEU L 31 5.61 -20.41 -29.70
C LEU L 31 6.89 -21.24 -29.74
N THR L 32 7.61 -21.27 -28.62
CA THR L 32 8.85 -22.04 -28.50
C THR L 32 8.58 -23.26 -27.62
N GLN L 33 8.81 -24.44 -28.19
CA GLN L 33 8.55 -25.69 -27.50
C GLN L 33 9.85 -26.21 -26.88
N THR L 34 9.81 -27.46 -26.41
CA THR L 34 11.01 -28.08 -25.86
C THR L 34 12.10 -28.19 -26.92
N ALA L 35 11.70 -28.48 -28.17
CA ALA L 35 12.61 -28.52 -29.31
C ALA L 35 13.75 -29.51 -29.09
N SER L 36 13.39 -30.71 -28.64
CA SER L 36 14.38 -31.76 -28.41
C SER L 36 13.73 -33.12 -28.50
N PRO L 37 14.34 -34.08 -29.22
CA PRO L 37 13.76 -35.43 -29.28
C PRO L 37 13.90 -36.15 -27.95
N VAL L 38 13.04 -35.78 -26.99
CA VAL L 38 13.14 -36.31 -25.64
C VAL L 38 12.85 -37.81 -25.64
N SER L 39 13.69 -38.57 -24.94
CA SER L 39 13.53 -40.00 -24.79
C SER L 39 13.38 -40.34 -23.32
N THR L 40 12.42 -41.22 -23.01
CA THR L 40 12.12 -41.59 -21.64
C THR L 40 11.75 -43.06 -21.59
N PRO L 41 12.30 -43.82 -20.65
CA PRO L 41 11.93 -45.24 -20.54
C PRO L 41 10.47 -45.40 -20.15
N VAL L 42 9.90 -46.53 -20.55
CA VAL L 42 8.49 -46.81 -20.30
C VAL L 42 8.24 -46.84 -18.79
N GLY L 43 7.15 -46.18 -18.37
CA GLY L 43 6.76 -46.11 -16.97
C GLY L 43 6.94 -44.73 -16.35
N GLY L 44 7.91 -43.96 -16.87
CA GLY L 44 8.14 -42.63 -16.35
C GLY L 44 7.18 -41.61 -16.89
N THR L 45 7.30 -40.38 -16.38
CA THR L 45 6.49 -39.26 -16.81
C THR L 45 7.35 -38.26 -17.57
N VAL L 46 6.85 -37.78 -18.71
CA VAL L 46 7.57 -36.83 -19.53
C VAL L 46 6.88 -35.48 -19.45
N THR L 47 7.62 -34.42 -19.67
CA THR L 47 7.12 -33.05 -19.58
C THR L 47 7.54 -32.26 -20.81
N ILE L 48 6.60 -31.54 -21.40
CA ILE L 48 6.85 -30.68 -22.54
C ILE L 48 6.47 -29.25 -22.15
N LYS L 49 7.38 -28.32 -22.41
CA LYS L 49 7.21 -26.92 -22.04
C LYS L 49 7.04 -26.09 -23.30
N CYS L 50 6.03 -25.23 -23.30
CA CYS L 50 5.67 -24.42 -24.47
C CYS L 50 5.68 -22.95 -24.05
N GLN L 51 6.74 -22.23 -24.43
CA GLN L 51 6.88 -20.82 -24.07
C GLN L 51 6.22 -19.93 -25.12
N ALA L 52 5.87 -18.72 -24.69
CA ALA L 52 5.23 -17.73 -25.55
C ALA L 52 5.94 -16.39 -25.38
N SER L 53 5.79 -15.54 -26.39
CA SER L 53 6.43 -14.22 -26.40
C SER L 53 5.62 -13.16 -25.67
N GLN L 54 4.40 -13.48 -25.22
CA GLN L 54 3.57 -12.53 -24.52
C GLN L 54 2.50 -13.31 -23.75
N ASN L 55 1.82 -12.60 -22.85
CA ASN L 55 0.73 -13.20 -22.10
C ASN L 55 -0.41 -13.57 -23.04
N ILE L 56 -0.92 -14.80 -22.90
CA ILE L 56 -1.93 -15.33 -23.79
C ILE L 56 -3.18 -15.77 -23.04
N TYR L 57 -3.22 -15.57 -21.72
CA TYR L 57 -4.42 -15.78 -20.91
C TYR L 57 -4.94 -17.22 -21.01
N SER L 58 -4.01 -18.17 -21.06
CA SER L 58 -4.33 -19.60 -21.05
C SER L 58 -5.31 -19.97 -22.17
N ASN L 59 -4.85 -19.79 -23.39
CA ASN L 59 -5.61 -20.11 -24.59
C ASN L 59 -4.87 -21.12 -25.46
N LEU L 60 -4.30 -22.15 -24.85
CA LEU L 60 -3.52 -23.14 -25.57
C LEU L 60 -4.25 -24.47 -25.65
N ALA L 61 -4.00 -25.18 -26.75
CA ALA L 61 -4.50 -26.52 -26.98
C ALA L 61 -3.34 -27.42 -27.36
N TRP L 62 -3.35 -28.64 -26.85
CA TRP L 62 -2.31 -29.62 -27.07
C TRP L 62 -2.78 -30.68 -28.05
N TYR L 63 -1.94 -30.96 -29.05
CA TYR L 63 -2.25 -31.97 -30.06
C TYR L 63 -1.13 -32.99 -30.13
N GLN L 64 -1.50 -34.23 -30.44
CA GLN L 64 -0.54 -35.27 -30.77
C GLN L 64 -0.79 -35.73 -32.20
N GLN L 65 0.29 -36.03 -32.91
CA GLN L 65 0.21 -36.46 -34.30
C GLN L 65 1.14 -37.66 -34.50
N LYS L 66 0.55 -38.83 -34.68
CA LYS L 66 1.31 -40.00 -35.08
C LYS L 66 1.72 -39.86 -36.55
N PRO L 67 2.81 -40.50 -36.97
CA PRO L 67 3.26 -40.37 -38.36
C PRO L 67 2.22 -40.87 -39.34
N GLY L 68 1.69 -39.95 -40.14
CA GLY L 68 0.72 -40.30 -41.17
C GLY L 68 -0.70 -39.91 -40.83
N GLN L 69 -1.11 -40.12 -39.58
CA GLN L 69 -2.47 -39.82 -39.17
C GLN L 69 -2.65 -38.33 -38.92
N PRO L 70 -3.86 -37.80 -39.11
CA PRO L 70 -4.11 -36.41 -38.76
C PRO L 70 -4.02 -36.21 -37.26
N PRO L 71 -3.69 -34.99 -36.81
CA PRO L 71 -3.54 -34.76 -35.36
C PRO L 71 -4.84 -34.92 -34.62
N LYS L 72 -4.73 -35.16 -33.32
CA LYS L 72 -5.87 -35.34 -32.43
C LYS L 72 -5.79 -34.36 -31.28
N LEU L 73 -6.94 -33.84 -30.88
CA LEU L 73 -7.01 -32.90 -29.76
C LEU L 73 -6.84 -33.64 -28.44
N LEU L 74 -6.04 -33.05 -27.55
CA LEU L 74 -5.78 -33.63 -26.23
C LEU L 74 -6.33 -32.76 -25.11
N ILE L 75 -5.93 -31.49 -25.06
CA ILE L 75 -6.30 -30.58 -23.98
C ILE L 75 -6.61 -29.21 -24.58
N TYR L 76 -7.72 -28.62 -24.18
CA TYR L 76 -8.06 -27.25 -24.58
C TYR L 76 -8.23 -26.38 -23.34
N SER L 77 -8.08 -25.07 -23.53
CA SER L 77 -8.08 -24.08 -22.45
C SER L 77 -6.93 -24.30 -21.47
N ALA L 78 -5.94 -25.08 -21.89
CA ALA L 78 -4.67 -25.30 -21.19
C ALA L 78 -4.85 -26.15 -19.93
N SER L 79 -6.09 -26.42 -19.53
CA SER L 79 -6.34 -27.32 -18.42
C SER L 79 -7.45 -28.34 -18.67
N THR L 80 -8.42 -28.05 -19.53
CA THR L 80 -9.55 -28.95 -19.71
C THR L 80 -9.15 -30.15 -20.56
N LEU L 81 -9.65 -31.32 -20.19
CA LEU L 81 -9.31 -32.57 -20.85
C LEU L 81 -10.39 -32.90 -21.87
N ALA L 82 -10.01 -33.03 -23.14
CA ALA L 82 -10.96 -33.28 -24.20
C ALA L 82 -11.56 -34.68 -24.07
N SER L 83 -12.73 -34.85 -24.66
CA SER L 83 -13.46 -36.11 -24.57
C SER L 83 -12.67 -37.24 -25.23
N GLY L 84 -12.81 -38.44 -24.70
CA GLY L 84 -12.12 -39.60 -25.22
C GLY L 84 -10.62 -39.55 -25.06
N VAL L 85 -10.13 -39.09 -23.90
CA VAL L 85 -8.70 -39.00 -23.64
C VAL L 85 -8.41 -39.59 -22.26
N PRO L 86 -7.44 -40.49 -22.12
CA PRO L 86 -7.11 -41.03 -20.80
C PRO L 86 -6.60 -39.94 -19.87
N SER L 87 -6.83 -40.15 -18.58
CA SER L 87 -6.43 -39.18 -17.56
C SER L 87 -4.91 -39.12 -17.33
N ARG L 88 -4.13 -39.91 -18.08
CA ARG L 88 -2.68 -39.84 -17.94
C ARG L 88 -2.15 -38.46 -18.30
N PHE L 89 -2.65 -37.89 -19.39
CA PHE L 89 -2.21 -36.57 -19.82
C PHE L 89 -2.75 -35.50 -18.87
N LYS L 90 -1.92 -34.49 -18.59
CA LYS L 90 -2.33 -33.39 -17.75
C LYS L 90 -1.73 -32.10 -18.31
N GLY L 91 -2.46 -31.00 -18.16
CA GLY L 91 -1.97 -29.71 -18.62
C GLY L 91 -2.05 -28.70 -17.49
N SER L 92 -1.10 -27.76 -17.52
CA SER L 92 -1.04 -26.72 -16.50
C SER L 92 -0.29 -25.53 -17.06
N GLY L 93 -0.27 -24.45 -16.30
CA GLY L 93 0.46 -23.25 -16.68
C GLY L 93 -0.44 -22.03 -16.73
N SER L 94 0.22 -20.88 -16.89
CA SER L 94 -0.46 -19.59 -16.94
C SER L 94 0.49 -18.57 -17.54
N GLY L 95 -0.05 -17.36 -17.75
CA GLY L 95 0.75 -16.27 -18.27
C GLY L 95 1.40 -16.58 -19.60
N THR L 96 2.71 -16.80 -19.58
CA THR L 96 3.46 -17.14 -20.77
C THR L 96 4.06 -18.54 -20.73
N GLU L 97 3.95 -19.26 -19.62
CA GLU L 97 4.56 -20.58 -19.46
C GLU L 97 3.48 -21.62 -19.25
N TYR L 98 3.51 -22.67 -20.07
CA TYR L 98 2.52 -23.73 -20.00
C TYR L 98 3.20 -25.07 -20.22
N THR L 99 2.76 -26.08 -19.48
CA THR L 99 3.39 -27.39 -19.48
C THR L 99 2.36 -28.49 -19.70
N LEU L 100 2.78 -29.52 -20.42
CA LEU L 100 2.00 -30.74 -20.61
C LEU L 100 2.79 -31.92 -20.06
N THR L 101 2.19 -32.64 -19.13
CA THR L 101 2.83 -33.77 -18.47
C THR L 101 2.12 -35.05 -18.87
N ILE L 102 2.86 -35.99 -19.45
CA ILE L 102 2.36 -37.31 -19.78
C ILE L 102 2.81 -38.24 -18.68
N SER L 103 1.85 -38.73 -17.89
CA SER L 103 2.14 -39.65 -16.81
C SER L 103 1.98 -41.10 -17.29
N ASP L 104 2.86 -41.98 -16.80
CA ASP L 104 2.85 -43.39 -17.15
C ASP L 104 3.00 -43.57 -18.67
N LEU L 105 4.16 -43.14 -19.16
CA LEU L 105 4.45 -43.19 -20.59
C LEU L 105 4.31 -44.62 -21.12
N GLU L 106 3.68 -44.75 -22.28
CA GLU L 106 3.40 -46.04 -22.88
C GLU L 106 4.01 -46.11 -24.27
N CYS L 107 3.99 -47.32 -24.84
CA CYS L 107 4.54 -47.52 -26.18
C CYS L 107 3.75 -46.74 -27.23
N ALA L 108 2.42 -46.75 -27.12
CA ALA L 108 1.59 -46.04 -28.09
C ALA L 108 1.80 -44.53 -28.00
N ASP L 109 2.26 -44.02 -26.86
CA ASP L 109 2.50 -42.59 -26.68
C ASP L 109 3.83 -42.20 -27.32
N ALA L 110 3.86 -42.32 -28.66
CA ALA L 110 5.04 -41.99 -29.45
C ALA L 110 4.56 -41.21 -30.67
N ALA L 111 4.57 -39.89 -30.56
CA ALA L 111 4.06 -39.02 -31.62
C ALA L 111 4.64 -37.64 -31.44
N THR L 112 4.39 -36.78 -32.43
CA THR L 112 4.85 -35.40 -32.35
C THR L 112 3.78 -34.54 -31.68
N TYR L 113 4.20 -33.74 -30.70
CA TYR L 113 3.27 -32.97 -29.88
C TYR L 113 3.39 -31.48 -30.21
N TYR L 114 2.23 -30.82 -30.25
CA TYR L 114 2.14 -29.41 -30.62
C TYR L 114 1.32 -28.65 -29.60
N CYS L 115 1.69 -27.39 -29.38
CA CYS L 115 0.91 -26.45 -28.60
C CYS L 115 0.45 -25.32 -29.51
N GLN L 116 -0.85 -25.02 -29.47
CA GLN L 116 -1.46 -24.05 -30.35
C GLN L 116 -2.15 -22.98 -29.53
N ARG L 117 -1.95 -21.71 -29.91
CA ARG L 117 -2.73 -20.61 -29.38
C ARG L 117 -3.87 -20.31 -30.34
N TYR L 118 -5.08 -20.24 -29.82
CA TYR L 118 -6.27 -20.01 -30.62
C TYR L 118 -6.94 -18.70 -30.22
N TYR L 119 -7.99 -18.35 -30.94
CA TYR L 119 -8.78 -17.16 -30.67
C TYR L 119 -10.25 -17.55 -30.60
N TYR L 120 -11.06 -16.63 -30.09
CA TYR L 120 -12.50 -16.84 -30.09
C TYR L 120 -13.09 -16.33 -31.40
N LEU L 121 -13.91 -17.17 -32.04
CA LEU L 121 -14.41 -16.91 -33.38
C LEU L 121 -15.46 -15.81 -33.42
N SER L 122 -15.70 -15.09 -32.33
CA SER L 122 -16.64 -13.98 -32.36
C SER L 122 -16.17 -12.87 -33.29
N GLY L 123 -14.87 -12.58 -33.27
CA GLY L 123 -14.34 -11.52 -34.11
C GLY L 123 -12.97 -11.78 -34.70
N SER L 124 -12.44 -12.98 -34.51
CA SER L 124 -11.12 -13.30 -35.05
C SER L 124 -10.99 -14.81 -35.16
N ALA L 125 -10.03 -15.23 -35.99
CA ALA L 125 -9.77 -16.66 -36.19
C ALA L 125 -8.28 -16.97 -36.21
N ASP L 126 -7.43 -16.04 -35.79
CA ASP L 126 -5.99 -16.26 -35.83
C ASP L 126 -5.59 -17.39 -34.90
N ASN L 127 -4.66 -18.23 -35.37
CA ASN L 127 -4.15 -19.35 -34.58
C ASN L 127 -2.70 -19.61 -34.96
N THR L 128 -1.86 -19.85 -33.96
CA THR L 128 -0.44 -20.10 -34.16
C THR L 128 -0.08 -21.43 -33.53
N PHE L 129 0.59 -22.29 -34.31
CA PHE L 129 0.99 -23.60 -33.84
C PHE L 129 2.41 -23.57 -33.29
N GLY L 130 2.75 -24.61 -32.51
CA GLY L 130 4.08 -24.73 -31.95
C GLY L 130 5.04 -25.41 -32.90
N GLY L 131 6.30 -25.46 -32.47
CA GLY L 131 7.34 -26.06 -33.29
C GLY L 131 7.17 -27.56 -33.46
N GLY L 132 6.83 -28.25 -32.38
CA GLY L 132 6.67 -29.69 -32.43
C GLY L 132 7.76 -30.42 -31.68
N THR L 133 7.38 -31.27 -30.74
CA THR L 133 8.33 -32.02 -29.91
C THR L 133 8.09 -33.51 -30.10
N GLU L 134 9.16 -34.24 -30.40
CA GLU L 134 9.08 -35.68 -30.59
C GLU L 134 9.40 -36.40 -29.29
N VAL L 135 8.68 -37.50 -29.04
CA VAL L 135 8.86 -38.31 -27.85
C VAL L 135 9.29 -39.71 -28.28
N VAL L 136 10.28 -40.25 -27.58
CA VAL L 136 10.84 -41.57 -27.87
C VAL L 136 10.68 -42.43 -26.63
N VAL L 137 10.09 -43.61 -26.81
CA VAL L 137 9.87 -44.53 -25.70
C VAL L 137 11.20 -45.09 -25.20
N ALA M 1 -25.02 4.03 39.26
CA ALA M 1 -23.58 3.80 39.25
C ALA M 1 -23.26 2.39 38.73
N ILE M 2 -21.98 2.05 38.72
CA ILE M 2 -21.51 0.75 38.24
C ILE M 2 -20.60 0.15 39.30
N VAL M 3 -20.62 -1.17 39.42
CA VAL M 3 -19.78 -1.91 40.35
C VAL M 3 -18.89 -2.86 39.56
N ASN M 4 -17.64 -2.95 39.97
CA ASN M 4 -16.67 -3.79 39.27
C ASN M 4 -16.90 -5.25 39.64
N ALA M 5 -17.18 -6.07 38.64
CA ALA M 5 -17.39 -7.50 38.83
C ALA M 5 -16.19 -8.33 38.40
N GLN M 6 -15.10 -7.71 37.96
CA GLN M 6 -13.92 -8.44 37.57
C GLN M 6 -13.25 -9.06 38.79
N PRO M 7 -12.52 -10.16 38.61
CA PRO M 7 -11.88 -10.80 39.78
C PRO M 7 -10.91 -9.89 40.52
N LYS M 8 -10.15 -9.07 39.81
CA LYS M 8 -9.19 -8.17 40.44
C LYS M 8 -9.07 -6.90 39.60
N CYS M 9 -8.64 -5.82 40.26
CA CYS M 9 -8.58 -4.51 39.63
C CYS M 9 -7.23 -3.87 39.92
N ASN M 10 -6.72 -3.13 38.93
CA ASN M 10 -5.49 -2.37 39.10
C ASN M 10 -5.82 -0.90 39.31
N PRO M 11 -5.55 -0.33 40.49
CA PRO M 11 -6.02 1.03 40.77
C PRO M 11 -5.26 2.12 40.03
N ASN M 12 -4.06 1.85 39.54
CA ASN M 12 -3.26 2.84 38.84
C ASN M 12 -3.31 2.60 37.34
N LEU M 13 -3.46 3.68 36.59
CA LEU M 13 -3.61 3.62 35.13
C LEU M 13 -2.42 4.33 34.50
N HIS M 14 -1.50 3.57 33.94
CA HIS M 14 -0.31 4.09 33.28
C HIS M 14 -0.60 4.20 31.79
N TYR M 15 -0.86 5.41 31.31
CA TYR M 15 -1.38 5.61 29.96
C TYR M 15 -0.34 6.29 29.07
N TRP M 16 -0.57 6.14 27.76
CA TRP M 16 0.14 6.88 26.72
C TRP M 16 -0.88 7.46 25.77
N THR M 17 -0.62 8.67 25.28
CA THR M 17 -1.52 9.31 24.33
C THR M 17 -0.70 10.16 23.37
N THR M 18 -1.30 10.44 22.22
CA THR M 18 -0.58 11.08 21.12
C THR M 18 -0.73 12.60 21.09
N GLN M 19 -1.75 13.16 21.74
CA GLN M 19 -1.94 14.60 21.72
C GLN M 19 -0.88 15.28 22.59
N ASP M 20 -0.25 16.33 22.04
CA ASP M 20 0.72 17.10 22.79
C ASP M 20 0.26 18.54 23.02
N GLU M 21 -0.05 19.27 21.95
CA GLU M 21 -0.48 20.67 22.04
C GLU M 21 -0.85 21.20 20.66
N ILE M 25 7.05 23.38 18.75
CA ILE M 25 8.05 24.38 19.08
C ILE M 25 9.12 24.45 18.00
N GLY M 26 9.47 25.67 17.58
CA GLY M 26 10.45 25.86 16.54
C GLY M 26 10.03 25.27 15.20
N LEU M 27 10.76 24.27 14.74
CA LEU M 27 10.45 23.57 13.49
C LEU M 27 10.10 22.12 13.74
N ALA M 28 9.64 21.80 14.95
CA ALA M 28 9.28 20.42 15.27
C ALA M 28 8.00 19.98 14.56
N TRP M 29 7.12 20.92 14.21
CA TRP M 29 5.90 20.56 13.51
C TRP M 29 6.12 20.23 12.05
N ILE M 30 7.27 20.57 11.50
CA ILE M 30 7.59 20.20 10.12
C ILE M 30 7.75 18.69 10.04
N PRO M 31 7.04 18.01 9.13
CA PRO M 31 7.22 16.55 9.00
C PRO M 31 8.65 16.17 8.64
N TYR M 32 9.35 17.01 7.87
CA TYR M 32 10.73 16.71 7.52
C TYR M 32 11.63 16.73 8.75
N PHE M 33 11.44 17.70 9.64
CA PHE M 33 12.24 17.81 10.85
C PHE M 33 11.56 17.23 12.09
N GLY M 34 10.38 16.64 11.91
CA GLY M 34 9.61 16.16 13.04
C GLY M 34 10.18 14.87 13.61
N PRO M 35 9.59 14.44 14.73
CA PRO M 35 10.02 13.20 15.35
C PRO M 35 9.62 11.98 14.52
N ALA M 36 10.29 10.87 14.80
CA ALA M 36 10.02 9.63 14.09
C ALA M 36 8.66 9.08 14.51
N ALA M 37 8.32 7.91 13.97
CA ALA M 37 7.02 7.30 14.25
C ALA M 37 6.90 6.77 15.67
N GLU M 38 8.00 6.72 16.43
CA GLU M 38 7.97 6.20 17.78
C GLU M 38 8.11 7.28 18.84
N GLY M 39 8.33 8.54 18.46
CA GLY M 39 8.52 9.59 19.42
C GLY M 39 7.42 10.64 19.44
N ILE M 40 6.19 10.21 19.14
CA ILE M 40 5.05 11.10 19.08
C ILE M 40 4.10 10.89 20.25
N TYR M 41 4.49 10.09 21.24
CA TYR M 41 3.63 9.75 22.36
C TYR M 41 4.07 10.48 23.62
N THR M 42 3.15 10.54 24.59
CA THR M 42 3.40 11.12 25.90
C THR M 42 3.19 10.05 26.97
N GLU M 43 3.25 10.48 28.23
CA GLU M 43 3.12 9.57 29.35
C GLU M 43 2.37 10.28 30.48
N GLY M 44 1.68 9.48 31.30
CA GLY M 44 0.98 10.01 32.46
C GLY M 44 0.66 8.89 33.42
N LEU M 45 0.10 9.26 34.57
CA LEU M 45 -0.24 8.29 35.59
C LEU M 45 -1.34 8.88 36.48
N MET M 46 -2.52 8.29 36.42
CA MET M 46 -3.64 8.70 37.27
C MET M 46 -3.70 7.85 38.53
N HIS M 47 -2.64 7.95 39.34
CA HIS M 47 -2.54 7.13 40.54
C HIS M 47 -3.67 7.42 41.51
N ASN M 48 -3.96 8.70 41.74
CA ASN M 48 -5.08 9.07 42.60
C ASN M 48 -6.40 8.73 41.91
N GLN M 49 -7.31 8.14 42.69
CA GLN M 49 -8.59 7.72 42.13
C GLN M 49 -9.61 7.63 43.24
N ASP M 50 -10.88 7.68 42.85
CA ASP M 50 -12.03 7.52 43.74
C ASP M 50 -12.99 6.50 43.16
N GLY M 51 -12.45 5.35 42.75
CA GLY M 51 -13.19 4.36 41.99
C GLY M 51 -13.23 4.61 40.50
N LEU M 52 -12.45 5.57 40.00
CA LEU M 52 -12.48 5.89 38.57
C LEU M 52 -11.92 4.74 37.75
N ILE M 53 -10.75 4.23 38.11
CA ILE M 53 -10.08 3.22 37.29
C ILE M 53 -10.82 1.89 37.35
N CYS M 54 -11.22 1.46 38.55
CA CYS M 54 -11.97 0.22 38.68
C CYS M 54 -13.34 0.30 38.03
N GLY M 55 -13.87 1.51 37.82
CA GLY M 55 -15.11 1.69 37.10
C GLY M 55 -14.90 1.69 35.61
N LEU M 56 -13.77 2.25 35.17
CA LEU M 56 -13.42 2.20 33.75
C LEU M 56 -13.22 0.77 33.29
N ARG M 57 -12.54 -0.03 34.12
CA ARG M 57 -12.27 -1.42 33.76
C ARG M 57 -13.54 -2.25 33.67
N GLN M 58 -14.64 -1.79 34.28
CA GLN M 58 -15.92 -2.49 34.15
C GLN M 58 -16.76 -1.92 33.01
N LEU M 59 -16.72 -0.61 32.80
CA LEU M 59 -17.43 -0.02 31.67
C LEU M 59 -16.88 -0.55 30.35
N ALA M 60 -15.56 -0.69 30.26
CA ALA M 60 -14.96 -1.26 29.05
C ALA M 60 -15.41 -2.70 28.84
N ASN M 61 -15.52 -3.48 29.92
CA ASN M 61 -16.03 -4.84 29.81
C ASN M 61 -17.48 -4.85 29.35
N GLU M 62 -18.28 -3.88 29.80
CA GLU M 62 -19.69 -3.86 29.43
C GLU M 62 -19.91 -3.45 27.98
N THR M 63 -19.13 -2.49 27.48
CA THR M 63 -19.37 -1.95 26.14
C THR M 63 -19.05 -2.92 25.01
N THR M 64 -18.38 -4.04 25.30
CA THR M 64 -17.83 -4.86 24.22
C THR M 64 -18.93 -5.54 23.42
N GLN M 65 -20.02 -5.95 24.06
CA GLN M 65 -21.10 -6.63 23.34
C GLN M 65 -21.73 -5.70 22.31
N ALA M 66 -22.07 -4.49 22.75
CA ALA M 66 -22.65 -3.52 21.83
C ALA M 66 -21.67 -3.15 20.73
N LEU M 67 -20.38 -2.99 21.07
CA LEU M 67 -19.41 -2.64 20.05
C LEU M 67 -19.27 -3.75 19.01
N GLN M 68 -19.24 -5.01 19.46
CA GLN M 68 -19.12 -6.12 18.51
C GLN M 68 -20.35 -6.23 17.62
N LEU M 69 -21.54 -6.06 18.20
CA LEU M 69 -22.75 -6.13 17.37
C LEU M 69 -22.79 -5.00 16.36
N PHE M 70 -22.40 -3.79 16.77
CA PHE M 70 -22.35 -2.66 15.84
C PHE M 70 -21.34 -2.91 14.73
N LEU M 71 -20.17 -3.45 15.06
CA LEU M 71 -19.17 -3.74 14.05
C LEU M 71 -19.65 -4.81 13.08
N ARG M 72 -20.37 -5.82 13.59
CA ARG M 72 -20.94 -6.84 12.71
C ARG M 72 -21.98 -6.24 11.78
N ALA M 73 -22.77 -5.30 12.28
CA ALA M 73 -23.83 -4.71 11.47
C ALA M 73 -23.28 -3.93 10.28
N THR M 74 -22.20 -3.18 10.49
CA THR M 74 -21.70 -2.27 9.46
C THR M 74 -20.92 -3.03 8.40
N THR M 75 -20.38 -2.28 7.44
CA THR M 75 -19.54 -2.83 6.37
C THR M 75 -18.24 -2.07 6.19
N GLU M 76 -17.89 -1.19 7.14
CA GLU M 76 -16.58 -0.55 7.12
C GLU M 76 -15.45 -1.57 7.24
N LEU M 77 -14.39 -1.35 6.48
CA LEU M 77 -13.14 -2.05 6.76
C LEU M 77 -12.47 -1.44 7.99
N ARG M 78 -12.47 -0.11 8.08
CA ARG M 78 -12.01 0.62 9.25
C ARG M 78 -13.09 1.61 9.66
N THR M 79 -13.39 1.68 10.95
CA THR M 79 -14.41 2.57 11.48
C THR M 79 -13.75 3.71 12.24
N PHE M 80 -14.15 4.95 11.91
CA PHE M 80 -13.57 6.14 12.52
C PHE M 80 -14.62 7.17 12.92
N SER M 81 -15.92 6.84 12.84
CA SER M 81 -16.96 7.84 13.00
C SER M 81 -17.94 7.46 14.11
N ILE M 82 -17.47 6.78 15.15
CA ILE M 82 -18.36 6.46 16.27
C ILE M 82 -18.59 7.69 17.14
N LEU M 83 -17.52 8.42 17.47
CA LEU M 83 -17.64 9.56 18.36
C LEU M 83 -18.49 10.67 17.74
N ASN M 84 -18.35 10.88 16.43
CA ASN M 84 -19.19 11.86 15.76
C ASN M 84 -20.66 11.47 15.85
N ARG M 85 -20.95 10.17 15.69
CA ARG M 85 -22.33 9.70 15.84
C ARG M 85 -22.83 9.95 17.27
N LYS M 86 -21.97 9.71 18.27
CA LYS M 86 -22.37 9.96 19.65
C LYS M 86 -22.69 11.44 19.87
N ALA M 87 -21.85 12.32 19.33
CA ALA M 87 -22.08 13.76 19.50
C ALA M 87 -23.37 14.20 18.80
N ILE M 88 -23.60 13.70 17.59
CA ILE M 88 -24.83 14.05 16.87
C ILE M 88 -26.05 13.52 17.62
N ASP M 89 -25.95 12.31 18.16
CA ASP M 89 -27.06 11.75 18.95
C ASP M 89 -27.32 12.60 20.19
N PHE M 90 -26.25 13.05 20.85
CA PHE M 90 -26.40 13.91 22.03
C PHE M 90 -27.13 15.21 21.67
N LEU M 91 -26.71 15.85 20.58
CA LEU M 91 -27.35 17.09 20.16
C LEU M 91 -28.81 16.87 19.78
N LEU M 92 -29.09 15.77 19.08
CA LEU M 92 -30.47 15.47 18.70
C LEU M 92 -31.33 15.21 19.94
N GLN M 93 -30.79 14.49 20.93
CA GLN M 93 -31.51 14.23 22.15
C GLN M 93 -31.80 15.53 22.91
N ARG M 94 -30.84 16.44 22.95
CA ARG M 94 -31.04 17.72 23.62
C ARG M 94 -32.15 18.52 22.96
N TRP M 95 -31.98 18.88 21.69
CA TRP M 95 -32.95 19.67 20.94
C TRP M 95 -33.27 18.95 19.64
N GLY M 96 -34.50 18.47 19.53
CA GLY M 96 -34.96 17.83 18.31
C GLY M 96 -36.23 18.46 17.78
N GLY M 97 -36.50 19.69 18.19
CA GLY M 97 -37.67 20.42 17.77
C GLY M 97 -38.74 20.46 18.85
N THR M 98 -39.57 21.50 18.78
CA THR M 98 -40.69 21.71 19.69
C THR M 98 -40.21 21.69 21.16
N CYS M 99 -39.37 22.69 21.47
CA CYS M 99 -38.78 22.82 22.79
C CYS M 99 -39.73 23.59 23.70
N HIS M 100 -40.33 22.88 24.65
CA HIS M 100 -41.18 23.52 25.65
C HIS M 100 -40.31 24.24 26.67
N ILE M 101 -40.67 25.49 26.98
CA ILE M 101 -39.81 26.31 27.86
C ILE M 101 -39.76 25.73 29.26
N LEU M 102 -40.92 25.38 29.82
CA LEU M 102 -41.00 24.83 31.16
C LEU M 102 -41.11 23.32 31.20
N GLY M 103 -41.07 22.66 30.06
CA GLY M 103 -41.18 21.22 30.01
C GLY M 103 -39.95 20.53 30.55
N PRO M 104 -40.08 19.24 30.87
CA PRO M 104 -38.93 18.49 31.40
C PRO M 104 -38.00 17.98 30.32
N ASP M 105 -38.24 18.40 29.07
CA ASP M 105 -37.47 17.94 27.93
C ASP M 105 -36.42 18.93 27.45
N CYS M 106 -36.45 20.17 27.94
CA CYS M 106 -35.54 21.22 27.48
C CYS M 106 -34.60 21.63 28.61
N CYS M 107 -33.35 21.93 28.24
CA CYS M 107 -32.37 22.44 29.20
C CYS M 107 -32.51 23.92 29.43
N ILE M 108 -33.44 24.60 28.74
CA ILE M 108 -33.66 26.02 28.95
C ILE M 108 -34.28 26.24 30.32
N GLU M 109 -33.59 27.00 31.16
CA GLU M 109 -34.10 27.35 32.48
C GLU M 109 -34.53 28.81 32.50
N PRO M 110 -35.81 29.09 32.72
CA PRO M 110 -36.27 30.48 32.69
C PRO M 110 -35.63 31.32 33.78
N HIS M 111 -35.46 32.61 33.47
CA HIS M 111 -34.88 33.55 34.43
C HIS M 111 -35.40 34.96 34.18
N ALA N 1 -47.12 16.41 -2.11
CA ALA N 1 -47.19 14.96 -2.11
C ALA N 1 -46.38 14.37 -3.25
N ILE N 2 -46.37 13.04 -3.35
CA ILE N 2 -45.62 12.32 -4.37
C ILE N 2 -46.59 11.44 -5.13
N VAL N 3 -46.57 11.55 -6.47
CA VAL N 3 -47.41 10.76 -7.35
C VAL N 3 -46.51 9.82 -8.15
N ASN N 4 -46.88 8.54 -8.19
CA ASN N 4 -46.08 7.54 -8.88
C ASN N 4 -46.33 7.61 -10.38
N ALA N 5 -45.28 7.92 -11.14
CA ALA N 5 -45.37 7.96 -12.60
C ALA N 5 -44.77 6.74 -13.26
N GLN N 6 -44.41 5.71 -12.48
CA GLN N 6 -43.83 4.50 -13.04
C GLN N 6 -44.89 3.71 -13.80
N PRO N 7 -44.46 2.89 -14.76
CA PRO N 7 -45.45 2.06 -15.49
C PRO N 7 -46.26 1.15 -14.59
N LYS N 8 -45.64 0.57 -13.56
CA LYS N 8 -46.33 -0.29 -12.62
C LYS N 8 -45.75 -0.09 -11.23
N CYS N 9 -46.54 -0.44 -10.22
CA CYS N 9 -46.12 -0.33 -8.82
C CYS N 9 -46.41 -1.65 -8.12
N ASN N 10 -45.41 -2.18 -7.40
CA ASN N 10 -45.59 -3.39 -6.63
C ASN N 10 -46.08 -3.00 -5.24
N PRO N 11 -47.30 -3.36 -4.84
CA PRO N 11 -47.84 -2.88 -3.56
C PRO N 11 -47.18 -3.49 -2.34
N ASN N 12 -46.40 -4.56 -2.49
CA ASN N 12 -45.79 -5.24 -1.36
C ASN N 12 -44.28 -5.10 -1.40
N LEU N 13 -43.69 -4.88 -0.23
CA LEU N 13 -42.24 -4.73 -0.10
C LEU N 13 -41.72 -5.87 0.77
N HIS N 14 -41.04 -6.83 0.13
CA HIS N 14 -40.42 -7.95 0.84
C HIS N 14 -38.96 -7.57 1.09
N TYR N 15 -38.67 -7.10 2.29
CA TYR N 15 -37.40 -6.47 2.59
C TYR N 15 -36.51 -7.37 3.45
N TRP N 16 -35.26 -6.95 3.59
CA TRP N 16 -34.29 -7.58 4.46
C TRP N 16 -33.39 -6.50 5.05
N THR N 17 -33.03 -6.65 6.32
CA THR N 17 -32.16 -5.70 6.99
C THR N 17 -31.24 -6.45 7.94
N THR N 18 -30.13 -5.79 8.29
CA THR N 18 -29.07 -6.44 9.05
C THR N 18 -29.15 -6.20 10.56
N GLN N 19 -29.83 -5.15 11.00
CA GLN N 19 -29.94 -4.90 12.43
C GLN N 19 -30.83 -5.95 13.08
N ASP N 20 -30.38 -6.46 14.23
CA ASP N 20 -31.13 -7.49 14.96
C ASP N 20 -31.63 -6.99 16.30
N GLU N 21 -30.73 -6.52 17.17
CA GLU N 21 -31.11 -6.05 18.50
C GLU N 21 -29.92 -5.37 19.18
N ILE N 25 -27.40 -12.82 22.61
CA ILE N 25 -27.99 -14.00 23.25
C ILE N 25 -26.91 -15.05 23.50
N GLY N 26 -26.56 -15.23 24.77
CA GLY N 26 -25.52 -16.18 25.14
C GLY N 26 -24.16 -15.80 24.60
N LEU N 27 -23.66 -16.56 23.63
CA LEU N 27 -22.37 -16.29 23.01
C LEU N 27 -22.50 -15.94 21.54
N ALA N 28 -23.71 -15.62 21.06
CA ALA N 28 -23.90 -15.32 19.65
C ALA N 28 -23.22 -14.03 19.24
N TRP N 29 -23.02 -13.10 20.17
CA TRP N 29 -22.39 -11.84 19.83
C TRP N 29 -20.91 -11.99 19.56
N ILE N 30 -20.27 -13.01 20.13
CA ILE N 30 -18.85 -13.24 19.89
C ILE N 30 -18.63 -13.64 18.44
N PRO N 31 -17.71 -12.99 17.72
CA PRO N 31 -17.49 -13.38 16.31
C PRO N 31 -17.04 -14.82 16.13
N TYR N 32 -16.32 -15.38 17.11
CA TYR N 32 -15.86 -16.76 16.99
C TYR N 32 -17.03 -17.73 16.95
N PHE N 33 -18.02 -17.53 17.81
CA PHE N 33 -19.20 -18.39 17.86
C PHE N 33 -20.39 -17.80 17.11
N GLY N 34 -20.24 -16.64 16.49
CA GLY N 34 -21.35 -15.97 15.86
C GLY N 34 -21.76 -16.60 14.55
N PRO N 35 -22.87 -16.14 13.98
CA PRO N 35 -23.33 -16.70 12.71
C PRO N 35 -22.41 -16.31 11.57
N ALA N 36 -22.47 -17.09 10.50
CA ALA N 36 -21.66 -16.84 9.33
C ALA N 36 -22.08 -15.54 8.66
N ALA N 37 -21.33 -15.15 7.62
CA ALA N 37 -21.61 -13.91 6.92
C ALA N 37 -22.93 -13.94 6.15
N GLU N 38 -23.55 -15.11 5.99
CA GLU N 38 -24.78 -15.24 5.24
C GLU N 38 -26.02 -15.28 6.13
N GLY N 39 -25.86 -15.36 7.45
CA GLY N 39 -27.00 -15.49 8.33
C GLY N 39 -27.16 -14.34 9.30
N ILE N 40 -26.73 -13.15 8.90
CA ILE N 40 -26.82 -11.97 9.74
C ILE N 40 -27.95 -11.05 9.30
N TYR N 41 -28.89 -11.57 8.51
CA TYR N 41 -29.99 -10.78 7.97
C TYR N 41 -31.31 -11.22 8.60
N THR N 42 -32.28 -10.32 8.53
CA THR N 42 -33.64 -10.58 9.00
C THR N 42 -34.59 -10.47 7.81
N GLU N 43 -35.89 -10.56 8.09
CA GLU N 43 -36.89 -10.59 7.03
C GLU N 43 -38.17 -9.94 7.52
N GLY N 44 -38.94 -9.40 6.58
CA GLY N 44 -40.21 -8.77 6.88
C GLY N 44 -41.02 -8.58 5.62
N LEU N 45 -42.26 -8.15 5.80
CA LEU N 45 -43.16 -7.94 4.67
C LEU N 45 -44.15 -6.85 5.06
N MET N 46 -44.06 -5.70 4.38
CA MET N 46 -44.99 -4.59 4.62
C MET N 46 -46.17 -4.67 3.67
N HIS N 47 -46.94 -5.76 3.81
CA HIS N 47 -48.11 -5.96 2.95
C HIS N 47 -49.13 -4.84 3.13
N ASN N 48 -49.38 -4.44 4.37
CA ASN N 48 -50.28 -3.32 4.63
C ASN N 48 -49.60 -2.03 4.21
N GLN N 49 -50.32 -1.20 3.46
CA GLN N 49 -49.77 0.06 2.98
C GLN N 49 -50.91 1.02 2.66
N ASP N 50 -50.58 2.30 2.64
CA ASP N 50 -51.51 3.38 2.33
C ASP N 50 -50.91 4.28 1.26
N GLY N 51 -50.36 3.66 0.22
CA GLY N 51 -49.61 4.36 -0.79
C GLY N 51 -48.16 4.60 -0.44
N LEU N 52 -47.67 4.03 0.68
CA LEU N 52 -46.29 4.22 1.08
C LEU N 52 -45.32 3.64 0.06
N ILE N 53 -45.61 2.44 -0.44
CA ILE N 53 -44.66 1.76 -1.33
C ILE N 53 -44.60 2.46 -2.68
N CYS N 54 -45.76 2.83 -3.23
CA CYS N 54 -45.78 3.49 -4.53
C CYS N 54 -45.10 4.85 -4.46
N GLY N 55 -45.27 5.57 -3.36
CA GLY N 55 -44.56 6.81 -3.15
C GLY N 55 -43.07 6.59 -2.97
N LEU N 56 -42.71 5.50 -2.28
CA LEU N 56 -41.31 5.19 -2.03
C LEU N 56 -40.56 4.92 -3.33
N ARG N 57 -41.17 4.16 -4.23
CA ARG N 57 -40.50 3.85 -5.50
C ARG N 57 -40.27 5.11 -6.31
N GLN N 58 -41.27 5.99 -6.37
CA GLN N 58 -41.10 7.26 -7.08
C GLN N 58 -40.06 8.15 -6.42
N LEU N 59 -40.03 8.18 -5.09
CA LEU N 59 -39.01 8.97 -4.39
C LEU N 59 -37.61 8.45 -4.69
N ALA N 60 -37.45 7.13 -4.71
CA ALA N 60 -36.16 6.54 -5.04
C ALA N 60 -35.77 6.87 -6.47
N ASN N 61 -36.74 6.88 -7.39
CA ASN N 61 -36.46 7.29 -8.76
C ASN N 61 -36.01 8.75 -8.81
N GLU N 62 -36.67 9.63 -8.06
CA GLU N 62 -36.33 11.05 -8.10
C GLU N 62 -34.96 11.32 -7.50
N THR N 63 -34.59 10.60 -6.43
CA THR N 63 -33.35 10.89 -5.70
C THR N 63 -32.10 10.64 -6.54
N THR N 64 -32.19 9.80 -7.58
CA THR N 64 -30.99 9.28 -8.22
C THR N 64 -30.19 10.36 -8.93
N GLN N 65 -30.85 11.38 -9.49
CA GLN N 65 -30.11 12.44 -10.19
C GLN N 65 -29.21 13.19 -9.22
N ALA N 66 -29.76 13.63 -8.09
CA ALA N 66 -28.97 14.33 -7.09
C ALA N 66 -27.89 13.42 -6.51
N LEU N 67 -28.22 12.15 -6.28
CA LEU N 67 -27.23 11.23 -5.74
C LEU N 67 -26.06 11.06 -6.70
N GLN N 68 -26.35 10.89 -8.00
CA GLN N 68 -25.29 10.74 -8.99
C GLN N 68 -24.44 11.98 -9.10
N LEU N 69 -25.07 13.17 -9.10
CA LEU N 69 -24.29 14.40 -9.16
C LEU N 69 -23.39 14.55 -7.94
N PHE N 70 -23.92 14.24 -6.75
CA PHE N 70 -23.11 14.32 -5.54
C PHE N 70 -21.94 13.35 -5.59
N LEU N 71 -22.17 12.12 -6.07
CA LEU N 71 -21.09 11.15 -6.19
C LEU N 71 -20.04 11.62 -7.20
N ARG N 72 -20.48 12.23 -8.30
CA ARG N 72 -19.54 12.74 -9.29
C ARG N 72 -18.69 13.87 -8.71
N ALA N 73 -19.30 14.74 -7.90
CA ALA N 73 -18.56 15.88 -7.35
C ALA N 73 -17.44 15.43 -6.43
N THR N 74 -17.70 14.44 -5.58
CA THR N 74 -16.74 14.07 -4.55
C THR N 74 -15.59 13.25 -5.13
N THR N 75 -14.58 13.03 -4.30
CA THR N 75 -13.42 12.21 -4.66
C THR N 75 -13.29 10.96 -3.79
N GLU N 76 -14.29 10.69 -2.94
CA GLU N 76 -14.29 9.48 -2.15
C GLU N 76 -14.41 8.24 -3.02
N LEU N 77 -13.64 7.21 -2.68
CA LEU N 77 -13.82 5.92 -3.33
C LEU N 77 -15.07 5.21 -2.84
N ARG N 78 -15.38 5.36 -1.55
CA ARG N 78 -16.59 4.80 -0.96
C ARG N 78 -17.16 5.83 0.02
N THR N 79 -18.42 6.19 -0.18
CA THR N 79 -19.08 7.21 0.63
C THR N 79 -19.97 6.56 1.67
N PHE N 80 -19.80 6.96 2.93
CA PHE N 80 -20.57 6.39 4.03
C PHE N 80 -21.21 7.44 4.91
N SER N 81 -21.02 8.73 4.62
CA SER N 81 -21.37 9.80 5.56
C SER N 81 -22.46 10.72 5.02
N ILE N 82 -23.37 10.19 4.21
CA ILE N 82 -24.47 11.01 3.71
C ILE N 82 -25.47 11.31 4.82
N LEU N 83 -25.83 10.29 5.60
CA LEU N 83 -26.84 10.46 6.63
C LEU N 83 -26.35 11.42 7.72
N ASN N 84 -25.07 11.35 8.07
CA ASN N 84 -24.52 12.30 9.03
C ASN N 84 -24.62 13.72 8.51
N ARG N 85 -24.35 13.91 7.22
CA ARG N 85 -24.52 15.23 6.62
C ARG N 85 -25.96 15.70 6.68
N LYS N 86 -26.91 14.79 6.42
CA LYS N 86 -28.32 15.16 6.51
C LYS N 86 -28.69 15.58 7.92
N ALA N 87 -28.22 14.84 8.92
CA ALA N 87 -28.53 15.18 10.31
C ALA N 87 -27.92 16.52 10.70
N ILE N 88 -26.67 16.77 10.29
CA ILE N 88 -26.03 18.04 10.62
C ILE N 88 -26.76 19.19 9.94
N ASP N 89 -27.16 19.01 8.68
CA ASP N 89 -27.92 20.04 7.99
C ASP N 89 -29.26 20.30 8.67
N PHE N 90 -29.92 19.24 9.12
CA PHE N 90 -31.19 19.40 9.83
C PHE N 90 -31.01 20.21 11.10
N LEU N 91 -29.98 19.88 11.89
CA LEU N 91 -29.73 20.62 13.13
C LEU N 91 -29.36 22.07 12.84
N LEU N 92 -28.53 22.30 11.82
CA LEU N 92 -28.12 23.67 11.49
C LEU N 92 -29.32 24.50 11.03
N GLN N 93 -30.21 23.90 10.23
CA GLN N 93 -31.41 24.61 9.80
C GLN N 93 -32.31 24.92 10.99
N ARG N 94 -32.47 23.96 11.91
CA ARG N 94 -33.28 24.20 13.10
C ARG N 94 -32.65 25.26 13.98
N TRP N 95 -31.38 25.09 14.32
CA TRP N 95 -30.62 26.04 15.14
C TRP N 95 -29.33 26.38 14.43
N GLY N 96 -29.18 27.62 14.00
CA GLY N 96 -27.99 28.03 13.28
C GLY N 96 -27.38 29.31 13.77
N GLY N 97 -28.07 30.01 14.66
CA GLY N 97 -27.58 31.28 15.17
C GLY N 97 -28.59 32.00 16.05
N THR N 98 -28.80 33.28 15.78
CA THR N 98 -29.78 34.07 16.53
C THR N 98 -31.17 33.46 16.37
N CYS N 99 -31.85 33.27 17.49
CA CYS N 99 -33.14 32.58 17.54
C CYS N 99 -34.17 33.47 18.23
N HIS N 100 -35.08 34.04 17.45
CA HIS N 100 -36.19 34.80 18.00
C HIS N 100 -37.17 33.83 18.67
N ILE N 101 -37.59 34.17 19.90
CA ILE N 101 -38.44 33.27 20.66
C ILE N 101 -39.80 33.12 19.97
N LEU N 102 -40.39 34.23 19.54
CA LEU N 102 -41.70 34.21 18.89
C LEU N 102 -41.60 34.29 17.37
N GLY N 103 -40.40 34.30 16.82
CA GLY N 103 -40.22 34.34 15.38
C GLY N 103 -40.63 33.03 14.73
N PRO N 104 -40.99 33.10 13.44
CA PRO N 104 -41.38 31.88 12.72
C PRO N 104 -40.22 30.96 12.38
N ASP N 105 -38.98 31.38 12.60
CA ASP N 105 -37.80 30.59 12.30
C ASP N 105 -37.34 29.72 13.45
N CYS N 106 -38.03 29.77 14.59
CA CYS N 106 -37.64 29.00 15.77
C CYS N 106 -38.82 28.18 16.26
N CYS N 107 -38.51 27.07 16.92
CA CYS N 107 -39.51 26.14 17.41
C CYS N 107 -39.62 26.16 18.94
N ILE N 108 -39.22 27.26 19.56
CA ILE N 108 -39.33 27.41 21.02
C ILE N 108 -40.70 28.03 21.29
N GLU N 109 -41.69 27.16 21.47
CA GLU N 109 -43.04 27.63 21.72
C GLU N 109 -43.16 28.19 23.13
N PRO N 110 -43.83 29.33 23.30
CA PRO N 110 -44.00 29.90 24.64
C PRO N 110 -45.29 29.45 25.30
N HIS N 111 -45.23 29.36 26.63
CA HIS N 111 -46.40 28.99 27.43
C HIS N 111 -46.20 29.38 28.89
N SER O 2 -27.43 -0.42 22.31
CA SER O 2 -26.60 0.70 21.91
C SER O 2 -25.29 0.72 22.69
N ILE O 3 -24.33 1.51 22.21
CA ILE O 3 -23.01 1.59 22.84
C ILE O 3 -23.09 2.50 24.06
N PRO O 4 -22.78 2.01 25.25
CA PRO O 4 -22.82 2.85 26.45
C PRO O 4 -21.79 3.96 26.38
N LEU O 5 -22.12 5.09 27.01
CA LEU O 5 -21.25 6.25 27.09
C LEU O 5 -21.01 6.60 28.54
N GLY O 6 -19.75 6.70 28.93
CA GLY O 6 -19.39 7.01 30.30
C GLY O 6 -19.30 8.51 30.56
N VAL O 7 -19.87 8.96 31.67
CA VAL O 7 -19.85 10.36 32.07
C VAL O 7 -19.13 10.45 33.41
N ILE O 8 -18.14 11.35 33.47
CA ILE O 8 -17.35 11.56 34.68
C ILE O 8 -17.75 12.89 35.30
N HIS O 9 -18.25 12.83 36.53
CA HIS O 9 -18.58 14.03 37.29
C HIS O 9 -18.34 13.77 38.77
N ASN O 10 -17.77 14.76 39.45
CA ASN O 10 -17.42 14.66 40.86
C ASN O 10 -16.50 13.46 41.10
N SER O 11 -15.59 13.22 40.16
CA SER O 11 -14.67 12.08 40.19
C SER O 11 -15.43 10.76 40.32
N THR O 12 -16.62 10.69 39.73
CA THR O 12 -17.43 9.48 39.73
C THR O 12 -17.89 9.19 38.31
N LEU O 13 -17.96 7.90 37.97
CA LEU O 13 -18.26 7.45 36.62
C LEU O 13 -19.65 6.85 36.60
N GLN O 14 -20.48 7.32 35.67
CA GLN O 14 -21.83 6.79 35.50
C GLN O 14 -22.09 6.47 34.04
N VAL O 15 -22.93 5.48 33.80
CA VAL O 15 -23.34 5.13 32.44
C VAL O 15 -24.49 6.05 32.02
N SER O 16 -24.32 6.72 30.88
CA SER O 16 -25.33 7.66 30.41
C SER O 16 -26.64 6.94 30.14
N ASP O 17 -27.75 7.59 30.50
CA ASP O 17 -29.09 7.04 30.35
C ASP O 17 -29.76 7.71 29.16
N VAL O 18 -30.14 6.89 28.17
CA VAL O 18 -30.67 7.44 26.92
C VAL O 18 -32.05 8.05 27.12
N ASP O 19 -32.94 7.35 27.83
CA ASP O 19 -34.32 7.82 27.93
C ASP O 19 -34.44 9.01 28.87
N LYS O 20 -33.75 8.97 30.02
CA LYS O 20 -33.79 10.06 30.97
C LYS O 20 -32.78 11.12 30.56
N LEU O 21 -33.26 12.31 30.20
CA LEU O 21 -32.40 13.40 29.78
C LEU O 21 -31.96 14.20 31.01
N VAL O 22 -30.68 14.12 31.33
CA VAL O 22 -30.10 14.89 32.42
C VAL O 22 -29.55 16.19 31.88
N CYS O 23 -29.77 17.29 32.61
CA CYS O 23 -29.30 18.60 32.19
C CYS O 23 -28.01 19.03 32.89
N ARG O 24 -27.60 18.33 33.94
CA ARG O 24 -26.39 18.72 34.67
C ARG O 24 -25.14 18.56 33.80
N ASP O 25 -25.05 17.46 33.06
CA ASP O 25 -23.87 17.20 32.25
C ASP O 25 -23.74 18.24 31.14
N LYS O 26 -22.48 18.58 30.83
CA LYS O 26 -22.18 19.63 29.87
C LYS O 26 -21.17 19.11 28.85
N LEU O 27 -21.45 19.37 27.58
CA LEU O 27 -20.54 19.07 26.48
C LEU O 27 -20.25 20.35 25.73
N SER O 28 -18.97 20.67 25.56
CA SER O 28 -18.56 21.91 24.92
C SER O 28 -17.93 21.73 23.56
N SER O 29 -17.14 20.68 23.38
CA SER O 29 -16.45 20.45 22.11
C SER O 29 -16.16 18.97 21.97
N THR O 30 -15.81 18.56 20.75
CA THR O 30 -15.45 17.17 20.50
C THR O 30 -14.14 16.76 21.17
N ASN O 31 -13.37 17.72 21.69
CA ASN O 31 -12.17 17.38 22.44
C ASN O 31 -12.50 16.60 23.71
N GLN O 32 -13.70 16.77 24.24
CA GLN O 32 -14.08 16.08 25.47
C GLN O 32 -14.31 14.60 25.22
N LEU O 33 -14.90 14.24 24.08
CA LEU O 33 -15.11 12.84 23.75
C LEU O 33 -13.77 12.13 23.59
N ARG O 34 -13.67 10.92 24.14
CA ARG O 34 -12.42 10.19 24.13
C ARG O 34 -12.70 8.70 24.04
N SER O 35 -11.76 7.95 23.49
CA SER O 35 -11.82 6.50 23.44
C SER O 35 -10.52 5.94 24.02
N VAL O 36 -10.65 5.03 24.99
CA VAL O 36 -9.50 4.52 25.73
C VAL O 36 -9.49 3.01 25.67
N GLY O 37 -8.32 2.44 25.39
CA GLY O 37 -8.16 1.00 25.38
C GLY O 37 -7.44 0.49 26.61
N LEU O 38 -8.05 -0.48 27.28
CA LEU O 38 -7.52 -1.03 28.52
C LEU O 38 -7.17 -2.50 28.32
N ASN O 39 -6.01 -2.90 28.86
CA ASN O 39 -5.51 -4.26 28.69
C ASN O 39 -6.26 -5.24 29.58
N LEU O 40 -6.34 -6.49 29.10
CA LEU O 40 -6.99 -7.54 29.88
C LEU O 40 -6.20 -7.92 31.12
N GLU O 41 -4.87 -7.78 31.10
CA GLU O 41 -4.07 -8.15 32.25
C GLU O 41 -4.38 -7.31 33.48
N GLY O 42 -5.04 -6.16 33.30
CA GLY O 42 -5.48 -5.39 34.45
C GLY O 42 -6.64 -6.00 35.21
N ASN O 43 -7.27 -7.04 34.66
CA ASN O 43 -8.35 -7.74 35.33
C ASN O 43 -7.86 -8.95 36.11
N GLY O 44 -6.57 -9.25 36.07
CA GLY O 44 -6.03 -10.37 36.82
C GLY O 44 -6.19 -11.71 36.13
N VAL O 45 -5.92 -11.76 34.83
CA VAL O 45 -6.01 -12.99 34.07
C VAL O 45 -4.59 -13.49 33.79
N ALA O 46 -4.50 -14.80 33.52
CA ALA O 46 -3.21 -15.41 33.24
C ALA O 46 -2.60 -14.80 31.98
N THR O 47 -1.29 -14.59 32.01
CA THR O 47 -0.58 -13.89 30.94
C THR O 47 0.49 -14.72 30.25
N ASP O 48 0.89 -15.86 30.82
CA ASP O 48 1.94 -16.66 30.20
C ASP O 48 1.45 -17.28 28.90
N VAL O 49 2.41 -17.67 28.06
CA VAL O 49 2.08 -18.16 26.72
C VAL O 49 1.18 -19.38 26.75
N PRO O 50 1.44 -20.43 27.55
CA PRO O 50 0.55 -21.60 27.52
C PRO O 50 -0.90 -21.28 27.85
N SER O 51 -1.15 -20.34 28.75
CA SER O 51 -2.52 -19.97 29.08
C SER O 51 -3.08 -18.90 28.14
N ALA O 52 -2.23 -18.01 27.63
CA ALA O 52 -2.71 -16.96 26.74
C ALA O 52 -3.10 -17.51 25.38
N THR O 53 -2.30 -18.43 24.84
CA THR O 53 -2.55 -18.92 23.48
C THR O 53 -3.79 -19.81 23.38
N LYS O 54 -4.37 -20.21 24.50
CA LYS O 54 -5.57 -21.04 24.49
C LYS O 54 -6.85 -20.22 24.36
N ARG O 55 -6.75 -18.90 24.35
CA ARG O 55 -7.92 -18.04 24.20
C ARG O 55 -8.17 -17.62 22.75
N TRP O 56 -7.34 -18.05 21.82
CA TRP O 56 -7.45 -17.68 20.42
C TRP O 56 -7.79 -18.91 19.59
N GLY O 57 -8.74 -18.76 18.66
CA GLY O 57 -9.20 -19.88 17.87
C GLY O 57 -9.42 -19.48 16.44
N PHE O 58 -9.19 -20.43 15.54
CA PHE O 58 -9.28 -20.19 14.11
C PHE O 58 -10.71 -20.43 13.61
N ARG O 59 -11.10 -19.65 12.61
CA ARG O 59 -12.44 -19.75 12.03
C ARG O 59 -12.39 -19.27 10.58
N SER O 60 -13.46 -19.57 9.85
CA SER O 60 -13.62 -19.14 8.48
C SER O 60 -15.05 -18.69 8.26
N GLY O 61 -15.23 -17.75 7.33
CA GLY O 61 -16.55 -17.26 6.99
C GLY O 61 -16.96 -15.97 7.68
N VAL O 62 -16.04 -15.28 8.36
CA VAL O 62 -16.34 -14.05 9.06
C VAL O 62 -15.32 -13.00 8.65
N PRO O 63 -15.74 -11.89 8.02
CA PRO O 63 -14.77 -10.85 7.67
C PRO O 63 -14.28 -10.13 8.91
N PRO O 64 -13.07 -9.58 8.88
CA PRO O 64 -12.54 -8.85 10.03
C PRO O 64 -12.96 -7.38 10.03
N LYS O 65 -12.93 -6.79 11.22
CA LYS O 65 -13.31 -5.40 11.41
C LYS O 65 -12.29 -4.72 12.31
N VAL O 66 -12.11 -3.42 12.10
CA VAL O 66 -11.13 -2.61 12.82
C VAL O 66 -11.79 -1.32 13.27
N VAL O 67 -11.53 -0.91 14.51
CA VAL O 67 -12.02 0.35 15.05
C VAL O 67 -10.88 1.02 15.82
N ASN O 68 -10.76 2.34 15.68
CA ASN O 68 -9.64 3.04 16.27
C ASN O 68 -9.93 3.47 17.69
N TYR O 69 -8.85 3.82 18.41
CA TYR O 69 -8.95 4.41 19.73
C TYR O 69 -7.79 5.39 19.90
N GLU O 70 -7.96 6.33 20.82
CA GLU O 70 -7.05 7.46 20.91
C GLU O 70 -6.12 7.42 22.12
N ALA O 71 -6.33 6.52 23.07
CA ALA O 71 -5.46 6.42 24.23
C ALA O 71 -5.43 4.99 24.72
N GLY O 72 -4.27 4.57 25.20
CA GLY O 72 -4.11 3.21 25.69
C GLY O 72 -3.41 3.13 27.03
N GLU O 73 -3.03 1.93 27.44
CA GLU O 73 -2.36 1.71 28.71
C GLU O 73 -1.07 0.93 28.47
N TRP O 74 -0.04 1.25 29.24
CA TRP O 74 1.24 0.55 29.13
C TRP O 74 1.04 -0.94 29.40
N ALA O 75 1.54 -1.76 28.49
CA ALA O 75 1.35 -3.21 28.56
C ALA O 75 2.64 -3.88 28.98
N GLU O 76 2.57 -4.75 29.98
CA GLU O 76 3.74 -5.49 30.43
C GLU O 76 4.02 -6.73 29.59
N ASN O 77 2.99 -7.32 28.99
CA ASN O 77 3.15 -8.50 28.14
C ASN O 77 2.53 -8.23 26.78
N CYS O 78 3.30 -8.47 25.73
CA CYS O 78 2.83 -8.35 24.36
C CYS O 78 3.27 -9.57 23.58
N TYR O 79 2.55 -9.85 22.49
CA TYR O 79 2.72 -11.09 21.75
C TYR O 79 3.04 -10.82 20.29
N ASN O 80 3.67 -11.80 19.66
CA ASN O 80 4.07 -11.73 18.26
C ASN O 80 4.07 -13.15 17.70
N LEU O 81 3.25 -13.40 16.69
CA LEU O 81 2.99 -14.76 16.23
C LEU O 81 3.52 -14.97 14.81
N GLU O 82 4.03 -16.18 14.57
CA GLU O 82 4.52 -16.58 13.25
C GLU O 82 4.19 -18.07 13.10
N ILE O 83 3.06 -18.37 12.47
CA ILE O 83 2.54 -19.73 12.40
C ILE O 83 2.49 -20.17 10.94
N LYS O 84 2.88 -21.42 10.69
CA LYS O 84 2.91 -21.99 9.35
C LYS O 84 2.25 -23.36 9.36
N LYS O 85 1.63 -23.71 8.24
CA LYS O 85 1.05 -25.03 8.09
C LYS O 85 2.16 -26.07 7.90
N PRO O 86 1.85 -27.35 8.14
CA PRO O 86 2.89 -28.39 7.97
C PRO O 86 3.51 -28.42 6.58
N ASP O 87 2.72 -28.16 5.54
CA ASP O 87 3.27 -28.18 4.19
C ASP O 87 4.23 -27.01 3.96
N GLY O 88 4.04 -25.90 4.67
CA GLY O 88 4.93 -24.77 4.55
C GLY O 88 4.21 -23.46 4.28
N SER O 89 2.90 -23.53 4.11
CA SER O 89 2.12 -22.32 3.83
C SER O 89 1.93 -21.51 5.10
N GLU O 90 1.54 -20.26 4.92
CA GLU O 90 1.33 -19.32 6.02
C GLU O 90 -0.14 -19.34 6.45
N CYS O 91 -0.36 -19.15 7.75
CA CYS O 91 -1.71 -19.14 8.29
C CYS O 91 -2.24 -17.72 8.49
N LEU O 92 -1.51 -16.92 9.27
CA LEU O 92 -1.95 -15.57 9.58
C LEU O 92 -1.77 -14.65 8.37
N PRO O 93 -2.70 -13.74 8.13
CA PRO O 93 -2.55 -12.81 7.00
C PRO O 93 -1.51 -11.75 7.29
N ALA O 94 -0.97 -11.18 6.21
CA ALA O 94 -0.02 -10.08 6.35
C ALA O 94 -0.71 -8.83 6.88
N ALA O 95 0.05 -8.01 7.57
CA ALA O 95 -0.50 -6.80 8.18
C ALA O 95 -0.83 -5.78 7.10
N PRO O 96 -2.06 -5.28 7.05
CA PRO O 96 -2.40 -4.28 6.03
C PRO O 96 -1.67 -2.97 6.28
N ASP O 97 -1.77 -2.08 5.30
CA ASP O 97 -1.13 -0.77 5.41
C ASP O 97 -1.79 0.05 6.52
N GLY O 98 -0.95 0.76 7.28
CA GLY O 98 -1.42 1.55 8.40
C GLY O 98 -1.49 0.83 9.73
N ILE O 99 -1.14 -0.45 9.77
CA ILE O 99 -1.17 -1.23 11.00
C ILE O 99 0.25 -1.38 11.51
N ARG O 100 0.46 -1.06 12.80
CA ARG O 100 1.76 -1.15 13.43
C ARG O 100 1.62 -1.82 14.79
N GLY O 101 2.74 -2.25 15.33
CA GLY O 101 2.73 -2.95 16.60
C GLY O 101 2.41 -2.04 17.78
N PHE O 102 2.09 -2.66 18.90
CA PHE O 102 1.74 -1.91 20.10
C PHE O 102 2.94 -1.07 20.54
N PRO O 103 2.75 0.21 20.85
CA PRO O 103 3.90 1.08 21.09
C PRO O 103 4.62 0.82 22.39
N ARG O 104 3.90 0.55 23.48
CA ARG O 104 4.51 0.42 24.81
C ARG O 104 4.34 -1.02 25.28
N CYS O 105 5.42 -1.80 25.17
CA CYS O 105 5.42 -3.19 25.59
C CYS O 105 6.70 -3.46 26.40
N ARG O 106 6.55 -4.12 27.54
CA ARG O 106 7.70 -4.45 28.37
C ARG O 106 8.37 -5.73 27.89
N TYR O 107 7.62 -6.84 27.88
CA TYR O 107 8.10 -8.11 27.38
C TYR O 107 7.30 -8.50 26.15
N VAL O 108 7.99 -8.81 25.07
CA VAL O 108 7.36 -9.22 23.81
C VAL O 108 7.60 -10.71 23.64
N HIS O 109 6.53 -11.48 23.69
CA HIS O 109 6.61 -12.94 23.56
C HIS O 109 6.46 -13.28 22.08
N LYS O 110 7.58 -13.66 21.46
CA LYS O 110 7.59 -14.01 20.04
C LYS O 110 7.47 -15.53 19.94
N VAL O 111 6.38 -16.00 19.34
CA VAL O 111 6.08 -17.41 19.20
C VAL O 111 6.10 -17.77 17.73
N SER O 112 6.88 -18.80 17.38
CA SER O 112 6.97 -19.30 16.01
C SER O 112 6.79 -20.81 16.05
N GLY O 113 5.94 -21.32 15.18
CA GLY O 113 5.69 -22.75 15.16
C GLY O 113 4.71 -23.14 14.09
N THR O 114 4.19 -24.36 14.22
CA THR O 114 3.29 -24.95 13.23
C THR O 114 2.02 -25.45 13.90
N GLY O 115 0.96 -25.55 13.11
CA GLY O 115 -0.31 -26.04 13.58
C GLY O 115 -1.24 -26.40 12.43
N PRO O 116 -2.36 -27.06 12.74
CA PRO O 116 -3.32 -27.41 11.68
C PRO O 116 -3.86 -26.20 10.93
N CYS O 117 -4.06 -25.08 11.63
CA CYS O 117 -4.51 -23.83 11.03
C CYS O 117 -5.81 -24.01 10.25
N ALA O 118 -6.87 -24.37 10.99
CA ALA O 118 -8.19 -24.43 10.39
C ALA O 118 -8.69 -23.03 10.08
N GLY O 119 -9.81 -22.95 9.38
CA GLY O 119 -10.40 -21.65 9.16
C GLY O 119 -9.53 -20.73 8.31
N ASP O 120 -9.78 -19.43 8.47
CA ASP O 120 -9.05 -18.39 7.75
C ASP O 120 -8.44 -17.35 8.66
N PHE O 121 -9.12 -16.95 9.73
CA PHE O 121 -8.66 -15.90 10.62
C PHE O 121 -8.71 -16.37 12.07
N ALA O 122 -7.81 -15.84 12.88
CA ALA O 122 -7.70 -16.19 14.29
C ALA O 122 -8.43 -15.15 15.13
N PHE O 123 -9.57 -15.54 15.69
CA PHE O 123 -10.39 -14.67 16.52
C PHE O 123 -10.13 -14.95 18.00
N HIS O 124 -10.65 -14.08 18.85
CA HIS O 124 -10.57 -14.21 20.29
C HIS O 124 -11.77 -15.00 20.79
N LYS O 125 -11.52 -16.04 21.58
CA LYS O 125 -12.61 -16.89 22.05
C LYS O 125 -13.51 -16.16 23.04
N GLU O 126 -12.98 -15.16 23.74
CA GLU O 126 -13.75 -14.43 24.73
C GLU O 126 -14.33 -13.13 24.20
N GLY O 127 -14.14 -12.83 22.91
CA GLY O 127 -14.75 -11.66 22.31
C GLY O 127 -14.04 -10.35 22.52
N ALA O 128 -12.79 -10.39 22.99
CA ALA O 128 -12.03 -9.16 23.20
C ALA O 128 -11.41 -8.70 21.89
N PHE O 129 -10.52 -7.72 21.95
CA PHE O 129 -9.87 -7.17 20.78
C PHE O 129 -8.36 -7.33 20.88
N PHE O 130 -7.70 -7.37 19.73
CA PHE O 130 -6.25 -7.26 19.65
C PHE O 130 -5.92 -5.81 19.33
N LEU O 131 -5.23 -5.14 20.27
CA LEU O 131 -5.24 -3.68 20.28
C LEU O 131 -4.43 -3.08 19.14
N TYR O 132 -3.22 -3.61 18.89
CA TYR O 132 -2.31 -3.02 17.91
C TYR O 132 -2.05 -1.56 18.22
N ASP O 133 -1.61 -0.79 17.23
CA ASP O 133 -1.25 0.62 17.42
C ASP O 133 -2.44 1.49 17.05
N ARG O 134 -3.22 1.89 18.05
CA ARG O 134 -4.36 2.80 17.88
C ARG O 134 -5.39 2.27 16.90
N LEU O 135 -5.43 0.95 16.69
CA LEU O 135 -6.40 0.34 15.78
C LEU O 135 -6.72 -1.05 16.31
N ALA O 136 -7.76 -1.14 17.14
CA ALA O 136 -8.16 -2.44 17.68
C ALA O 136 -8.89 -3.24 16.61
N SER O 137 -8.40 -4.44 16.35
CA SER O 137 -8.97 -5.33 15.35
C SER O 137 -9.60 -6.54 16.05
N THR O 138 -10.19 -7.42 15.25
CA THR O 138 -10.79 -8.65 15.74
C THR O 138 -10.03 -9.89 15.31
N VAL O 139 -8.94 -9.74 14.56
CA VAL O 139 -8.15 -10.87 14.09
C VAL O 139 -6.69 -10.59 14.39
N ILE O 140 -5.87 -11.63 14.24
CA ILE O 140 -4.43 -11.55 14.49
C ILE O 140 -3.71 -11.42 13.16
N TYR O 141 -2.79 -10.48 13.07
CA TYR O 141 -1.97 -10.29 11.88
C TYR O 141 -0.57 -10.83 12.11
N ARG O 142 0.07 -11.22 11.01
CA ARG O 142 1.34 -11.94 11.09
C ARG O 142 2.49 -10.97 11.32
N GLY O 143 3.28 -11.26 12.35
CA GLY O 143 4.50 -10.51 12.62
C GLY O 143 4.30 -9.17 13.30
N THR O 144 3.07 -8.81 13.67
CA THR O 144 2.79 -7.53 14.28
C THR O 144 2.51 -7.72 15.77
N THR O 145 3.20 -6.94 16.60
CA THR O 145 3.01 -7.01 18.04
C THR O 145 1.64 -6.45 18.41
N PHE O 146 0.99 -7.09 19.38
CA PHE O 146 -0.34 -6.68 19.81
C PHE O 146 -0.45 -6.91 21.31
N ALA O 147 -1.65 -6.68 21.84
CA ALA O 147 -1.93 -6.91 23.26
C ALA O 147 -3.43 -7.01 23.44
N GLU O 148 -3.88 -8.03 24.15
CA GLU O 148 -5.31 -8.23 24.37
C GLU O 148 -5.88 -7.09 25.21
N GLY O 149 -7.06 -6.64 24.84
CA GLY O 149 -7.68 -5.53 25.55
C GLY O 149 -9.04 -5.19 24.96
N VAL O 150 -9.66 -4.19 25.58
CA VAL O 150 -11.00 -3.74 25.22
C VAL O 150 -11.00 -2.22 25.13
N VAL O 151 -12.11 -1.68 24.63
CA VAL O 151 -12.23 -0.26 24.29
C VAL O 151 -13.45 0.32 25.01
N ALA O 152 -13.30 1.53 25.54
CA ALA O 152 -14.37 2.24 26.22
C ALA O 152 -14.44 3.68 25.71
N PHE O 153 -15.65 4.25 25.74
CA PHE O 153 -15.89 5.61 25.28
C PHE O 153 -16.29 6.50 26.45
N LEU O 154 -15.72 7.70 26.51
CA LEU O 154 -15.87 8.57 27.67
C LEU O 154 -16.14 10.00 27.21
N ILE O 155 -16.77 10.77 28.10
CA ILE O 155 -16.88 12.22 27.98
C ILE O 155 -16.02 12.81 29.10
N LEU O 156 -14.91 13.42 28.73
CA LEU O 156 -13.98 13.93 29.73
C LEU O 156 -14.59 15.15 30.43
N PRO O 157 -14.23 15.40 31.69
CA PRO O 157 -14.78 16.57 32.40
C PRO O 157 -14.28 17.87 31.79
N GLN O 158 -15.08 18.92 31.97
CA GLN O 158 -14.71 20.26 31.53
C GLN O 158 -13.59 20.78 32.41
N ALA O 159 -12.39 20.92 31.84
CA ALA O 159 -11.24 21.41 32.59
C ALA O 159 -10.59 22.60 31.88
N GLY O 182 13.61 4.58 31.03
CA GLY O 182 12.30 5.04 30.64
C GLY O 182 11.45 3.94 30.00
N TYR O 183 11.70 3.68 28.72
CA TYR O 183 10.98 2.66 27.97
C TYR O 183 11.97 1.59 27.54
N TYR O 184 11.82 0.39 28.11
CA TYR O 184 12.68 -0.75 27.80
C TYR O 184 11.84 -1.87 27.22
N SER O 185 12.30 -2.45 26.12
CA SER O 185 11.63 -3.56 25.46
C SER O 185 12.54 -4.77 25.45
N THR O 186 12.02 -5.91 25.90
CA THR O 186 12.76 -7.16 25.93
C THR O 186 11.97 -8.22 25.16
N THR O 187 12.65 -8.94 24.28
CA THR O 187 12.02 -9.94 23.43
C THR O 187 12.36 -11.33 23.96
N ILE O 188 11.34 -12.14 24.19
CA ILE O 188 11.49 -13.53 24.63
C ILE O 188 10.97 -14.41 23.52
N ARG O 189 11.79 -15.37 23.09
CA ARG O 189 11.51 -16.18 21.91
C ARG O 189 11.09 -17.58 22.33
N TYR O 190 9.97 -18.04 21.78
CA TYR O 190 9.42 -19.36 22.07
C TYR O 190 9.40 -20.21 20.80
N GLN O 191 8.96 -21.45 20.94
CA GLN O 191 8.74 -22.32 19.79
C GLN O 191 7.63 -23.30 20.15
N ALA O 192 6.57 -23.32 19.36
CA ALA O 192 5.38 -24.11 19.67
C ALA O 192 5.10 -25.11 18.57
N THR O 193 4.73 -26.33 18.97
CA THR O 193 4.35 -27.39 18.04
C THR O 193 2.93 -27.82 18.36
N GLY O 194 2.10 -27.97 17.34
CA GLY O 194 0.70 -28.27 17.54
C GLY O 194 -0.13 -27.06 17.92
N PHE O 195 0.28 -25.87 17.49
CA PHE O 195 -0.44 -24.66 17.84
C PHE O 195 -1.86 -24.69 17.29
N GLY O 196 -2.81 -24.26 18.11
CA GLY O 196 -4.21 -24.28 17.79
C GLY O 196 -4.96 -25.49 18.30
N THR O 197 -4.25 -26.51 18.77
CA THR O 197 -4.87 -27.70 19.31
C THR O 197 -4.77 -27.71 20.83
N ASN O 198 -5.43 -28.69 21.45
CA ASN O 198 -5.36 -28.83 22.90
C ASN O 198 -4.04 -29.42 23.34
N GLU O 199 -3.37 -30.20 22.48
CA GLU O 199 -2.09 -30.81 22.79
C GLU O 199 -1.00 -30.01 22.07
N THR O 200 -0.55 -28.94 22.72
CA THR O 200 0.48 -28.06 22.17
C THR O 200 1.70 -28.13 23.06
N GLU O 201 2.87 -28.26 22.44
CA GLU O 201 4.14 -28.35 23.16
C GLU O 201 4.93 -27.06 22.95
N TYR O 202 5.31 -26.42 24.03
CA TYR O 202 6.03 -25.16 24.00
C TYR O 202 7.46 -25.35 24.50
N LEU O 203 8.39 -24.59 23.91
CA LEU O 203 9.79 -24.66 24.27
C LEU O 203 10.36 -23.25 24.28
N PHE O 204 10.95 -22.86 25.40
CA PHE O 204 11.65 -21.59 25.48
C PHE O 204 13.04 -21.73 24.86
N GLU O 205 13.44 -20.71 24.10
CA GLU O 205 14.67 -20.77 23.31
C GLU O 205 15.74 -19.92 23.97
N VAL O 206 16.88 -20.53 24.29
CA VAL O 206 18.05 -19.80 24.76
C VAL O 206 19.14 -19.72 23.70
N ASP O 207 19.08 -20.54 22.66
CA ASP O 207 20.09 -20.57 21.61
C ASP O 207 19.48 -21.28 20.41
N ASN O 208 20.18 -21.19 19.27
CA ASN O 208 19.70 -21.86 18.07
C ASN O 208 19.71 -23.37 18.20
N LEU O 209 20.40 -23.91 19.19
CA LEU O 209 20.48 -25.35 19.41
C LEU O 209 19.98 -25.83 20.76
N THR O 210 19.83 -24.93 21.74
CA THR O 210 19.47 -25.30 23.09
C THR O 210 18.10 -24.74 23.43
N TYR O 211 17.24 -25.58 24.02
CA TYR O 211 15.90 -25.20 24.42
C TYR O 211 15.64 -25.69 25.83
N VAL O 212 14.63 -25.08 26.46
CA VAL O 212 14.17 -25.45 27.79
C VAL O 212 12.68 -25.74 27.72
N GLN O 213 12.26 -26.86 28.30
CA GLN O 213 10.84 -27.18 28.32
C GLN O 213 10.09 -26.14 29.16
N LEU O 214 8.95 -25.71 28.66
CA LEU O 214 8.22 -24.58 29.22
C LEU O 214 7.03 -25.06 30.04
N GLU O 215 6.92 -24.54 31.26
CA GLU O 215 5.76 -24.75 32.11
C GLU O 215 4.98 -23.46 32.25
N SER O 216 3.77 -23.58 32.81
CA SER O 216 2.85 -22.46 32.92
C SER O 216 2.99 -21.72 34.25
N ARG O 217 4.17 -21.74 34.87
CA ARG O 217 4.40 -21.05 36.13
C ARG O 217 5.68 -20.23 36.13
N PHE O 218 6.29 -19.97 34.97
CA PHE O 218 7.54 -19.24 34.89
C PHE O 218 7.27 -17.81 34.46
N THR O 219 7.62 -16.87 35.33
CA THR O 219 7.57 -15.46 34.97
C THR O 219 8.70 -15.13 33.99
N PRO O 220 8.56 -14.06 33.20
CA PRO O 220 9.62 -13.72 32.25
C PRO O 220 10.99 -13.53 32.89
N GLN O 221 11.02 -12.96 34.09
CA GLN O 221 12.30 -12.78 34.78
C GLN O 221 12.93 -14.13 35.10
N PHE O 222 12.11 -15.13 35.44
CA PHE O 222 12.62 -16.47 35.67
C PHE O 222 13.24 -17.05 34.40
N LEU O 223 12.61 -16.81 33.24
CA LEU O 223 13.17 -17.27 31.98
C LEU O 223 14.50 -16.58 31.68
N LEU O 224 14.59 -15.28 31.96
CA LEU O 224 15.86 -14.58 31.76
C LEU O 224 16.95 -15.14 32.67
N GLN O 225 16.59 -15.44 33.93
CA GLN O 225 17.56 -16.03 34.84
C GLN O 225 17.99 -17.42 34.36
N LEU O 226 17.06 -18.19 33.81
CA LEU O 226 17.41 -19.49 33.25
C LEU O 226 18.37 -19.35 32.08
N ASN O 227 18.13 -18.36 31.22
CA ASN O 227 19.05 -18.09 30.13
C ASN O 227 20.44 -17.77 30.66
N GLU O 228 20.51 -16.90 31.67
CA GLU O 228 21.80 -16.51 32.24
C GLU O 228 22.52 -17.70 32.84
N THR O 229 21.79 -18.55 33.58
CA THR O 229 22.40 -19.75 34.14
C THR O 229 22.89 -20.69 33.07
N ILE O 230 22.12 -20.85 32.00
CA ILE O 230 22.54 -21.71 30.89
C ILE O 230 23.84 -21.20 30.28
N TYR O 231 23.90 -19.89 30.04
CA TYR O 231 25.10 -19.32 29.41
C TYR O 231 26.31 -19.42 30.34
N THR O 232 26.13 -19.14 31.63
CA THR O 232 27.27 -19.09 32.54
C THR O 232 27.78 -20.49 32.87
N SER O 233 26.87 -21.44 33.08
CA SER O 233 27.25 -22.78 33.53
C SER O 233 27.74 -23.67 32.40
N GLY O 234 27.72 -23.20 31.16
CA GLY O 234 28.19 -24.00 30.04
C GLY O 234 27.34 -25.21 29.74
N LYS O 235 26.02 -25.07 29.75
CA LYS O 235 25.11 -26.14 29.39
C LYS O 235 24.65 -26.04 27.94
N ARG O 236 25.20 -25.12 27.17
CA ARG O 236 24.81 -24.96 25.77
C ARG O 236 25.24 -26.17 24.96
N SER O 237 24.46 -26.45 23.91
CA SER O 237 24.74 -27.61 23.07
C SER O 237 26.05 -27.41 22.31
N ASN O 238 26.92 -28.41 22.36
CA ASN O 238 28.19 -28.37 21.66
C ASN O 238 28.22 -29.23 20.40
N THR O 239 27.24 -30.12 20.22
CA THR O 239 27.17 -30.97 19.05
C THR O 239 26.32 -30.29 17.98
N THR O 240 26.00 -31.04 16.91
CA THR O 240 25.16 -30.52 15.84
C THR O 240 23.67 -30.76 16.08
N GLY O 241 23.32 -31.52 17.11
CA GLY O 241 21.94 -31.82 17.41
C GLY O 241 21.32 -30.81 18.36
N LYS O 242 20.09 -31.10 18.77
CA LYS O 242 19.35 -30.25 19.69
C LYS O 242 19.46 -30.80 21.11
N LEU O 243 19.44 -29.89 22.08
CA LEU O 243 19.51 -30.24 23.49
C LEU O 243 18.39 -29.52 24.22
N ILE O 244 17.51 -30.28 24.86
CA ILE O 244 16.34 -29.76 25.54
C ILE O 244 16.48 -30.05 27.02
N TRP O 245 16.51 -29.00 27.85
CA TRP O 245 16.62 -29.15 29.28
C TRP O 245 15.26 -29.15 29.94
N LYS O 246 15.17 -29.81 31.09
CA LYS O 246 13.97 -29.85 31.90
C LYS O 246 14.33 -29.49 33.33
N VAL O 247 13.70 -28.44 33.86
CA VAL O 247 13.98 -27.97 35.21
C VAL O 247 13.18 -28.80 36.21
N ASN O 248 13.84 -29.24 37.27
CA ASN O 248 13.16 -30.03 38.29
C ASN O 248 12.13 -29.18 39.03
N PRO O 249 11.03 -29.78 39.47
CA PRO O 249 9.97 -28.99 40.11
C PRO O 249 10.28 -28.62 41.56
N GLU O 250 10.99 -29.49 42.27
CA GLU O 250 11.20 -29.27 43.71
C GLU O 250 12.29 -28.26 43.97
N ILE O 251 13.52 -28.56 43.55
CA ILE O 251 14.64 -27.67 43.83
C ILE O 251 14.50 -26.37 43.05
N ASP O 252 14.00 -26.45 41.82
CA ASP O 252 13.72 -25.33 40.94
C ASP O 252 14.95 -24.54 40.53
N THR O 253 16.15 -25.09 40.75
CA THR O 253 17.38 -24.45 40.29
C THR O 253 18.36 -25.38 39.62
N THR O 254 18.15 -26.69 39.67
CA THR O 254 19.06 -27.67 39.07
C THR O 254 18.36 -28.28 37.86
N ILE O 255 18.70 -27.77 36.66
CA ILE O 255 18.06 -28.23 35.44
C ILE O 255 18.53 -29.65 35.14
N GLY O 256 17.58 -30.54 34.87
CA GLY O 256 17.86 -31.90 34.49
C GLY O 256 17.54 -32.16 33.02
N GLU O 257 17.44 -33.44 32.68
CA GLU O 257 17.14 -33.83 31.31
C GLU O 257 16.65 -35.27 31.27
N SER P 2 -30.02 19.47 -4.28
CA SER P 2 -29.58 18.64 -3.17
C SER P 2 -30.30 17.29 -3.16
N ILE P 3 -29.86 16.40 -2.28
CA ILE P 3 -30.43 15.07 -2.18
C ILE P 3 -31.78 15.14 -1.46
N PRO P 4 -32.87 14.70 -2.09
CA PRO P 4 -34.17 14.75 -1.41
C PRO P 4 -34.20 13.84 -0.20
N LEU P 5 -34.99 14.24 0.81
CA LEU P 5 -35.16 13.47 2.04
C LEU P 5 -36.65 13.28 2.28
N GLY P 6 -37.09 12.02 2.30
CA GLY P 6 -38.48 11.71 2.51
C GLY P 6 -38.82 11.59 3.98
N VAL P 7 -40.01 12.05 4.34
CA VAL P 7 -40.50 12.03 5.72
C VAL P 7 -41.83 11.30 5.74
N ILE P 8 -41.99 10.42 6.71
CA ILE P 8 -43.22 9.64 6.85
C ILE P 8 -44.01 10.19 8.03
N HIS P 9 -45.18 10.78 7.74
CA HIS P 9 -46.08 11.27 8.76
C HIS P 9 -47.48 10.74 8.48
N ASN P 10 -48.15 10.26 9.54
CA ASN P 10 -49.47 9.63 9.50
C ASN P 10 -49.66 8.71 8.30
N SER P 11 -48.70 7.82 8.06
CA SER P 11 -48.75 6.84 6.98
C SER P 11 -48.85 7.51 5.62
N THR P 12 -48.12 8.62 5.47
CA THR P 12 -48.02 9.35 4.21
C THR P 12 -46.58 9.82 4.03
N LEU P 13 -46.09 9.71 2.81
CA LEU P 13 -44.71 10.05 2.49
C LEU P 13 -44.68 11.40 1.78
N GLN P 14 -43.86 12.32 2.30
CA GLN P 14 -43.74 13.64 1.70
C GLN P 14 -42.28 14.08 1.67
N VAL P 15 -41.92 14.82 0.63
CA VAL P 15 -40.55 15.29 0.47
C VAL P 15 -40.34 16.50 1.39
N SER P 16 -39.29 16.43 2.22
CA SER P 16 -38.99 17.54 3.11
C SER P 16 -38.56 18.76 2.30
N ASP P 17 -39.01 19.93 2.74
CA ASP P 17 -38.77 21.19 2.04
C ASP P 17 -37.66 21.94 2.75
N VAL P 18 -36.61 22.31 2.00
CA VAL P 18 -35.41 22.86 2.61
C VAL P 18 -35.67 24.26 3.17
N ASP P 19 -36.32 25.12 2.40
CA ASP P 19 -36.51 26.51 2.83
C ASP P 19 -37.58 26.61 3.91
N LYS P 20 -38.69 25.90 3.76
CA LYS P 20 -39.75 25.94 4.76
C LYS P 20 -39.36 25.08 5.95
N LEU P 21 -39.42 25.66 7.15
CA LEU P 21 -39.08 24.96 8.37
C LEU P 21 -40.35 24.32 8.93
N VAL P 22 -40.37 22.99 8.96
CA VAL P 22 -41.54 22.25 9.41
C VAL P 22 -41.36 21.91 10.88
N CYS P 23 -42.28 22.40 11.72
CA CYS P 23 -42.17 22.18 13.16
C CYS P 23 -42.57 20.78 13.57
N ARG P 24 -43.57 20.19 12.89
CA ARG P 24 -44.06 18.87 13.29
C ARG P 24 -43.02 17.78 13.10
N ASP P 25 -42.04 17.99 12.23
CA ASP P 25 -40.99 16.98 12.03
C ASP P 25 -40.12 16.89 13.27
N LYS P 26 -39.88 15.66 13.73
CA LYS P 26 -39.07 15.42 14.92
C LYS P 26 -38.08 14.31 14.64
N LEU P 27 -36.84 14.51 15.09
CA LEU P 27 -35.76 13.55 14.90
C LEU P 27 -35.06 13.38 16.24
N SER P 28 -35.29 12.25 16.90
CA SER P 28 -34.75 12.02 18.23
C SER P 28 -33.38 11.38 18.22
N SER P 29 -33.07 10.56 17.23
CA SER P 29 -31.79 9.87 17.17
C SER P 29 -31.47 9.53 15.73
N THR P 30 -30.20 9.17 15.50
CA THR P 30 -29.76 8.77 14.16
C THR P 30 -30.34 7.44 13.73
N ASN P 31 -30.95 6.68 14.64
CA ASN P 31 -31.58 5.41 14.25
C ASN P 31 -32.75 5.63 13.32
N GLN P 32 -33.38 6.82 13.36
CA GLN P 32 -34.53 7.08 12.51
C GLN P 32 -34.12 7.22 11.04
N LEU P 33 -32.95 7.80 10.79
CA LEU P 33 -32.47 7.93 9.42
C LEU P 33 -32.16 6.56 8.84
N ARG P 34 -32.60 6.33 7.60
CA ARG P 34 -32.44 5.01 7.00
C ARG P 34 -32.31 5.14 5.49
N SER P 35 -31.40 4.37 4.90
CA SER P 35 -31.22 4.33 3.45
C SER P 35 -31.66 2.95 2.96
N VAL P 36 -32.56 2.94 1.97
CA VAL P 36 -33.18 1.72 1.49
C VAL P 36 -32.96 1.62 -0.01
N GLY P 37 -32.64 0.41 -0.48
CA GLY P 37 -32.43 0.15 -1.88
C GLY P 37 -33.56 -0.66 -2.47
N LEU P 38 -34.21 -0.10 -3.49
CA LEU P 38 -35.34 -0.74 -4.14
C LEU P 38 -34.97 -1.14 -5.57
N ASN P 39 -35.38 -2.35 -5.94
CA ASN P 39 -35.07 -2.88 -7.26
C ASN P 39 -35.92 -2.21 -8.33
N LEU P 40 -35.40 -2.22 -9.57
CA LEU P 40 -36.14 -1.69 -10.70
C LEU P 40 -37.25 -2.61 -11.16
N GLU P 41 -37.15 -3.92 -10.87
CA GLU P 41 -38.18 -4.86 -11.31
C GLU P 41 -39.54 -4.56 -10.68
N GLY P 42 -39.57 -3.84 -9.56
CA GLY P 42 -40.83 -3.43 -8.98
C GLY P 42 -41.55 -2.34 -9.73
N ASN P 43 -40.89 -1.70 -10.69
CA ASN P 43 -41.50 -0.67 -11.52
C ASN P 43 -42.11 -1.23 -12.81
N GLY P 44 -42.00 -2.53 -13.04
CA GLY P 44 -42.55 -3.13 -14.23
C GLY P 44 -41.65 -3.00 -15.45
N VAL P 45 -40.43 -3.53 -15.34
CA VAL P 45 -39.47 -3.50 -16.44
C VAL P 45 -39.12 -4.93 -16.84
N ALA P 46 -38.65 -5.07 -18.06
CA ALA P 46 -38.27 -6.39 -18.57
C ALA P 46 -37.09 -6.94 -17.78
N THR P 47 -37.16 -8.23 -17.45
CA THR P 47 -36.17 -8.87 -16.60
C THR P 47 -35.35 -9.94 -17.29
N ASP P 48 -35.77 -10.42 -18.45
CA ASP P 48 -35.03 -11.47 -19.14
C ASP P 48 -33.69 -10.95 -19.65
N VAL P 49 -32.76 -11.88 -19.85
CA VAL P 49 -31.38 -11.50 -20.21
C VAL P 49 -31.32 -10.71 -21.51
N PRO P 50 -31.98 -11.11 -22.60
CA PRO P 50 -31.85 -10.34 -23.85
C PRO P 50 -32.25 -8.88 -23.71
N SER P 51 -33.28 -8.59 -22.91
CA SER P 51 -33.68 -7.19 -22.73
C SER P 51 -32.85 -6.50 -21.65
N ALA P 52 -32.51 -7.22 -20.58
CA ALA P 52 -31.77 -6.61 -19.48
C ALA P 52 -30.36 -6.21 -19.91
N THR P 53 -29.69 -7.07 -20.70
CA THR P 53 -28.31 -6.79 -21.08
C THR P 53 -28.18 -5.61 -22.03
N LYS P 54 -29.28 -5.11 -22.58
CA LYS P 54 -29.24 -3.96 -23.47
C LYS P 54 -29.26 -2.63 -22.73
N ARG P 55 -29.37 -2.65 -21.40
CA ARG P 55 -29.36 -1.45 -20.60
C ARG P 55 -27.97 -1.12 -20.06
N TRP P 56 -26.96 -1.90 -20.39
CA TRP P 56 -25.61 -1.71 -19.89
C TRP P 56 -24.68 -1.39 -21.05
N GLY P 57 -23.75 -0.47 -20.81
CA GLY P 57 -22.81 -0.06 -21.84
C GLY P 57 -21.41 0.02 -21.28
N PHE P 58 -20.45 0.24 -22.18
CA PHE P 58 -19.05 0.35 -21.82
C PHE P 58 -18.55 1.77 -22.08
N ARG P 59 -17.64 2.22 -21.22
CA ARG P 59 -17.09 3.56 -21.35
C ARG P 59 -15.69 3.57 -20.74
N SER P 60 -15.00 4.71 -20.91
CA SER P 60 -13.67 4.89 -20.37
C SER P 60 -13.46 6.37 -20.05
N GLY P 61 -12.67 6.62 -19.01
CA GLY P 61 -12.39 7.96 -18.57
C GLY P 61 -13.24 8.46 -17.42
N VAL P 62 -14.07 7.61 -16.84
CA VAL P 62 -14.92 7.97 -15.71
C VAL P 62 -14.61 7.02 -14.57
N PRO P 63 -14.11 7.52 -13.44
CA PRO P 63 -13.82 6.63 -12.31
C PRO P 63 -15.11 6.14 -11.67
N PRO P 64 -15.09 4.96 -11.04
CA PRO P 64 -16.30 4.45 -10.38
C PRO P 64 -16.42 4.91 -8.94
N LYS P 65 -17.67 5.05 -8.50
CA LYS P 65 -17.99 5.48 -7.16
C LYS P 65 -18.95 4.50 -6.51
N VAL P 66 -18.87 4.39 -5.18
CA VAL P 66 -19.64 3.43 -4.42
C VAL P 66 -20.27 4.14 -3.23
N VAL P 67 -21.51 3.79 -2.92
CA VAL P 67 -22.23 4.31 -1.76
C VAL P 67 -22.81 3.13 -1.01
N ASN P 68 -23.28 3.38 0.22
CA ASN P 68 -23.85 2.33 1.04
C ASN P 68 -25.37 2.47 1.14
N TYR P 69 -26.01 1.39 1.58
CA TYR P 69 -27.41 1.42 1.97
C TYR P 69 -27.63 0.34 3.03
N GLU P 70 -28.61 0.56 3.89
CA GLU P 70 -28.78 -0.26 5.08
C GLU P 70 -29.88 -1.30 4.95
N ALA P 71 -30.84 -1.12 4.05
CA ALA P 71 -31.92 -2.09 3.89
C ALA P 71 -32.20 -2.27 2.40
N GLY P 72 -32.66 -3.46 2.05
CA GLY P 72 -32.93 -3.78 0.66
C GLY P 72 -34.23 -4.52 0.46
N GLU P 73 -34.39 -5.16 -0.69
CA GLU P 73 -35.59 -5.90 -1.03
C GLU P 73 -35.22 -7.23 -1.67
N TRP P 74 -36.01 -8.25 -1.40
CA TRP P 74 -35.82 -9.54 -2.07
C TRP P 74 -35.97 -9.37 -3.58
N ALA P 75 -34.99 -9.89 -4.32
CA ALA P 75 -34.95 -9.70 -5.76
C ALA P 75 -35.36 -10.99 -6.48
N GLU P 76 -36.27 -10.86 -7.43
CA GLU P 76 -36.72 -12.00 -8.23
C GLU P 76 -35.68 -12.44 -9.25
N ASN P 77 -34.91 -11.51 -9.80
CA ASN P 77 -33.91 -11.82 -10.81
C ASN P 77 -32.61 -11.10 -10.47
N CYS P 78 -31.51 -11.84 -10.47
CA CYS P 78 -30.18 -11.28 -10.28
C CYS P 78 -29.25 -11.84 -11.35
N TYR P 79 -28.18 -11.10 -11.62
CA TYR P 79 -27.30 -11.41 -12.73
C TYR P 79 -25.88 -11.63 -12.24
N ASN P 80 -25.09 -12.30 -13.09
CA ASN P 80 -23.71 -12.63 -12.78
C ASN P 80 -22.96 -12.79 -14.09
N LEU P 81 -22.01 -11.90 -14.36
CA LEU P 81 -21.40 -11.78 -15.67
C LEU P 81 -19.92 -12.16 -15.64
N GLU P 82 -19.47 -12.84 -16.69
CA GLU P 82 -18.05 -13.13 -16.91
C GLU P 82 -17.80 -13.03 -18.41
N ILE P 83 -17.20 -11.92 -18.85
CA ILE P 83 -17.02 -11.62 -20.26
C ILE P 83 -15.53 -11.56 -20.57
N LYS P 84 -15.16 -12.02 -21.75
CA LYS P 84 -13.76 -12.02 -22.19
C LYS P 84 -13.65 -11.43 -23.57
N LYS P 85 -12.52 -10.78 -23.83
CA LYS P 85 -12.20 -10.29 -25.16
C LYS P 85 -11.86 -11.46 -26.08
N PRO P 86 -11.95 -11.26 -27.40
CA PRO P 86 -11.61 -12.35 -28.32
C PRO P 86 -10.20 -12.88 -28.15
N ASP P 87 -9.23 -12.02 -27.80
CA ASP P 87 -7.86 -12.48 -27.63
C ASP P 87 -7.68 -13.34 -26.39
N GLY P 88 -8.59 -13.23 -25.41
CA GLY P 88 -8.51 -14.06 -24.23
C GLY P 88 -8.48 -13.30 -22.92
N SER P 89 -8.28 -11.98 -23.00
CA SER P 89 -8.20 -11.16 -21.80
C SER P 89 -9.59 -11.01 -21.17
N GLU P 90 -9.63 -10.29 -20.05
CA GLU P 90 -10.85 -10.10 -19.28
C GLU P 90 -11.33 -8.66 -19.41
N CYS P 91 -12.66 -8.48 -19.49
CA CYS P 91 -13.23 -7.16 -19.62
C CYS P 91 -13.53 -6.55 -18.26
N LEU P 92 -14.37 -7.20 -17.47
CA LEU P 92 -14.85 -6.67 -16.21
C LEU P 92 -13.76 -6.73 -15.14
N PRO P 93 -13.57 -5.66 -14.37
CA PRO P 93 -12.57 -5.68 -13.30
C PRO P 93 -12.98 -6.61 -12.17
N ALA P 94 -11.98 -7.08 -11.44
CA ALA P 94 -12.21 -7.97 -10.32
C ALA P 94 -12.88 -7.22 -9.17
N ALA P 95 -13.48 -7.99 -8.27
CA ALA P 95 -14.23 -7.41 -7.16
C ALA P 95 -13.26 -6.89 -6.09
N PRO P 96 -13.39 -5.64 -5.68
CA PRO P 96 -12.55 -5.13 -4.58
C PRO P 96 -12.94 -5.78 -3.26
N ASP P 97 -12.05 -5.64 -2.28
CA ASP P 97 -12.29 -6.22 -0.97
C ASP P 97 -13.48 -5.53 -0.30
N GLY P 98 -14.40 -6.33 0.21
CA GLY P 98 -15.61 -5.82 0.85
C GLY P 98 -16.85 -5.92 -0.01
N ILE P 99 -16.71 -6.23 -1.30
CA ILE P 99 -17.85 -6.34 -2.20
C ILE P 99 -18.32 -7.79 -2.21
N ARG P 100 -19.62 -8.00 -2.02
CA ARG P 100 -20.21 -9.33 -2.00
C ARG P 100 -21.52 -9.32 -2.77
N GLY P 101 -21.99 -10.51 -3.12
CA GLY P 101 -23.17 -10.63 -3.94
C GLY P 101 -24.44 -10.24 -3.20
N PHE P 102 -25.50 -10.05 -3.98
CA PHE P 102 -26.79 -9.70 -3.41
C PHE P 102 -27.27 -10.82 -2.50
N PRO P 103 -27.70 -10.53 -1.26
CA PRO P 103 -27.96 -11.62 -0.31
C PRO P 103 -29.24 -12.38 -0.56
N ARG P 104 -30.21 -11.79 -1.26
CA ARG P 104 -31.53 -12.41 -1.43
C ARG P 104 -31.92 -12.36 -2.91
N CYS P 105 -31.69 -13.47 -3.61
CA CYS P 105 -32.06 -13.60 -5.02
C CYS P 105 -32.80 -14.91 -5.23
N ARG P 106 -33.87 -14.87 -6.01
CA ARG P 106 -34.60 -16.09 -6.34
C ARG P 106 -33.96 -16.84 -7.50
N TYR P 107 -33.73 -16.15 -8.61
CA TYR P 107 -33.06 -16.72 -9.77
C TYR P 107 -31.80 -15.92 -10.07
N VAL P 108 -30.71 -16.62 -10.38
CA VAL P 108 -29.45 -15.99 -10.73
C VAL P 108 -29.12 -16.36 -12.18
N HIS P 109 -29.05 -15.35 -13.04
CA HIS P 109 -28.78 -15.55 -14.46
C HIS P 109 -27.28 -15.44 -14.69
N LYS P 110 -26.58 -16.57 -14.57
CA LYS P 110 -25.15 -16.62 -14.78
C LYS P 110 -24.88 -16.56 -16.28
N VAL P 111 -24.28 -15.45 -16.74
CA VAL P 111 -24.03 -15.22 -18.15
C VAL P 111 -22.53 -15.16 -18.37
N SER P 112 -22.04 -15.95 -19.33
CA SER P 112 -20.64 -15.94 -19.70
C SER P 112 -20.53 -15.93 -21.21
N GLY P 113 -19.63 -15.11 -21.73
CA GLY P 113 -19.49 -15.00 -23.16
C GLY P 113 -18.35 -14.09 -23.58
N THR P 114 -18.40 -13.66 -24.83
CA THR P 114 -17.38 -12.81 -25.41
C THR P 114 -18.02 -11.60 -26.07
N GLY P 115 -17.22 -10.53 -26.20
CA GLY P 115 -17.68 -9.31 -26.82
C GLY P 115 -16.54 -8.37 -27.12
N PRO P 116 -16.80 -7.34 -27.93
CA PRO P 116 -15.73 -6.37 -28.25
C PRO P 116 -15.16 -5.69 -27.02
N CYS P 117 -16.00 -5.38 -26.02
CA CYS P 117 -15.57 -4.81 -24.75
C CYS P 117 -14.79 -3.50 -24.96
N ALA P 118 -15.49 -2.52 -25.51
CA ALA P 118 -14.90 -1.19 -25.63
C ALA P 118 -14.77 -0.55 -24.25
N GLY P 119 -14.13 0.61 -24.21
CA GLY P 119 -14.04 1.31 -22.95
C GLY P 119 -13.24 0.56 -21.90
N ASP P 120 -13.50 0.93 -20.64
CA ASP P 120 -12.85 0.31 -19.50
C ASP P 120 -13.80 -0.21 -18.44
N PHE P 121 -14.95 0.43 -18.25
CA PHE P 121 -15.89 0.04 -17.21
C PHE P 121 -17.29 -0.06 -17.80
N ALA P 122 -18.12 -0.88 -17.16
CA ALA P 122 -19.50 -1.12 -17.58
C ALA P 122 -20.44 -0.29 -16.71
N PHE P 123 -21.10 0.69 -17.34
CA PHE P 123 -22.05 1.56 -16.67
C PHE P 123 -23.47 1.21 -17.08
N HIS P 124 -24.42 1.74 -16.30
CA HIS P 124 -25.84 1.55 -16.57
C HIS P 124 -26.33 2.73 -17.42
N LYS P 125 -27.01 2.41 -18.53
CA LYS P 125 -27.40 3.45 -19.47
C LYS P 125 -28.47 4.37 -18.89
N GLU P 126 -29.34 3.85 -18.04
CA GLU P 126 -30.44 4.64 -17.49
C GLU P 126 -30.05 5.40 -16.23
N GLY P 127 -28.83 5.25 -15.74
CA GLY P 127 -28.38 5.97 -14.57
C GLY P 127 -28.67 5.32 -13.24
N ALA P 128 -29.10 4.07 -13.23
CA ALA P 128 -29.41 3.36 -11.99
C ALA P 128 -28.12 2.85 -11.36
N PHE P 129 -28.25 2.07 -10.29
CA PHE P 129 -27.12 1.52 -9.57
C PHE P 129 -27.15 0.00 -9.61
N PHE P 130 -25.98 -0.60 -9.44
CA PHE P 130 -25.85 -2.03 -9.25
C PHE P 130 -25.71 -2.30 -7.76
N LEU P 131 -26.66 -3.02 -7.19
CA LEU P 131 -26.72 -3.28 -5.76
C LEU P 131 -26.04 -4.61 -5.48
N TYR P 132 -24.89 -4.54 -4.82
CA TYR P 132 -24.23 -5.68 -4.20
C TYR P 132 -24.68 -5.77 -2.75
N ASP P 133 -23.95 -6.51 -1.93
CA ASP P 133 -24.32 -6.65 -0.53
C ASP P 133 -24.14 -5.34 0.22
N ARG P 134 -25.24 -4.61 0.41
CA ARG P 134 -25.25 -3.33 1.13
C ARG P 134 -24.29 -2.32 0.53
N LEU P 135 -24.10 -2.35 -0.78
CA LEU P 135 -23.21 -1.40 -1.46
C LEU P 135 -23.74 -1.18 -2.87
N ALA P 136 -24.10 0.06 -3.17
CA ALA P 136 -24.55 0.43 -4.51
C ALA P 136 -23.38 1.02 -5.28
N SER P 137 -23.05 0.41 -6.41
CA SER P 137 -21.95 0.84 -7.25
C SER P 137 -22.49 1.30 -8.61
N THR P 138 -21.61 1.92 -9.38
CA THR P 138 -21.93 2.39 -10.72
C THR P 138 -21.32 1.53 -11.81
N VAL P 139 -20.56 0.50 -11.46
CA VAL P 139 -19.91 -0.37 -12.43
C VAL P 139 -20.15 -1.82 -12.05
N ILE P 140 -19.99 -2.70 -13.02
CA ILE P 140 -20.17 -4.14 -12.83
C ILE P 140 -18.81 -4.76 -12.53
N TYR P 141 -18.77 -5.60 -11.50
CA TYR P 141 -17.57 -6.33 -11.14
C TYR P 141 -17.67 -7.77 -11.63
N ARG P 142 -16.52 -8.38 -11.88
CA ARG P 142 -16.48 -9.69 -12.53
C ARG P 142 -16.95 -10.78 -11.57
N GLY P 143 -17.89 -11.59 -12.03
CA GLY P 143 -18.33 -12.76 -11.29
C GLY P 143 -18.93 -12.45 -9.93
N THR P 144 -19.71 -11.38 -9.83
CA THR P 144 -20.34 -11.00 -8.57
C THR P 144 -21.83 -10.74 -8.82
N THR P 145 -22.66 -11.38 -8.01
CA THR P 145 -24.10 -11.20 -8.14
C THR P 145 -24.53 -9.80 -7.74
N PHE P 146 -25.40 -9.20 -8.54
CA PHE P 146 -25.87 -7.84 -8.30
C PHE P 146 -27.34 -7.74 -8.70
N ALA P 147 -27.96 -6.63 -8.34
CA ALA P 147 -29.32 -6.36 -8.77
C ALA P 147 -29.46 -4.91 -9.18
N GLU P 148 -30.18 -4.66 -10.28
CA GLU P 148 -30.42 -3.28 -10.70
C GLU P 148 -31.35 -2.61 -9.70
N GLY P 149 -30.98 -1.41 -9.24
CA GLY P 149 -31.82 -0.76 -8.25
C GLY P 149 -31.40 0.67 -8.00
N VAL P 150 -32.15 1.33 -7.12
CA VAL P 150 -31.95 2.72 -6.76
C VAL P 150 -32.02 2.86 -5.25
N VAL P 151 -31.54 4.00 -4.75
CA VAL P 151 -31.38 4.24 -3.33
C VAL P 151 -32.24 5.42 -2.92
N ALA P 152 -32.90 5.31 -1.77
CA ALA P 152 -33.74 6.37 -1.22
C ALA P 152 -33.41 6.58 0.25
N PHE P 153 -33.47 7.83 0.70
CA PHE P 153 -33.19 8.18 2.09
C PHE P 153 -34.49 8.56 2.79
N LEU P 154 -34.63 8.16 4.05
CA LEU P 154 -35.88 8.32 4.77
C LEU P 154 -35.62 8.64 6.23
N ILE P 155 -36.61 9.28 6.85
CA ILE P 155 -36.68 9.45 8.29
C ILE P 155 -37.79 8.54 8.81
N LEU P 156 -37.42 7.50 9.54
CA LEU P 156 -38.40 6.54 10.00
C LEU P 156 -39.31 7.18 11.06
N PRO P 157 -40.57 6.79 11.12
CA PRO P 157 -41.48 7.35 12.14
C PRO P 157 -41.00 6.99 13.54
N GLN P 158 -41.24 7.90 14.47
CA GLN P 158 -40.86 7.67 15.86
C GLN P 158 -41.83 6.68 16.50
N ALA P 159 -41.30 5.56 17.00
CA ALA P 159 -42.12 4.53 17.62
C ALA P 159 -41.36 3.81 18.73
N GLY P 182 -37.90 -21.31 2.89
CA GLY P 182 -36.90 -20.34 3.28
C GLY P 182 -36.26 -19.64 2.11
N TYR P 183 -34.93 -19.54 2.14
CA TYR P 183 -34.15 -18.90 1.08
C TYR P 183 -33.60 -19.99 0.18
N TYR P 184 -34.20 -20.14 -1.00
CA TYR P 184 -33.77 -21.12 -1.99
C TYR P 184 -33.46 -20.39 -3.28
N SER P 185 -32.19 -20.39 -3.68
CA SER P 185 -31.75 -19.75 -4.91
C SER P 185 -31.52 -20.79 -6.01
N THR P 186 -31.74 -20.38 -7.24
CA THR P 186 -31.57 -21.25 -8.40
C THR P 186 -30.69 -20.55 -9.42
N THR P 187 -29.72 -21.26 -9.97
CA THR P 187 -28.77 -20.71 -10.93
C THR P 187 -29.16 -21.16 -12.33
N ILE P 188 -29.35 -20.18 -13.23
CA ILE P 188 -29.62 -20.44 -14.64
C ILE P 188 -28.42 -19.95 -15.44
N ARG P 189 -27.90 -20.81 -16.31
CA ARG P 189 -26.65 -20.56 -17.01
C ARG P 189 -26.93 -20.26 -18.47
N TYR P 190 -26.31 -19.19 -18.97
CA TYR P 190 -26.48 -18.74 -20.34
C TYR P 190 -25.13 -18.69 -21.05
N GLN P 191 -25.15 -18.22 -22.29
CA GLN P 191 -23.94 -18.01 -23.07
C GLN P 191 -24.26 -17.04 -24.19
N ALA P 192 -23.41 -16.03 -24.37
CA ALA P 192 -23.66 -14.97 -25.33
C ALA P 192 -22.43 -14.72 -26.18
N THR P 193 -22.66 -14.34 -27.44
CA THR P 193 -21.60 -13.96 -28.36
C THR P 193 -21.86 -12.54 -28.85
N GLY P 194 -20.81 -11.75 -28.95
CA GLY P 194 -20.97 -10.34 -29.27
C GLY P 194 -21.68 -9.54 -28.21
N PHE P 195 -21.32 -9.74 -26.95
CA PHE P 195 -21.93 -8.99 -25.86
C PHE P 195 -21.60 -7.51 -25.97
N GLY P 196 -22.60 -6.67 -25.76
CA GLY P 196 -22.45 -5.24 -25.82
C GLY P 196 -22.84 -4.61 -27.14
N THR P 197 -22.90 -5.40 -28.21
CA THR P 197 -23.32 -4.88 -29.51
C THR P 197 -24.82 -5.04 -29.67
N ASN P 198 -25.34 -4.46 -30.76
CA ASN P 198 -26.77 -4.57 -31.06
C ASN P 198 -27.14 -5.94 -31.60
N GLU P 199 -26.18 -6.67 -32.18
CA GLU P 199 -26.43 -8.01 -32.71
C GLU P 199 -25.77 -9.02 -31.77
N THR P 200 -26.53 -9.47 -30.79
CA THR P 200 -26.06 -10.43 -29.80
C THR P 200 -26.95 -11.66 -29.82
N GLU P 201 -26.32 -12.83 -29.69
CA GLU P 201 -27.01 -14.11 -29.72
C GLU P 201 -26.85 -14.80 -28.38
N TYR P 202 -27.98 -15.21 -27.79
CA TYR P 202 -27.98 -15.88 -26.49
C TYR P 202 -28.43 -17.32 -26.65
N LEU P 203 -27.82 -18.20 -25.85
CA LEU P 203 -28.10 -19.63 -25.91
C LEU P 203 -28.22 -20.15 -24.49
N PHE P 204 -29.41 -20.64 -24.13
CA PHE P 204 -29.61 -21.22 -22.81
C PHE P 204 -28.96 -22.59 -22.74
N GLU P 205 -28.13 -22.80 -21.73
CA GLU P 205 -27.32 -24.01 -21.61
C GLU P 205 -28.05 -25.02 -20.73
N VAL P 206 -28.33 -26.20 -21.30
CA VAL P 206 -28.90 -27.30 -20.54
C VAL P 206 -27.87 -28.38 -20.24
N ASP P 207 -26.73 -28.37 -20.93
CA ASP P 207 -25.67 -29.34 -20.72
C ASP P 207 -24.40 -28.78 -21.34
N ASN P 208 -23.28 -29.44 -21.06
CA ASN P 208 -22.01 -29.03 -21.64
C ASN P 208 -22.00 -29.22 -23.16
N LEU P 209 -22.95 -29.98 -23.71
CA LEU P 209 -22.98 -30.29 -25.12
C LEU P 209 -24.28 -29.91 -25.81
N THR P 210 -25.33 -29.56 -25.07
CA THR P 210 -26.64 -29.26 -25.64
C THR P 210 -27.07 -27.86 -25.23
N TYR P 211 -27.61 -27.11 -26.20
CA TYR P 211 -28.05 -25.75 -25.97
C TYR P 211 -29.43 -25.54 -26.58
N VAL P 212 -30.10 -24.48 -26.15
CA VAL P 212 -31.41 -24.11 -26.65
C VAL P 212 -31.37 -22.65 -27.09
N GLN P 213 -31.85 -22.38 -28.30
CA GLN P 213 -31.96 -20.99 -28.76
C GLN P 213 -32.90 -20.22 -27.85
N LEU P 214 -32.47 -19.03 -27.43
CA LEU P 214 -33.18 -18.24 -26.44
C LEU P 214 -33.86 -17.05 -27.11
N GLU P 215 -35.12 -16.82 -26.77
CA GLU P 215 -35.87 -15.66 -27.22
C GLU P 215 -36.14 -14.74 -26.03
N SER P 216 -36.86 -13.64 -26.31
CA SER P 216 -37.15 -12.63 -25.30
C SER P 216 -38.55 -12.79 -24.71
N ARG P 217 -39.06 -14.01 -24.63
CA ARG P 217 -40.39 -14.23 -24.07
C ARG P 217 -40.46 -15.47 -23.18
N PHE P 218 -39.33 -15.94 -22.65
CA PHE P 218 -39.28 -17.13 -21.83
C PHE P 218 -39.02 -16.75 -20.38
N THR P 219 -39.95 -17.10 -19.50
CA THR P 219 -39.77 -16.93 -18.08
C THR P 219 -38.86 -18.04 -17.53
N PRO P 220 -38.23 -17.81 -16.37
CA PRO P 220 -37.34 -18.85 -15.82
C PRO P 220 -38.03 -20.18 -15.59
N GLN P 221 -39.30 -20.17 -15.21
CA GLN P 221 -40.03 -21.42 -15.02
C GLN P 221 -40.13 -22.18 -16.33
N PHE P 222 -40.38 -21.47 -17.43
CA PHE P 222 -40.43 -22.12 -18.74
C PHE P 222 -39.07 -22.71 -19.11
N LEU P 223 -37.99 -22.01 -18.77
CA LEU P 223 -36.66 -22.53 -19.06
C LEU P 223 -36.38 -23.80 -18.27
N LEU P 224 -36.77 -23.83 -16.99
CA LEU P 224 -36.60 -25.05 -16.20
C LEU P 224 -37.44 -26.19 -16.75
N GLN P 225 -38.67 -25.88 -17.19
CA GLN P 225 -39.51 -26.91 -17.80
C GLN P 225 -38.87 -27.46 -19.07
N LEU P 226 -38.30 -26.58 -19.89
CA LEU P 226 -37.61 -27.02 -21.10
C LEU P 226 -36.42 -27.88 -20.76
N ASN P 227 -35.66 -27.52 -19.72
CA ASN P 227 -34.55 -28.35 -19.27
C ASN P 227 -35.03 -29.75 -18.89
N GLU P 228 -36.10 -29.82 -18.11
CA GLU P 228 -36.62 -31.11 -17.68
C GLU P 228 -37.10 -31.93 -18.86
N THR P 229 -37.77 -31.29 -19.82
CA THR P 229 -38.23 -32.01 -21.01
C THR P 229 -37.04 -32.52 -21.83
N ILE P 230 -35.99 -31.71 -21.95
CA ILE P 230 -34.80 -32.14 -22.68
C ILE P 230 -34.18 -33.36 -22.01
N TYR P 231 -34.04 -33.33 -20.69
CA TYR P 231 -33.44 -34.46 -19.98
C TYR P 231 -34.31 -35.71 -20.10
N THR P 232 -35.62 -35.56 -19.98
CA THR P 232 -36.50 -36.73 -19.98
C THR P 232 -36.65 -37.34 -21.36
N SER P 233 -36.77 -36.51 -22.39
CA SER P 233 -37.02 -36.99 -23.74
C SER P 233 -35.78 -37.55 -24.42
N GLY P 234 -34.61 -37.43 -23.80
CA GLY P 234 -33.39 -37.94 -24.40
C GLY P 234 -32.96 -37.21 -25.66
N LYS P 235 -33.04 -35.88 -25.66
CA LYS P 235 -32.60 -35.07 -26.78
C LYS P 235 -31.21 -34.49 -26.58
N ARG P 236 -30.48 -34.98 -25.58
CA ARG P 236 -29.12 -34.52 -25.34
C ARG P 236 -28.20 -35.05 -26.43
N SER P 237 -27.16 -34.27 -26.74
CA SER P 237 -26.22 -34.65 -27.78
C SER P 237 -25.38 -35.83 -27.32
N ASN P 238 -25.22 -36.82 -28.21
CA ASN P 238 -24.45 -38.01 -27.90
C ASN P 238 -23.07 -38.02 -28.52
N THR P 239 -22.83 -37.21 -29.55
CA THR P 239 -21.54 -37.13 -30.20
C THR P 239 -20.65 -36.15 -29.44
N THR P 240 -19.49 -35.82 -30.02
CA THR P 240 -18.59 -34.85 -29.42
C THR P 240 -18.88 -33.42 -29.89
N GLY P 241 -19.78 -33.25 -30.85
CA GLY P 241 -20.14 -31.94 -31.34
C GLY P 241 -21.19 -31.28 -30.46
N LYS P 242 -21.70 -30.15 -30.95
CA LYS P 242 -22.72 -29.38 -30.26
C LYS P 242 -24.06 -29.54 -30.95
N LEU P 243 -25.12 -29.64 -30.17
CA LEU P 243 -26.49 -29.71 -30.68
C LEU P 243 -27.29 -28.58 -30.06
N ILE P 244 -27.89 -27.75 -30.92
CA ILE P 244 -28.64 -26.57 -30.48
C ILE P 244 -30.08 -26.76 -30.91
N TRP P 245 -30.99 -26.80 -29.94
CA TRP P 245 -32.40 -26.94 -30.24
C TRP P 245 -33.05 -25.58 -30.42
N LYS P 246 -34.25 -25.59 -31.00
CA LYS P 246 -34.99 -24.36 -31.27
C LYS P 246 -36.48 -24.67 -31.12
N VAL P 247 -37.13 -24.03 -30.16
CA VAL P 247 -38.54 -24.28 -29.91
C VAL P 247 -39.39 -23.58 -30.95
N ASN P 248 -40.42 -24.28 -31.44
CA ASN P 248 -41.33 -23.70 -32.40
C ASN P 248 -42.19 -22.63 -31.71
N PRO P 249 -42.56 -21.57 -32.44
CA PRO P 249 -43.30 -20.47 -31.81
C PRO P 249 -44.77 -20.81 -31.55
N GLU P 250 -45.36 -21.64 -32.40
CA GLU P 250 -46.79 -21.90 -32.32
C GLU P 250 -47.11 -22.96 -31.26
N ILE P 251 -46.61 -24.18 -31.44
CA ILE P 251 -46.97 -25.27 -30.54
C ILE P 251 -46.36 -25.06 -29.16
N ASP P 252 -45.13 -24.56 -29.12
CA ASP P 252 -44.40 -24.20 -27.89
C ASP P 252 -44.07 -25.40 -27.01
N THR P 253 -44.24 -26.63 -27.51
CA THR P 253 -43.84 -27.81 -26.75
C THR P 253 -43.08 -28.84 -27.57
N THR P 254 -43.04 -28.74 -28.90
CA THR P 254 -42.30 -29.65 -29.76
C THR P 254 -41.07 -28.91 -30.28
N ILE P 255 -39.91 -29.22 -29.69
CA ILE P 255 -38.69 -28.51 -30.05
C ILE P 255 -38.24 -28.94 -31.44
N GLY P 256 -37.95 -27.96 -32.29
CA GLY P 256 -37.38 -28.20 -33.60
C GLY P 256 -35.87 -28.00 -33.61
N GLU P 257 -35.31 -28.12 -34.81
CA GLU P 257 -33.87 -27.95 -34.99
C GLU P 257 -33.54 -27.42 -36.37
#